data_8BEH
#
_entry.id   8BEH
#
_cell.length_a   1.00
_cell.length_b   1.00
_cell.length_c   1.00
_cell.angle_alpha   90.00
_cell.angle_beta   90.00
_cell.angle_gamma   90.00
#
_symmetry.space_group_name_H-M   'P 1'
#
loop_
_entity.id
_entity.type
_entity.pdbx_description
1 polymer 'NADH-ubiquinone oxidoreductase chain 5'
2 polymer 'NADH-ubiquinone oxidoreductase chain 4'
3 polymer 'Acyl carrier protein 1, mitochondrial'
4 polymer 'Transmembrane protein'
5 polymer 'ESSS subunit of NADH:ubiquinone oxidoreductase (Complex I) protein'
6 polymer At1g67350
7 polymer 'NADH dehydrogenase [ubiquinone] 1 beta subcomplex subunit 2'
8 polymer 'NADH dehydrogenase [ubiquinone] 1 beta subcomplex subunit 3-A'
9 polymer 'NADH dehydrogenase [ubiquinone] 1 beta subcomplex subunit 8, mitochondrial'
10 polymer 'AT2G31490 protein'
11 polymer 'NADH dehydrogenase [ubiquinone] 1 beta subcomplex subunit 9'
12 polymer 'NADH dehydrogenase [ubiquinone] 1 beta subcomplex subunit 7'
13 polymer 'NADH dehydrogenase [ubiquinone] 1 beta subcomplex subunit 10-B'
14 non-polymer 1,2-DIACYL-GLYCEROL-3-SN-PHOSPHATE
15 non-polymer '(1S)-2-{[{[(2R)-2,3-DIHYDROXYPROPYL]OXY}(HYDROXY)PHOSPHORYL]OXY}-1-[(PALMITOYLOXY)METHYL]ETHYL STEARATE'
16 non-polymer PHOSPHATIDYLETHANOLAMINE
17 non-polymer '(7S)-4-HYDROXY-N,N,N-TRIMETHYL-9-OXO-7-[(PALMITOYLOXY)METHYL]-3,5,8-TRIOXA-4-PHOSPHAHEXACOSAN-1-AMINIUM 4-OXIDE'
18 non-polymer 'S-[2-({N-[(2R)-2-hydroxy-3,3-dimethyl-4-(phosphonooxy)butanoyl]-beta-alanyl}amino)ethyl] dodecanethioate'
19 water water
#
loop_
_entity_poly.entity_id
_entity_poly.type
_entity_poly.pdbx_seq_one_letter_code
_entity_poly.pdbx_strand_id
1 'polypeptide(L)'
;MYLLIVFLPLLGSSVAGFFGRFLGSEGSAIMTTTCVSFSSILSLIAFYEVALGASACYLRIAPWISSEMFDASWGFLFDS
LTVVMLIVVTFISSLVHLYSISYMSEDPHSPRFMCYLSIFTFFMLMLVTGDNFLQLFLGWEGVGLASYLLIHFWFTRLQA
DKAAIKAMLVNRVGDFGLALGILGCFTLFQTVDFSTIFACASVPRNSWIFCNMRLNAISLICILLFIGAVGKSAQIGLHT
WLPDAMEGPTPVSALIHAATMVTAGVFMIARCSPLFEYSPTALIVITFAGAMTSFLAATTGILQNDLKRVIAYSTCSQLG
YMIFACGISNYSVSVFHLMNHAFFKALLFLSAGSVIHAMSDEQDMRKMGGLASSFPLTYAMMLIGSLSLIGFPFLTGFYS
KDVILELAYTKYTISGNFAFWLGSVSVLFTSYYSFRLLFLTFLVPTNSFGRDISRCHDAPIPMAIPLILLALGSLFVGYL
AKDMMIGLGTNFWANSLLVLPKNEILAESEFAAPTIIKLIPILFSTLGAFVAYNVNLVADQFQRAFQTSTFCNRLYSFFN
KRWFFDQVLNDFLVRSFLRFGYEVSFEALDKGAIEILGPYGISYTFRRLAERISQLQSGFVYHYAFAMLLGLTLFVTFFC
MWDSLSSWVDNRLSFILIVSSFYTKSSQE
;
L
2 'polypeptide(L)'
;MLEHFCECYFNLSGLILCPVLGSIILLFIPNSRIRLIRLIGLCASLITFLYSLVLWIQFDSSTAKFQFVESLRWLPYENI
NFYLGIDGISLFFVILTTFLIPICILVGWSGMRSYGKEYIIAFLICEFLMIAVFCMLDLLLFYVFFESVLIPMFIIIGVW
GSRQRKIKAAYQFFLYTLLGSLFMLLAILLILFQTGTTDLQILLTTEFSERRQIFLWIAFFASFAVKVPMVPVHIWLPEA
HVEAPTAGSVILAGILLKFGTYGFLRFSIPMFPEATLCFTPFIYTLSAIAIIYTSLTTLRQIDLKKIIAYSSVAHMNLVT
IGMFSLNIQGIGGSILLMLSHGLVSSALFLCVGVLYDRHKTRLVRYYGGLVSTMPNFSTIFFFFTLANMSLPGTSSFIGE
FLILVGAFQRNSLVATLAALGMILGAAYSLWLYNRVVSGNLKPDFLHKFSDLNGREVFIFIPFLVGLVWMGVYPKVFLDC
MHTSVSNLVQHGKFH
;
M
3 'polypeptide(L)'
;MALRNAILRHLRVPVQTLGLNQSKIGFLGTIRSFSSHDDHLSREAVVDRVLDVVKSFPKVDPSKVTPEVHFQNDLGLDSL
DTVEIVMAIEEEFKLEIPDKEADKIDSCSLAIEYVYNHPMSS
;
T
4 'polypeptide(L)'
;MGGGDHGHGAEGGDFRAKVWSMTGGPNCRPKHWRRNTAIAMFGVFLVCIPIAKLSAKLEQRPHMPVRPIPSQIWCKNFGT
KDDYEKEH
;
c
5 'polypeptide(L)'
;MPSTQSLTVAAKTLRNRIFSRSGSTSAGPSRWATPGHEERPKGYFMNRTPPAPGQSRKWEDWELPCYITSFLTIVILGVG
LNAKPDLSIETWAHQKALERLEMEKLATAGDSSD
;
g
6 'polypeptide(L)'
;MGFIMEFAENLVLRLMENPEERDRKAREHIYEMHERCKKIKEMWALPIRPYGFWTFERHNAQLRWDPQISQVAGRRDPYD
DLLEDNYTPPSSSSSSSD
;
i
7 'polypeptide(L)' MGGGGHGGGITYKGVTVHTPKTWHTVTGKGLCAVMWFWILYRAKQDGPVVMGWRHPWDGHGDHGHGDHH j
8 'polypeptide(L)' MAKPLGTTGEFFRRRDEWRKHPMLSNQMRHALPGIGIGVGAFCVYLVGEQIYSKLMAPSSQSSHQKQPAPSH k
9 'polypeptide(L)'
;MAGRLSGVASRIMGGNGVVARSVGSSLRQRAGMGLPVGKHIVPDKPLSVNDELMWDNGTAFPEPCIDRIADTVGKYEALA
WLSGGLGFFVGLGLLAVLNDKASKVPFTPRVYPYDNLRVELGGEP
;
l
10 'polypeptide(L)' MGGGMETNKNKFIEDWGSARENLEHNFRWTRRNFALIGIFGIALPIIVYKGIVKDFHMQDEDAGRPHRKFL m
11 'polypeptide(L)'
;MSGVSTAAYFARRAAQKERVRILYRRALKDTLNWAVHRHIFYRDASDLREKFNVNQDVEDVDRIDKLIAHGEAEYNKWRH
PDPYIVPWAPGGSKFCRNPTPPAGIEIVYNYGLEDNP
;
n
12 'polypeptide(L)'
;MEVPGSSKKMIATQEEMSAAKIALGSRDMCAHLLIPLNKCRQAEFYLPWKCEDERHVYEKCEYELVMERMLAMKKIREEE
ALAKQNKLQGNAAVPLIPKTANA
;
o
13 'polypeptide(L)'
;MGRKKGLPEFEESAPDGFDPENPYKDPVAMVEMREHIVREKWIQIEKAKILREKVKWCYRVEGVNHYQKCRHLVQQYLDS
TRGVGWGKDHRPISLHGPKPEAVEAE
;
p
#
loop_
_chem_comp.id
_chem_comp.type
_chem_comp.name
_chem_comp.formula
3PH non-polymer 1,2-DIACYL-GLYCEROL-3-SN-PHOSPHATE 'C39 H77 O8 P'
8Q1 non-polymer 'S-[2-({N-[(2R)-2-hydroxy-3,3-dimethyl-4-(phosphonooxy)butanoyl]-beta-alanyl}amino)ethyl] dodecanethioate' 'C23 H45 N2 O8 P S'
PC7 non-polymer '(7S)-4-HYDROXY-N,N,N-TRIMETHYL-9-OXO-7-[(PALMITOYLOXY)METHYL]-3,5,8-TRIOXA-4-PHOSPHAHEXACOSAN-1-AMINIUM 4-OXIDE' 'C42 H85 N O8 P 1'
PGT non-polymer '(1S)-2-{[{[(2R)-2,3-DIHYDROXYPROPYL]OXY}(HYDROXY)PHOSPHORYL]OXY}-1-[(PALMITOYLOXY)METHYL]ETHYL STEARATE' 'C40 H79 O10 P'
PTY non-polymer PHOSPHATIDYLETHANOLAMINE 'C40 H80 N O8 P'
#
# COMPACT_ATOMS: atom_id res chain seq x y z
N MET A 1 14.32 -8.12 -23.58
CA MET A 1 13.02 -7.47 -23.58
C MET A 1 12.35 -7.59 -22.21
N TYR A 2 12.63 -8.68 -21.48
CA TYR A 2 12.03 -8.85 -20.17
C TYR A 2 12.63 -7.90 -19.15
N LEU A 3 13.92 -7.56 -19.28
CA LEU A 3 14.52 -6.56 -18.41
C LEU A 3 13.96 -5.18 -18.71
N LEU A 4 13.68 -4.89 -19.98
CA LEU A 4 13.13 -3.60 -20.36
C LEU A 4 11.80 -3.35 -19.67
N ILE A 5 10.96 -4.39 -19.53
CA ILE A 5 9.68 -4.25 -18.86
C ILE A 5 9.88 -3.69 -17.46
N VAL A 6 10.82 -4.26 -16.72
CA VAL A 6 11.01 -3.87 -15.33
C VAL A 6 11.67 -2.50 -15.23
N PHE A 7 12.67 -2.23 -16.07
CA PHE A 7 13.54 -1.08 -15.84
C PHE A 7 13.14 0.18 -16.63
N LEU A 8 12.23 0.08 -17.59
CA LEU A 8 11.80 1.29 -18.31
C LEU A 8 11.16 2.33 -17.41
N PRO A 9 10.23 2.00 -16.51
CA PRO A 9 9.71 3.04 -15.59
C PRO A 9 10.78 3.63 -14.70
N LEU A 10 11.78 2.86 -14.29
CA LEU A 10 12.90 3.42 -13.54
C LEU A 10 13.64 4.47 -14.36
N LEU A 11 13.88 4.18 -15.64
CA LEU A 11 14.55 5.15 -16.51
C LEU A 11 13.73 6.42 -16.64
N GLY A 12 12.41 6.29 -16.86
CA GLY A 12 11.57 7.46 -16.97
C GLY A 12 11.55 8.28 -15.70
N SER A 13 11.42 7.61 -14.55
CA SER A 13 11.43 8.32 -13.28
C SER A 13 12.76 9.03 -13.04
N SER A 14 13.86 8.39 -13.40
CA SER A 14 15.17 8.98 -13.24
C SER A 14 15.31 10.24 -14.09
N VAL A 15 14.81 10.25 -15.30
CA VAL A 15 14.96 11.44 -16.15
C VAL A 15 14.02 12.53 -15.60
N ALA A 16 12.82 12.16 -15.17
CA ALA A 16 11.94 13.20 -14.64
C ALA A 16 12.47 13.76 -13.32
N GLY A 17 13.13 12.95 -12.52
CA GLY A 17 13.58 13.39 -11.21
C GLY A 17 14.89 14.15 -11.24
N PHE A 18 15.85 13.64 -11.99
CA PHE A 18 17.19 14.23 -12.05
C PHE A 18 17.32 15.34 -13.07
N PHE A 19 16.44 15.38 -14.08
CA PHE A 19 16.55 16.36 -15.14
C PHE A 19 15.21 17.04 -15.44
N GLY A 20 14.29 17.01 -14.48
CA GLY A 20 13.02 17.70 -14.66
C GLY A 20 13.14 19.19 -14.89
N ARG A 21 14.24 19.80 -14.44
CA ARG A 21 14.43 21.22 -14.67
C ARG A 21 14.68 21.54 -16.15
N PHE A 22 15.10 20.56 -16.94
CA PHE A 22 15.30 20.77 -18.37
C PHE A 22 14.08 20.43 -19.20
N LEU A 23 13.16 19.65 -18.70
CA LEU A 23 11.96 19.16 -19.40
C LEU A 23 10.72 19.92 -19.01
N GLY A 24 10.67 20.44 -17.79
CA GLY A 24 9.47 21.04 -17.31
C GLY A 24 8.30 20.06 -17.23
N SER A 25 7.13 20.65 -17.00
CA SER A 25 5.92 19.86 -16.84
C SER A 25 5.67 19.00 -18.08
N GLU A 26 5.69 19.63 -19.26
CA GLU A 26 5.33 18.93 -20.49
C GLU A 26 6.31 17.81 -20.80
N GLY A 27 7.59 18.11 -20.84
CA GLY A 27 8.60 17.07 -21.09
C GLY A 27 8.51 15.89 -20.16
N SER A 28 8.39 16.13 -18.86
CA SER A 28 8.36 15.11 -17.81
C SER A 28 7.07 14.26 -17.93
N ALA A 29 5.98 14.89 -18.34
CA ALA A 29 4.70 14.20 -18.56
C ALA A 29 4.86 13.19 -19.71
N ILE A 30 5.46 13.63 -20.79
CA ILE A 30 5.74 12.82 -21.99
C ILE A 30 6.76 11.73 -21.69
N MET A 31 7.87 12.11 -21.08
CA MET A 31 8.95 11.16 -20.87
C MET A 31 8.43 10.00 -20.05
N THR A 32 7.75 10.31 -18.95
CA THR A 32 7.30 9.28 -18.01
C THR A 32 6.19 8.43 -18.63
N THR A 33 5.28 9.06 -19.36
CA THR A 33 4.11 8.34 -19.94
C THR A 33 4.62 7.38 -21.01
N THR A 34 5.53 7.82 -21.85
CA THR A 34 6.13 7.03 -22.94
C THR A 34 6.78 5.78 -22.33
N CYS A 35 7.74 5.96 -21.43
CA CYS A 35 8.44 4.84 -20.80
C CYS A 35 7.45 3.83 -20.17
N VAL A 36 6.42 4.28 -19.45
CA VAL A 36 5.49 3.32 -18.86
C VAL A 36 4.63 2.66 -19.94
N SER A 37 4.22 3.42 -20.96
CA SER A 37 3.43 2.85 -22.03
C SER A 37 4.20 1.81 -22.82
N PHE A 38 5.49 2.06 -23.07
CA PHE A 38 6.32 1.07 -23.75
C PHE A 38 6.47 -0.19 -22.91
N SER A 39 6.64 -0.01 -21.60
CA SER A 39 6.68 -1.17 -20.71
C SER A 39 5.35 -1.94 -20.77
N SER A 40 4.23 -1.23 -20.90
CA SER A 40 2.93 -1.87 -21.00
C SER A 40 2.81 -2.69 -22.29
N ILE A 41 3.30 -2.15 -23.39
CA ILE A 41 3.27 -2.86 -24.67
C ILE A 41 4.11 -4.14 -24.58
N LEU A 42 5.32 -4.01 -24.04
CA LEU A 42 6.16 -5.18 -23.85
C LEU A 42 5.52 -6.19 -22.90
N SER A 43 4.77 -5.70 -21.92
CA SER A 43 4.05 -6.59 -21.00
C SER A 43 2.99 -7.39 -21.74
N LEU A 44 2.26 -6.74 -22.65
CA LEU A 44 1.30 -7.48 -23.46
C LEU A 44 2.00 -8.56 -24.29
N ILE A 45 3.14 -8.23 -24.87
CA ILE A 45 3.90 -9.22 -25.63
C ILE A 45 4.33 -10.37 -24.73
N ALA A 46 4.74 -10.05 -23.50
CA ALA A 46 5.14 -11.09 -22.56
C ALA A 46 3.96 -11.96 -22.14
N PHE A 47 2.77 -11.37 -22.01
CA PHE A 47 1.58 -12.16 -21.73
C PHE A 47 1.31 -13.13 -22.88
N TYR A 48 1.47 -12.66 -24.11
CA TYR A 48 1.30 -13.55 -25.26
C TYR A 48 2.32 -14.68 -25.24
N GLU A 49 3.56 -14.36 -24.87
CA GLU A 49 4.66 -15.35 -24.91
C GLU A 49 4.57 -16.37 -23.78
N VAL A 50 4.25 -15.93 -22.57
CA VAL A 50 4.41 -16.73 -21.36
C VAL A 50 3.12 -17.47 -21.01
N ALA A 51 2.00 -16.75 -20.97
CA ALA A 51 0.74 -17.36 -20.57
C ALA A 51 0.07 -18.07 -21.75
N LEU A 52 -0.16 -17.35 -22.85
CA LEU A 52 -0.78 -17.97 -24.02
C LEU A 52 0.15 -18.96 -24.69
N GLY A 53 1.46 -18.66 -24.72
CA GLY A 53 2.44 -19.55 -25.30
C GLY A 53 2.94 -20.65 -24.40
N ALA A 54 2.60 -20.61 -23.12
CA ALA A 54 3.02 -21.62 -22.14
C ALA A 54 4.54 -21.78 -22.13
N SER A 55 5.24 -20.65 -22.05
CA SER A 55 6.70 -20.63 -22.05
C SER A 55 7.17 -19.62 -20.99
N ALA A 56 7.37 -20.12 -19.78
CA ALA A 56 7.83 -19.28 -18.69
C ALA A 56 9.26 -18.80 -18.94
N CYS A 57 9.59 -17.65 -18.38
CA CYS A 57 10.90 -17.04 -18.53
C CYS A 57 11.58 -16.89 -17.17
N TYR A 58 12.86 -17.23 -17.12
CA TYR A 58 13.66 -17.12 -15.90
C TYR A 58 14.91 -16.31 -16.22
N LEU A 59 15.20 -15.32 -15.39
CA LEU A 59 16.31 -14.42 -15.62
C LEU A 59 16.99 -14.14 -14.29
N ARG A 60 18.28 -14.44 -14.21
CA ARG A 60 19.07 -14.20 -13.02
C ARG A 60 20.19 -13.22 -13.37
N ILE A 61 20.19 -12.06 -12.70
CA ILE A 61 21.17 -11.03 -12.99
C ILE A 61 22.45 -11.28 -12.21
N ALA A 62 22.36 -11.33 -10.89
CA ALA A 62 23.52 -11.44 -10.03
C ALA A 62 23.05 -11.83 -8.63
N PRO A 63 23.94 -12.38 -7.81
CA PRO A 63 23.61 -12.56 -6.39
C PRO A 63 23.41 -11.21 -5.72
N TRP A 64 22.44 -11.15 -4.82
CA TRP A 64 22.26 -9.97 -3.98
C TRP A 64 22.88 -10.18 -2.60
N ILE A 65 22.39 -11.14 -1.84
CA ILE A 65 22.89 -11.42 -0.50
C ILE A 65 23.26 -12.89 -0.44
N SER A 66 24.52 -13.17 -0.50
CA SER A 66 25.06 -14.55 -0.43
C SER A 66 25.91 -14.73 0.84
N SER A 67 25.41 -15.47 1.77
CA SER A 67 26.09 -15.72 3.06
C SER A 67 25.84 -17.19 3.43
N GLU A 68 26.78 -18.07 3.11
CA GLU A 68 26.59 -19.53 3.37
C GLU A 68 25.36 -19.99 2.57
N MET A 69 24.39 -20.63 3.22
CA MET A 69 23.12 -21.09 2.56
C MET A 69 22.21 -19.92 2.12
N PHE A 70 22.24 -18.76 2.77
CA PHE A 70 21.36 -17.58 2.43
C PHE A 70 21.68 -17.15 0.99
N ASP A 71 20.68 -17.19 0.10
CA ASP A 71 20.89 -17.12 -1.35
C ASP A 71 19.99 -16.10 -2.02
N ALA A 72 19.77 -14.95 -1.38
CA ALA A 72 18.98 -13.90 -2.04
C ALA A 72 19.71 -13.40 -3.28
N SER A 73 18.95 -13.22 -4.36
CA SER A 73 19.55 -12.85 -5.63
C SER A 73 18.68 -11.83 -6.36
N TRP A 74 19.30 -11.13 -7.30
CA TRP A 74 18.59 -10.28 -8.26
C TRP A 74 18.11 -11.19 -9.39
N GLY A 75 16.93 -11.76 -9.22
CA GLY A 75 16.41 -12.72 -10.17
C GLY A 75 14.94 -12.48 -10.46
N PHE A 76 14.56 -12.75 -11.69
CA PHE A 76 13.22 -12.45 -12.18
C PHE A 76 12.53 -13.71 -12.68
N LEU A 77 11.26 -13.84 -12.33
CA LEU A 77 10.45 -15.02 -12.65
C LEU A 77 9.21 -14.57 -13.39
N PHE A 78 9.03 -15.08 -14.60
CA PHE A 78 7.88 -14.72 -15.44
C PHE A 78 7.06 -15.98 -15.73
N ASP A 79 6.02 -16.21 -14.94
CA ASP A 79 5.05 -17.26 -15.20
C ASP A 79 3.68 -16.61 -15.43
N SER A 80 2.63 -17.44 -15.49
CA SER A 80 1.30 -16.95 -15.84
C SER A 80 0.81 -15.90 -14.85
N LEU A 81 0.93 -16.19 -13.55
CA LEU A 81 0.52 -15.21 -12.54
C LEU A 81 1.30 -13.91 -12.70
N THR A 82 2.60 -14.03 -12.99
CA THR A 82 3.45 -12.85 -13.13
C THR A 82 3.00 -11.98 -14.29
N VAL A 83 2.72 -12.58 -15.45
CA VAL A 83 2.33 -11.77 -16.61
C VAL A 83 0.92 -11.20 -16.43
N VAL A 84 0.05 -11.91 -15.71
CA VAL A 84 -1.27 -11.34 -15.40
C VAL A 84 -1.11 -10.07 -14.57
N MET A 85 -0.31 -10.15 -13.50
CA MET A 85 -0.05 -8.96 -12.70
C MET A 85 0.67 -7.89 -13.51
N LEU A 86 1.53 -8.30 -14.44
CA LEU A 86 2.27 -7.34 -15.27
C LEU A 86 1.31 -6.53 -16.11
N ILE A 87 0.36 -7.21 -16.75
CA ILE A 87 -0.63 -6.51 -17.58
C ILE A 87 -1.42 -5.55 -16.72
N VAL A 88 -1.89 -6.01 -15.55
CA VAL A 88 -2.69 -5.13 -14.70
C VAL A 88 -1.90 -3.88 -14.33
N VAL A 89 -0.67 -4.08 -13.81
CA VAL A 89 0.11 -2.96 -13.29
C VAL A 89 0.47 -1.99 -14.41
N THR A 90 1.04 -2.50 -15.51
CA THR A 90 1.54 -1.61 -16.54
C THR A 90 0.40 -0.90 -17.26
N PHE A 91 -0.72 -1.60 -17.53
CA PHE A 91 -1.82 -0.95 -18.22
C PHE A 91 -2.46 0.14 -17.37
N ILE A 92 -2.78 -0.19 -16.10
CA ILE A 92 -3.40 0.81 -15.24
C ILE A 92 -2.44 1.98 -15.03
N SER A 93 -1.13 1.69 -14.90
CA SER A 93 -0.16 2.76 -14.70
C SER A 93 -0.04 3.66 -15.92
N SER A 94 -0.05 3.09 -17.12
CA SER A 94 -0.02 3.90 -18.33
C SER A 94 -1.24 4.80 -18.39
N LEU A 95 -2.42 4.23 -18.12
CA LEU A 95 -3.65 5.02 -18.14
C LEU A 95 -3.61 6.13 -17.10
N VAL A 96 -3.09 5.83 -15.92
CA VAL A 96 -3.06 6.82 -14.84
C VAL A 96 -2.06 7.93 -15.16
N HIS A 97 -0.92 7.59 -15.78
CA HIS A 97 0.02 8.61 -16.23
C HIS A 97 -0.64 9.54 -17.25
N LEU A 98 -1.34 8.95 -18.23
CA LEU A 98 -2.04 9.75 -19.23
C LEU A 98 -3.09 10.66 -18.59
N TYR A 99 -3.87 10.11 -17.66
CA TYR A 99 -4.88 10.87 -16.94
C TYR A 99 -4.24 12.02 -16.16
N SER A 100 -3.14 11.75 -15.47
CA SER A 100 -2.47 12.76 -14.66
C SER A 100 -1.94 13.90 -15.51
N ILE A 101 -1.52 13.62 -16.74
CA ILE A 101 -1.05 14.66 -17.65
C ILE A 101 -2.02 15.85 -17.67
N SER A 102 -3.32 15.56 -17.67
CA SER A 102 -4.32 16.61 -17.67
C SER A 102 -4.88 16.92 -16.29
N TYR A 103 -4.89 15.95 -15.38
CA TYR A 103 -5.45 16.19 -14.05
C TYR A 103 -4.57 17.10 -13.20
N MET A 104 -3.26 16.98 -13.34
CA MET A 104 -2.31 17.78 -12.58
C MET A 104 -1.75 18.94 -13.39
N SER A 105 -2.44 19.31 -14.48
CA SER A 105 -1.90 20.29 -15.41
C SER A 105 -1.74 21.66 -14.77
N GLU A 106 -2.58 22.01 -13.80
CA GLU A 106 -2.46 23.28 -13.11
C GLU A 106 -1.65 23.17 -11.81
N ASP A 107 -1.19 21.98 -11.45
CA ASP A 107 -0.39 21.84 -10.23
C ASP A 107 1.01 22.41 -10.46
N PRO A 108 1.58 23.09 -9.46
CA PRO A 108 2.94 23.63 -9.64
C PRO A 108 4.03 22.58 -9.79
N HIS A 109 3.84 21.45 -9.16
CA HIS A 109 4.92 20.46 -9.10
C HIS A 109 4.70 19.15 -9.90
N SER A 110 4.13 19.19 -11.08
CA SER A 110 3.83 17.98 -11.83
C SER A 110 5.03 17.09 -12.15
N PRO A 111 6.23 17.60 -12.48
CA PRO A 111 7.35 16.68 -12.75
C PRO A 111 7.69 15.76 -11.59
N ARG A 112 7.72 16.28 -10.36
CA ARG A 112 7.97 15.43 -9.20
C ARG A 112 6.89 14.37 -9.05
N PHE A 113 5.64 14.76 -9.30
CA PHE A 113 4.52 13.83 -9.23
C PHE A 113 4.68 12.68 -10.23
N MET A 114 5.03 13.00 -11.48
CA MET A 114 5.21 11.97 -12.50
C MET A 114 6.38 11.07 -12.16
N CYS A 115 7.47 11.65 -11.65
CA CYS A 115 8.61 10.84 -11.22
C CYS A 115 8.20 9.86 -10.13
N TYR A 116 7.39 10.32 -9.17
CA TYR A 116 6.92 9.43 -8.11
C TYR A 116 6.03 8.32 -8.66
N LEU A 117 5.14 8.65 -9.59
CA LEU A 117 4.30 7.62 -10.20
C LEU A 117 5.15 6.54 -10.86
N SER A 118 6.15 6.95 -11.62
CA SER A 118 7.01 5.99 -12.30
C SER A 118 7.83 5.15 -11.33
N ILE A 119 8.34 5.75 -10.24
CA ILE A 119 9.12 4.98 -9.29
C ILE A 119 8.22 3.96 -8.58
N PHE A 120 6.98 4.34 -8.27
CA PHE A 120 6.06 3.36 -7.73
C PHE A 120 5.84 2.21 -8.70
N THR A 121 5.65 2.52 -9.98
CA THR A 121 5.44 1.47 -10.97
C THR A 121 6.63 0.51 -11.00
N PHE A 122 7.85 1.06 -10.96
CA PHE A 122 9.04 0.22 -10.99
C PHE A 122 9.09 -0.70 -9.76
N PHE A 123 8.80 -0.17 -8.58
CA PHE A 123 8.86 -1.00 -7.38
C PHE A 123 7.78 -2.08 -7.40
N MET A 124 6.60 -1.77 -7.93
CA MET A 124 5.56 -2.79 -8.06
C MET A 124 5.98 -3.89 -9.03
N LEU A 125 6.63 -3.51 -10.14
CA LEU A 125 7.15 -4.51 -11.07
C LEU A 125 8.20 -5.39 -10.41
N MET A 126 9.11 -4.78 -9.64
CA MET A 126 10.09 -5.57 -8.89
C MET A 126 9.39 -6.54 -7.94
N LEU A 127 8.28 -6.10 -7.35
CA LEU A 127 7.52 -6.96 -6.45
C LEU A 127 6.96 -8.18 -7.17
N VAL A 128 6.24 -7.97 -8.28
CA VAL A 128 5.54 -9.09 -8.88
C VAL A 128 6.46 -10.01 -9.68
N THR A 129 7.68 -9.58 -10.01
CA THR A 129 8.56 -10.38 -10.85
C THR A 129 9.65 -11.12 -10.08
N GLY A 130 9.79 -10.87 -8.78
CA GLY A 130 10.88 -11.47 -8.03
C GLY A 130 10.74 -12.98 -7.95
N ASP A 131 11.89 -13.66 -8.01
CA ASP A 131 11.93 -15.12 -7.97
C ASP A 131 12.29 -15.65 -6.59
N ASN A 132 12.32 -14.79 -5.57
CA ASN A 132 12.69 -15.17 -4.22
C ASN A 132 12.07 -14.19 -3.24
N PHE A 133 12.06 -14.58 -1.97
CA PHE A 133 11.38 -13.77 -0.96
C PHE A 133 12.03 -12.41 -0.75
N LEU A 134 13.36 -12.31 -0.92
CA LEU A 134 14.04 -11.06 -0.60
C LEU A 134 13.80 -9.98 -1.66
N GLN A 135 13.83 -10.35 -2.95
CA GLN A 135 13.46 -9.39 -3.98
C GLN A 135 12.01 -8.95 -3.82
N LEU A 136 11.14 -9.88 -3.43
CA LEU A 136 9.76 -9.52 -3.14
C LEU A 136 9.68 -8.53 -1.98
N PHE A 137 10.49 -8.74 -0.94
CA PHE A 137 10.52 -7.82 0.18
C PHE A 137 11.00 -6.43 -0.26
N LEU A 138 11.99 -6.40 -1.15
CA LEU A 138 12.45 -5.13 -1.69
C LEU A 138 11.32 -4.39 -2.40
N GLY A 139 10.55 -5.11 -3.22
CA GLY A 139 9.40 -4.50 -3.86
C GLY A 139 8.34 -4.04 -2.87
N TRP A 140 8.08 -4.87 -1.85
CA TRP A 140 7.14 -4.54 -0.79
C TRP A 140 7.50 -3.20 -0.14
N GLU A 141 8.76 -3.07 0.29
CA GLU A 141 9.19 -1.81 0.96
C GLU A 141 9.20 -0.66 -0.04
N GLY A 142 9.59 -0.92 -1.30
CA GLY A 142 9.61 0.15 -2.28
C GLY A 142 8.24 0.73 -2.57
N VAL A 143 7.23 -0.13 -2.70
CA VAL A 143 5.88 0.38 -2.91
C VAL A 143 5.36 1.07 -1.65
N GLY A 144 5.75 0.58 -0.47
CA GLY A 144 5.45 1.33 0.74
C GLY A 144 6.01 2.75 0.71
N LEU A 145 7.28 2.87 0.30
CA LEU A 145 7.93 4.17 0.24
C LEU A 145 7.26 5.09 -0.78
N ALA A 146 7.01 4.58 -1.99
CA ALA A 146 6.39 5.41 -3.01
C ALA A 146 4.99 5.85 -2.59
N SER A 147 4.24 4.95 -1.94
CA SER A 147 2.93 5.30 -1.43
C SER A 147 3.04 6.42 -0.41
N TYR A 148 4.02 6.33 0.49
CA TYR A 148 4.22 7.40 1.46
C TYR A 148 4.54 8.72 0.77
N LEU A 149 5.42 8.68 -0.22
CA LEU A 149 5.82 9.90 -0.92
C LEU A 149 4.64 10.53 -1.65
N LEU A 150 3.75 9.72 -2.20
CA LEU A 150 2.62 10.26 -2.94
C LEU A 150 1.47 10.72 -2.05
N ILE A 151 1.30 10.09 -0.88
CA ILE A 151 0.20 10.47 0.00
C ILE A 151 0.40 11.87 0.55
N HIS A 152 1.64 12.24 0.88
CA HIS A 152 1.95 13.59 1.33
C HIS A 152 2.61 14.43 0.25
N PHE A 153 2.22 14.20 -1.01
CA PHE A 153 2.74 14.98 -2.13
C PHE A 153 2.55 16.48 -1.92
N TRP A 154 1.39 16.89 -1.46
CA TRP A 154 1.12 18.28 -0.98
C TRP A 154 1.71 18.42 0.45
N PHE A 155 2.99 18.58 0.54
CA PHE A 155 3.77 18.53 1.80
C PHE A 155 3.38 19.62 2.85
N THR A 156 2.70 20.66 2.47
CA THR A 156 2.27 21.76 3.37
C THR A 156 1.02 21.36 4.17
N ARG A 157 0.35 20.28 3.76
CA ARG A 157 -0.90 19.92 4.40
C ARG A 157 -0.62 18.98 5.58
N LEU A 158 -1.07 19.38 6.77
CA LEU A 158 -0.82 18.57 7.96
C LEU A 158 -1.60 17.26 7.92
N GLN A 159 -2.81 17.26 7.36
CA GLN A 159 -3.57 16.02 7.25
C GLN A 159 -2.83 15.00 6.39
N ALA A 160 -2.25 15.46 5.28
CA ALA A 160 -1.52 14.56 4.39
C ALA A 160 -0.28 13.96 5.06
N ASP A 161 0.46 14.77 5.82
CA ASP A 161 1.64 14.26 6.51
C ASP A 161 1.25 13.19 7.53
N LYS A 162 0.19 13.44 8.30
CA LYS A 162 -0.29 12.44 9.25
C LYS A 162 -0.72 11.17 8.54
N ALA A 163 -1.45 11.30 7.43
CA ALA A 163 -1.92 10.13 6.71
C ALA A 163 -0.76 9.31 6.16
N ALA A 164 0.26 9.98 5.61
CA ALA A 164 1.40 9.28 5.05
C ALA A 164 2.19 8.55 6.12
N ILE A 165 2.41 9.21 7.27
CA ILE A 165 3.12 8.56 8.36
C ILE A 165 2.33 7.37 8.88
N LYS A 166 1.00 7.51 8.98
CA LYS A 166 0.17 6.39 9.43
C LYS A 166 0.26 5.22 8.46
N ALA A 167 0.20 5.49 7.16
CA ALA A 167 0.31 4.42 6.17
C ALA A 167 1.65 3.70 6.29
N MET A 168 2.76 4.45 6.29
CA MET A 168 4.09 3.81 6.51
C MET A 168 4.18 2.94 7.79
N LEU A 169 3.70 3.41 8.93
CA LEU A 169 3.77 2.66 10.19
C LEU A 169 2.90 1.38 10.19
N VAL A 170 1.68 1.46 9.68
CA VAL A 170 0.82 0.24 9.55
C VAL A 170 1.51 -0.76 8.61
N ASN A 171 2.06 -0.30 7.50
CA ASN A 171 2.75 -1.19 6.53
C ASN A 171 4.00 -1.80 7.18
N ARG A 172 4.74 -1.03 8.00
CA ARG A 172 5.90 -1.58 8.74
C ARG A 172 5.45 -2.71 9.68
N VAL A 173 4.31 -2.60 10.31
CA VAL A 173 3.78 -3.70 11.19
C VAL A 173 3.53 -4.95 10.37
N GLY A 174 3.07 -4.79 9.14
CA GLY A 174 2.93 -5.93 8.23
C GLY A 174 4.24 -6.43 7.76
N ASP A 175 5.15 -5.52 7.43
CA ASP A 175 6.52 -5.89 7.00
C ASP A 175 7.23 -6.68 8.12
N PHE A 176 6.97 -6.34 9.38
CA PHE A 176 7.50 -7.09 10.53
C PHE A 176 7.01 -8.53 10.40
N GLY A 177 5.70 -8.61 10.27
CA GLY A 177 5.17 -9.97 10.13
C GLY A 177 5.77 -10.70 8.93
N LEU A 178 5.85 -10.02 7.78
CA LEU A 178 6.38 -10.63 6.57
C LEU A 178 7.84 -11.05 6.74
N ALA A 179 8.65 -10.20 7.37
CA ALA A 179 10.06 -10.50 7.58
C ALA A 179 10.23 -11.69 8.52
N LEU A 180 9.43 -11.76 9.57
CA LEU A 180 9.48 -12.94 10.44
C LEU A 180 9.13 -14.21 9.66
N GLY A 181 8.12 -14.11 8.78
CA GLY A 181 7.79 -15.25 7.94
C GLY A 181 8.93 -15.66 7.03
N ILE A 182 9.62 -14.69 6.45
CA ILE A 182 10.74 -14.99 5.57
C ILE A 182 11.89 -15.65 6.35
N LEU A 183 12.14 -15.17 7.56
CA LEU A 183 13.16 -15.80 8.40
C LEU A 183 12.80 -17.25 8.67
N GLY A 184 11.53 -17.51 9.00
CA GLY A 184 11.11 -18.88 9.22
C GLY A 184 11.25 -19.76 8.00
N CYS A 185 10.91 -19.21 6.82
CA CYS A 185 11.08 -19.94 5.57
C CYS A 185 12.54 -20.33 5.36
N PHE A 186 13.45 -19.37 5.54
CA PHE A 186 14.86 -19.70 5.36
C PHE A 186 15.32 -20.73 6.38
N THR A 187 14.88 -20.62 7.63
CA THR A 187 15.31 -21.57 8.64
C THR A 187 14.84 -22.99 8.31
N LEU A 188 13.60 -23.12 7.83
CA LEU A 188 13.07 -24.44 7.55
C LEU A 188 13.70 -25.04 6.29
N PHE A 189 13.82 -24.28 5.22
CA PHE A 189 14.24 -24.83 3.94
C PHE A 189 15.69 -24.51 3.58
N GLN A 190 16.39 -23.65 4.33
CA GLN A 190 17.78 -23.23 3.98
C GLN A 190 17.80 -22.54 2.61
N THR A 191 16.75 -21.83 2.27
CA THR A 191 16.75 -21.06 1.04
C THR A 191 15.62 -20.04 1.12
N VAL A 192 15.72 -19.02 0.28
CA VAL A 192 14.63 -18.07 0.07
C VAL A 192 14.12 -18.10 -1.36
N ASP A 193 14.69 -18.97 -2.20
CA ASP A 193 14.23 -19.17 -3.61
C ASP A 193 12.81 -19.77 -3.70
N PHE A 194 11.97 -19.16 -4.50
CA PHE A 194 10.59 -19.62 -4.59
C PHE A 194 10.50 -21.05 -5.13
N SER A 195 11.23 -21.34 -6.20
CA SER A 195 11.18 -22.66 -6.90
C SER A 195 11.60 -23.80 -5.96
N THR A 196 12.68 -23.56 -5.20
CA THR A 196 13.18 -24.57 -4.26
C THR A 196 12.17 -24.78 -3.13
N ILE A 197 11.67 -23.71 -2.56
CA ILE A 197 10.73 -23.81 -1.45
C ILE A 197 9.47 -24.54 -1.88
N PHE A 198 8.92 -24.19 -3.05
CA PHE A 198 7.70 -24.84 -3.51
C PHE A 198 7.92 -26.30 -3.85
N ALA A 199 9.12 -26.65 -4.33
CA ALA A 199 9.43 -28.05 -4.59
C ALA A 199 9.57 -28.86 -3.31
N CYS A 200 9.88 -28.22 -2.18
CA CYS A 200 10.15 -28.92 -0.94
C CYS A 200 9.00 -28.88 0.05
N ALA A 201 7.99 -28.04 -0.17
CA ALA A 201 7.07 -27.64 0.89
C ALA A 201 6.22 -28.79 1.43
N SER A 202 6.02 -29.84 0.66
CA SER A 202 5.15 -30.93 1.11
C SER A 202 5.82 -31.85 2.12
N VAL A 203 7.14 -31.80 2.24
CA VAL A 203 7.87 -32.74 3.09
C VAL A 203 7.87 -32.36 4.58
N PRO A 204 8.22 -31.13 4.98
CA PRO A 204 8.45 -30.87 6.40
C PRO A 204 7.21 -31.10 7.26
N ARG A 205 7.42 -31.72 8.43
CA ARG A 205 6.37 -31.93 9.41
C ARG A 205 6.77 -31.49 10.81
N ASN A 206 7.96 -30.90 10.96
CA ASN A 206 8.52 -30.69 12.27
C ASN A 206 7.83 -29.55 13.01
N SER A 207 7.97 -29.57 14.33
CA SER A 207 7.43 -28.55 15.22
C SER A 207 8.53 -27.58 15.59
N TRP A 208 8.13 -26.36 15.95
CA TRP A 208 9.08 -25.31 16.24
C TRP A 208 8.73 -24.66 17.57
N ILE A 209 9.75 -24.07 18.19
CA ILE A 209 9.58 -23.30 19.41
C ILE A 209 9.50 -21.83 18.99
N PHE A 210 8.32 -21.25 19.09
CA PHE A 210 8.10 -19.84 18.77
C PHE A 210 7.48 -19.16 19.97
N CYS A 211 8.21 -18.23 20.57
CA CYS A 211 7.79 -17.52 21.77
C CYS A 211 7.30 -18.49 22.83
N ASN A 212 8.11 -19.49 23.13
CA ASN A 212 7.90 -20.40 24.28
C ASN A 212 6.67 -21.28 24.04
N MET A 213 6.36 -21.45 22.77
CA MET A 213 5.25 -22.31 22.39
C MET A 213 5.71 -23.29 21.31
N ARG A 214 5.14 -24.49 21.34
CA ARG A 214 5.45 -25.52 20.36
C ARG A 214 4.38 -25.47 19.27
N LEU A 215 4.79 -25.13 18.05
CA LEU A 215 3.86 -24.95 16.93
C LEU A 215 4.38 -25.68 15.70
N ASN A 216 3.48 -25.91 14.76
CA ASN A 216 3.85 -26.49 13.47
C ASN A 216 4.55 -25.43 12.62
N ALA A 217 5.74 -25.78 12.10
CA ALA A 217 6.59 -24.77 11.48
C ALA A 217 5.96 -24.17 10.22
N ILE A 218 5.39 -25.03 9.36
CA ILE A 218 4.74 -24.54 8.15
C ILE A 218 3.60 -23.59 8.49
N SER A 219 2.78 -23.96 9.48
CA SER A 219 1.66 -23.11 9.88
C SER A 219 2.15 -21.77 10.42
N LEU A 220 3.20 -21.79 11.23
CA LEU A 220 3.77 -20.55 11.76
C LEU A 220 4.24 -19.64 10.64
N ILE A 221 4.96 -20.22 9.67
CA ILE A 221 5.48 -19.44 8.55
C ILE A 221 4.33 -18.81 7.77
N CYS A 222 3.29 -19.61 7.49
CA CYS A 222 2.18 -19.12 6.68
C CYS A 222 1.42 -18.01 7.39
N ILE A 223 1.19 -18.15 8.70
CA ILE A 223 0.48 -17.10 9.43
C ILE A 223 1.33 -15.82 9.47
N LEU A 224 2.64 -15.96 9.66
CA LEU A 224 3.50 -14.77 9.67
C LEU A 224 3.48 -14.06 8.33
N LEU A 225 3.54 -14.81 7.23
CA LEU A 225 3.42 -14.19 5.89
C LEU A 225 2.07 -13.51 5.73
N PHE A 226 0.99 -14.16 6.19
CA PHE A 226 -0.32 -13.56 6.07
C PHE A 226 -0.42 -12.26 6.85
N ILE A 227 0.38 -12.09 7.91
CA ILE A 227 0.35 -10.81 8.63
C ILE A 227 0.81 -9.67 7.71
N GLY A 228 1.87 -9.89 6.94
CA GLY A 228 2.27 -8.90 5.94
C GLY A 228 1.22 -8.70 4.88
N ALA A 229 0.54 -9.78 4.48
CA ALA A 229 -0.58 -9.63 3.55
C ALA A 229 -1.69 -8.76 4.15
N VAL A 230 -1.98 -8.96 5.44
CA VAL A 230 -3.01 -8.18 6.12
C VAL A 230 -2.64 -6.70 6.12
N GLY A 231 -1.36 -6.41 6.32
CA GLY A 231 -0.92 -5.03 6.24
C GLY A 231 -1.13 -4.43 4.86
N LYS A 232 -0.62 -5.09 3.82
CA LYS A 232 -0.63 -4.47 2.50
C LYS A 232 -2.03 -4.44 1.88
N SER A 233 -2.91 -5.37 2.26
CA SER A 233 -4.24 -5.42 1.68
C SER A 233 -5.31 -4.85 2.59
N ALA A 234 -4.93 -4.14 3.65
CA ALA A 234 -5.85 -3.44 4.54
C ALA A 234 -6.94 -4.37 5.08
N GLN A 235 -6.51 -5.51 5.59
CA GLN A 235 -7.44 -6.42 6.24
C GLN A 235 -7.66 -6.01 7.70
N ILE A 236 -8.61 -6.69 8.34
CA ILE A 236 -9.24 -6.30 9.60
C ILE A 236 -8.25 -5.75 10.63
N GLY A 237 -7.10 -6.40 10.79
CA GLY A 237 -6.14 -5.91 11.76
C GLY A 237 -5.58 -4.55 11.44
N LEU A 238 -5.17 -4.33 10.19
CA LEU A 238 -4.34 -3.21 9.78
C LEU A 238 -5.00 -2.48 8.62
N HIS A 239 -6.28 -2.16 8.77
CA HIS A 239 -7.09 -1.62 7.69
C HIS A 239 -7.22 -0.10 7.68
N THR A 240 -6.95 0.58 8.81
CA THR A 240 -7.36 1.97 8.97
C THR A 240 -6.55 2.96 8.14
N TRP A 241 -5.40 2.54 7.60
CA TRP A 241 -4.59 3.47 6.82
C TRP A 241 -5.16 3.75 5.44
N LEU A 242 -5.89 2.79 4.87
CA LEU A 242 -6.40 2.94 3.51
C LEU A 242 -7.37 4.12 3.37
N PRO A 243 -8.39 4.28 4.22
CA PRO A 243 -9.26 5.45 4.05
C PRO A 243 -8.53 6.78 4.20
N ASP A 244 -7.53 6.85 5.07
CA ASP A 244 -6.77 8.10 5.22
C ASP A 244 -5.82 8.34 4.06
N ALA A 245 -5.44 7.30 3.33
CA ALA A 245 -4.58 7.49 2.16
C ALA A 245 -5.25 8.27 1.04
N MET A 246 -6.57 8.48 1.09
CA MET A 246 -7.27 9.38 0.18
C MET A 246 -6.75 10.81 0.21
N GLU A 247 -5.86 11.15 1.15
CA GLU A 247 -5.27 12.48 1.20
C GLU A 247 -4.43 12.79 -0.04
N GLY A 248 -3.93 11.78 -0.73
CA GLY A 248 -3.17 11.99 -1.93
C GLY A 248 -4.04 12.42 -3.10
N PRO A 249 -3.41 12.89 -4.17
CA PRO A 249 -4.18 13.25 -5.37
C PRO A 249 -4.88 12.03 -5.95
N THR A 250 -6.03 12.28 -6.58
CA THR A 250 -6.88 11.20 -7.08
C THR A 250 -6.16 10.16 -7.93
N PRO A 251 -5.25 10.51 -8.86
CA PRO A 251 -4.54 9.46 -9.60
C PRO A 251 -3.78 8.48 -8.71
N VAL A 252 -3.23 8.97 -7.61
CA VAL A 252 -2.57 8.07 -6.66
C VAL A 252 -3.58 7.09 -6.07
N SER A 253 -4.77 7.57 -5.72
CA SER A 253 -5.80 6.70 -5.18
C SER A 253 -6.22 5.65 -6.21
N ALA A 254 -6.30 6.03 -7.48
CA ALA A 254 -6.66 5.06 -8.51
C ALA A 254 -5.57 4.02 -8.70
N LEU A 255 -4.32 4.45 -8.86
CA LEU A 255 -3.26 3.51 -9.23
C LEU A 255 -2.76 2.73 -8.02
N ILE A 256 -2.50 3.40 -6.91
CA ILE A 256 -1.75 2.77 -5.81
C ILE A 256 -2.69 2.05 -4.86
N HIS A 257 -3.68 2.76 -4.34
CA HIS A 257 -4.53 2.26 -3.28
C HIS A 257 -5.86 1.72 -3.79
N ALA A 258 -5.93 1.36 -5.07
CA ALA A 258 -7.13 0.63 -5.49
C ALA A 258 -6.80 -0.51 -6.45
N ALA A 259 -5.79 -0.39 -7.30
CA ALA A 259 -5.56 -1.39 -8.33
C ALA A 259 -4.38 -2.30 -8.09
N THR A 260 -3.20 -1.76 -7.78
CA THR A 260 -1.98 -2.55 -7.82
C THR A 260 -1.39 -2.85 -6.44
N MET A 261 -1.02 -1.83 -5.68
CA MET A 261 -0.28 -2.07 -4.44
C MET A 261 -1.17 -2.67 -3.36
N VAL A 262 -2.42 -2.24 -3.30
CA VAL A 262 -3.34 -2.73 -2.28
C VAL A 262 -3.64 -4.21 -2.49
N THR A 263 -3.40 -4.74 -3.69
CA THR A 263 -3.61 -6.14 -3.99
C THR A 263 -2.34 -6.97 -3.89
N ALA A 264 -1.24 -6.39 -3.39
CA ALA A 264 0.00 -7.13 -3.26
C ALA A 264 -0.13 -8.30 -2.29
N GLY A 265 -0.93 -8.14 -1.22
CA GLY A 265 -1.15 -9.26 -0.31
C GLY A 265 -1.83 -10.44 -0.98
N VAL A 266 -2.85 -10.18 -1.79
CA VAL A 266 -3.52 -11.24 -2.53
C VAL A 266 -2.54 -11.92 -3.49
N PHE A 267 -1.74 -11.11 -4.19
CA PHE A 267 -0.75 -11.67 -5.11
C PHE A 267 0.23 -12.56 -4.37
N MET A 268 0.67 -12.14 -3.19
CA MET A 268 1.68 -12.91 -2.47
C MET A 268 1.09 -14.22 -1.96
N ILE A 269 -0.15 -14.19 -1.47
CA ILE A 269 -0.80 -15.44 -1.07
C ILE A 269 -0.93 -16.37 -2.27
N ALA A 270 -1.34 -15.83 -3.43
CA ALA A 270 -1.47 -16.66 -4.63
C ALA A 270 -0.13 -17.24 -5.06
N ARG A 271 0.92 -16.42 -5.04
CA ARG A 271 2.24 -16.89 -5.46
C ARG A 271 2.79 -17.93 -4.49
N CYS A 272 2.43 -17.86 -3.21
CA CYS A 272 2.90 -18.80 -2.22
C CYS A 272 1.89 -19.92 -1.94
N SER A 273 0.84 -20.03 -2.74
CA SER A 273 -0.07 -21.17 -2.61
C SER A 273 0.60 -22.54 -2.53
N PRO A 274 1.70 -22.84 -3.23
CA PRO A 274 2.35 -24.14 -3.01
C PRO A 274 2.86 -24.33 -1.59
N LEU A 275 3.04 -23.25 -0.83
CA LEU A 275 3.36 -23.35 0.59
C LEU A 275 2.12 -23.28 1.46
N PHE A 276 1.20 -22.38 1.16
CA PHE A 276 -0.01 -22.21 1.97
C PHE A 276 -0.93 -23.42 1.90
N GLU A 277 -0.84 -24.23 0.84
CA GLU A 277 -1.71 -25.38 0.71
C GLU A 277 -1.44 -26.44 1.77
N TYR A 278 -0.25 -26.45 2.38
CA TYR A 278 0.06 -27.40 3.45
C TYR A 278 -0.09 -26.79 4.83
N SER A 279 -0.90 -25.74 4.97
CA SER A 279 -1.27 -25.19 6.26
C SER A 279 -2.77 -24.93 6.31
N PRO A 280 -3.57 -25.94 6.64
CA PRO A 280 -5.02 -25.71 6.79
C PRO A 280 -5.36 -24.67 7.86
N THR A 281 -4.61 -24.63 8.96
CA THR A 281 -4.87 -23.63 10.00
C THR A 281 -4.74 -22.21 9.46
N ALA A 282 -3.69 -21.96 8.69
CA ALA A 282 -3.50 -20.64 8.09
C ALA A 282 -4.63 -20.31 7.13
N LEU A 283 -5.11 -21.29 6.36
CA LEU A 283 -6.22 -21.05 5.45
C LEU A 283 -7.50 -20.70 6.21
N ILE A 284 -7.74 -21.34 7.35
CA ILE A 284 -8.90 -20.99 8.17
C ILE A 284 -8.77 -19.55 8.67
N VAL A 285 -7.58 -19.19 9.15
CA VAL A 285 -7.33 -17.82 9.61
C VAL A 285 -7.62 -16.82 8.50
N ILE A 286 -7.04 -17.09 7.32
CA ILE A 286 -7.24 -16.21 6.12
C ILE A 286 -8.74 -16.10 5.82
N THR A 287 -9.44 -17.22 5.83
CA THR A 287 -10.91 -17.21 5.49
C THR A 287 -11.64 -16.23 6.43
N PHE A 288 -11.43 -16.41 7.73
CA PHE A 288 -12.07 -15.58 8.73
C PHE A 288 -11.73 -14.11 8.54
N ALA A 289 -10.44 -13.80 8.30
CA ALA A 289 -10.02 -12.42 8.19
C ALA A 289 -10.65 -11.74 6.99
N GLY A 290 -10.59 -12.36 5.83
CA GLY A 290 -11.21 -11.79 4.64
C GLY A 290 -12.70 -11.54 4.78
N ALA A 291 -13.39 -12.46 5.39
CA ALA A 291 -14.83 -12.32 5.61
C ALA A 291 -15.14 -11.14 6.53
N MET A 292 -14.48 -11.11 7.69
CA MET A 292 -14.66 -10.01 8.63
C MET A 292 -14.37 -8.67 7.97
N THR A 293 -13.31 -8.62 7.15
CA THR A 293 -12.95 -7.36 6.51
C THR A 293 -14.03 -6.90 5.54
N SER A 294 -14.57 -7.83 4.74
CA SER A 294 -15.61 -7.44 3.79
C SER A 294 -16.80 -6.83 4.51
N PHE A 295 -17.24 -7.46 5.61
CA PHE A 295 -18.37 -6.90 6.35
C PHE A 295 -18.02 -5.56 7.00
N LEU A 296 -16.84 -5.47 7.62
CA LEU A 296 -16.41 -4.22 8.25
C LEU A 296 -16.45 -3.05 7.28
N ALA A 297 -15.77 -3.20 6.14
CA ALA A 297 -15.69 -2.09 5.20
C ALA A 297 -17.06 -1.79 4.59
N ALA A 298 -17.86 -2.82 4.32
CA ALA A 298 -19.19 -2.58 3.73
C ALA A 298 -20.07 -1.78 4.68
N THR A 299 -20.10 -2.15 5.96
CA THR A 299 -20.92 -1.41 6.90
C THR A 299 -20.38 0.00 7.13
N THR A 300 -19.07 0.18 7.10
CA THR A 300 -18.52 1.52 7.31
C THR A 300 -18.83 2.44 6.12
N GLY A 301 -18.81 1.90 4.90
CA GLY A 301 -18.92 2.75 3.73
C GLY A 301 -20.28 3.36 3.49
N ILE A 302 -21.34 2.87 4.14
CA ILE A 302 -22.68 3.31 3.77
C ILE A 302 -23.03 4.69 4.30
N LEU A 303 -22.26 5.24 5.23
CA LEU A 303 -22.60 6.54 5.80
C LEU A 303 -21.56 7.61 5.47
N GLN A 304 -20.51 7.27 4.72
CA GLN A 304 -19.50 8.25 4.35
C GLN A 304 -20.07 9.31 3.42
N ASN A 305 -19.58 10.53 3.57
CA ASN A 305 -20.04 11.66 2.76
C ASN A 305 -19.04 12.08 1.70
N ASP A 306 -17.81 11.63 1.78
CA ASP A 306 -16.78 11.95 0.80
C ASP A 306 -16.71 10.85 -0.25
N LEU A 307 -16.70 11.25 -1.53
CA LEU A 307 -16.68 10.29 -2.63
C LEU A 307 -15.50 9.33 -2.52
N LYS A 308 -14.30 9.88 -2.36
CA LYS A 308 -13.10 9.06 -2.31
C LYS A 308 -13.16 8.09 -1.14
N ARG A 309 -13.71 8.54 -0.02
CA ARG A 309 -13.86 7.66 1.16
C ARG A 309 -14.74 6.46 0.79
N VAL A 310 -15.90 6.72 0.18
CA VAL A 310 -16.82 5.62 -0.17
C VAL A 310 -16.12 4.62 -1.06
N ILE A 311 -15.48 5.09 -2.11
CA ILE A 311 -14.75 4.23 -3.07
C ILE A 311 -13.57 3.49 -2.40
N ALA A 312 -12.92 4.06 -1.37
CA ALA A 312 -11.85 3.37 -0.65
C ALA A 312 -12.39 2.26 0.24
N TYR A 313 -13.50 2.51 0.94
CA TYR A 313 -14.11 1.45 1.74
C TYR A 313 -14.61 0.33 0.84
N SER A 314 -15.02 0.67 -0.40
CA SER A 314 -15.43 -0.37 -1.40
C SER A 314 -14.25 -1.29 -1.68
N THR A 315 -13.11 -0.69 -1.96
CA THR A 315 -11.88 -1.41 -2.25
C THR A 315 -11.57 -2.35 -1.10
N CYS A 316 -11.66 -1.84 0.13
CA CYS A 316 -11.34 -2.70 1.27
C CYS A 316 -12.28 -3.91 1.33
N SER A 317 -13.58 -3.70 1.10
CA SER A 317 -14.52 -4.82 1.11
C SER A 317 -14.21 -5.83 0.00
N GLN A 318 -13.93 -5.34 -1.20
CA GLN A 318 -13.57 -6.21 -2.34
C GLN A 318 -12.30 -7.01 -2.04
N LEU A 319 -11.30 -6.37 -1.39
CA LEU A 319 -10.10 -7.09 -0.96
C LEU A 319 -10.44 -8.20 0.00
N GLY A 320 -11.38 -8.04 0.89
CA GLY A 320 -11.84 -9.16 1.71
C GLY A 320 -12.39 -10.36 0.95
N TYR A 321 -13.24 -10.15 -0.07
CA TYR A 321 -13.72 -11.26 -0.95
C TYR A 321 -12.54 -12.03 -1.53
N MET A 322 -11.52 -11.33 -2.02
CA MET A 322 -10.31 -11.92 -2.64
C MET A 322 -9.50 -12.74 -1.62
N ILE A 323 -9.33 -12.25 -0.38
CA ILE A 323 -8.61 -12.96 0.72
C ILE A 323 -9.35 -14.26 1.09
N PHE A 324 -10.68 -14.26 1.28
CA PHE A 324 -11.33 -15.54 1.68
C PHE A 324 -11.37 -16.51 0.47
N ALA A 325 -11.41 -16.03 -0.77
CA ALA A 325 -11.31 -16.93 -1.95
C ALA A 325 -10.00 -17.70 -1.87
N CYS A 326 -8.92 -16.96 -1.53
CA CYS A 326 -7.62 -17.60 -1.29
C CYS A 326 -7.67 -18.55 -0.10
N GLY A 327 -8.38 -18.23 0.96
CA GLY A 327 -8.39 -19.03 2.17
C GLY A 327 -9.16 -20.32 1.99
N ILE A 328 -10.09 -20.35 1.04
CA ILE A 328 -10.82 -21.59 0.70
C ILE A 328 -10.11 -22.28 -0.49
N SER A 329 -8.83 -22.01 -0.75
CA SER A 329 -8.00 -22.73 -1.71
C SER A 329 -8.40 -22.47 -3.17
N ASN A 330 -9.01 -21.32 -3.45
CA ASN A 330 -9.39 -20.96 -4.80
C ASN A 330 -8.62 -19.69 -5.18
N TYR A 331 -7.36 -19.88 -5.60
CA TYR A 331 -6.48 -18.75 -5.88
C TYR A 331 -6.70 -18.21 -7.28
N SER A 332 -7.00 -19.08 -8.25
CA SER A 332 -7.29 -18.61 -9.59
C SER A 332 -8.47 -17.65 -9.59
N VAL A 333 -9.49 -17.94 -8.78
CA VAL A 333 -10.66 -17.08 -8.71
C VAL A 333 -10.30 -15.75 -8.06
N SER A 334 -9.46 -15.78 -7.03
CA SER A 334 -9.07 -14.53 -6.37
C SER A 334 -8.26 -13.65 -7.31
N VAL A 335 -7.34 -14.24 -8.09
CA VAL A 335 -6.57 -13.45 -9.03
C VAL A 335 -7.45 -12.92 -10.16
N PHE A 336 -8.45 -13.71 -10.58
CA PHE A 336 -9.42 -13.26 -11.62
C PHE A 336 -10.19 -12.03 -11.09
N HIS A 337 -10.63 -12.15 -9.86
CA HIS A 337 -11.33 -11.02 -9.27
C HIS A 337 -10.40 -9.82 -9.07
N LEU A 338 -9.11 -10.05 -8.80
CA LEU A 338 -8.16 -8.95 -8.70
C LEU A 338 -8.06 -8.21 -10.02
N MET A 339 -7.87 -8.96 -11.11
CA MET A 339 -7.78 -8.34 -12.43
C MET A 339 -9.08 -7.61 -12.78
N ASN A 340 -10.23 -8.21 -12.45
CA ASN A 340 -11.51 -7.55 -12.71
C ASN A 340 -11.66 -6.28 -11.90
N HIS A 341 -11.34 -6.27 -10.59
CA HIS A 341 -11.42 -5.08 -9.73
C HIS A 341 -10.47 -3.97 -10.23
N ALA A 342 -9.33 -4.33 -10.78
CA ALA A 342 -8.44 -3.27 -11.26
C ALA A 342 -9.08 -2.44 -12.37
N PHE A 343 -9.99 -2.94 -13.20
CA PHE A 343 -10.72 -2.18 -14.22
C PHE A 343 -11.81 -1.28 -13.63
N PHE A 344 -12.76 -1.82 -12.87
CA PHE A 344 -13.96 -1.07 -12.38
C PHE A 344 -13.54 -0.06 -11.29
N LYS A 345 -12.68 -0.45 -10.35
CA LYS A 345 -12.30 0.48 -9.26
C LYS A 345 -11.46 1.63 -9.83
N ALA A 346 -10.58 1.34 -10.80
CA ALA A 346 -9.81 2.43 -11.46
C ALA A 346 -10.74 3.34 -12.25
N LEU A 347 -11.77 2.79 -12.89
CA LEU A 347 -12.80 3.57 -13.61
C LEU A 347 -13.56 4.44 -12.61
N LEU A 348 -13.94 3.91 -11.48
CA LEU A 348 -14.67 4.61 -10.42
C LEU A 348 -13.82 5.77 -9.79
N PHE A 349 -12.56 5.53 -9.45
CA PHE A 349 -11.66 6.57 -8.88
C PHE A 349 -11.42 7.64 -9.92
N LEU A 350 -11.18 7.27 -11.19
CA LEU A 350 -10.92 8.31 -12.17
C LEU A 350 -12.19 9.09 -12.52
N SER A 351 -13.35 8.43 -12.54
CA SER A 351 -14.60 9.14 -12.74
C SER A 351 -14.88 10.11 -11.59
N ALA A 352 -14.65 9.66 -10.35
CA ALA A 352 -14.83 10.54 -9.21
C ALA A 352 -13.86 11.71 -9.28
N GLY A 353 -12.63 11.46 -9.72
CA GLY A 353 -11.68 12.55 -9.89
C GLY A 353 -12.14 13.55 -10.93
N SER A 354 -12.72 13.06 -12.02
CA SER A 354 -13.31 13.95 -13.01
C SER A 354 -14.43 14.80 -12.40
N VAL A 355 -15.31 14.18 -11.61
CA VAL A 355 -16.39 14.94 -10.97
C VAL A 355 -15.81 16.01 -10.05
N ILE A 356 -14.83 15.62 -9.22
CA ILE A 356 -14.26 16.55 -8.25
C ILE A 356 -13.56 17.70 -8.96
N HIS A 357 -12.83 17.40 -10.04
CA HIS A 357 -12.22 18.44 -10.86
C HIS A 357 -13.27 19.37 -11.44
N ALA A 358 -14.39 18.83 -11.93
CA ALA A 358 -15.44 19.65 -12.52
C ALA A 358 -16.17 20.49 -11.48
N MET A 359 -16.18 20.08 -10.22
CA MET A 359 -16.93 20.76 -9.17
C MET A 359 -16.02 21.62 -8.29
N SER A 360 -14.92 22.11 -8.87
CA SER A 360 -13.92 22.98 -8.16
C SER A 360 -13.40 22.33 -6.90
N ASP A 361 -13.13 21.04 -6.92
CA ASP A 361 -12.59 20.24 -5.83
C ASP A 361 -13.57 20.03 -4.67
N GLU A 362 -14.87 20.13 -4.93
CA GLU A 362 -15.84 19.69 -3.95
C GLU A 362 -15.88 18.16 -3.93
N GLN A 363 -15.76 17.59 -2.74
CA GLN A 363 -15.76 16.15 -2.57
C GLN A 363 -16.93 15.64 -1.75
N ASP A 364 -17.71 16.51 -1.14
CA ASP A 364 -18.82 16.11 -0.28
C ASP A 364 -20.06 15.88 -1.14
N MET A 365 -20.62 14.68 -1.06
CA MET A 365 -21.79 14.33 -1.85
C MET A 365 -23.02 15.12 -1.43
N ARG A 366 -23.04 15.65 -0.22
CA ARG A 366 -24.18 16.47 0.22
C ARG A 366 -24.23 17.82 -0.47
N LYS A 367 -23.26 18.19 -1.26
CA LYS A 367 -23.22 19.49 -1.96
C LYS A 367 -23.11 19.21 -3.46
N MET A 368 -23.78 18.17 -3.91
CA MET A 368 -23.72 17.73 -5.30
C MET A 368 -25.16 17.47 -5.74
N GLY A 369 -25.33 16.70 -6.81
CA GLY A 369 -26.67 16.33 -7.20
C GLY A 369 -27.13 17.08 -8.44
N GLY A 370 -28.04 16.46 -9.18
CA GLY A 370 -28.51 17.04 -10.43
C GLY A 370 -27.40 17.24 -11.43
N LEU A 371 -26.45 16.32 -11.49
CA LEU A 371 -25.26 16.45 -12.31
C LEU A 371 -25.24 15.51 -13.50
N ALA A 372 -26.25 14.65 -13.65
CA ALA A 372 -26.25 13.68 -14.75
C ALA A 372 -26.22 14.36 -16.11
N SER A 373 -27.03 15.42 -16.28
CA SER A 373 -27.10 16.10 -17.56
C SER A 373 -25.89 16.99 -17.82
N SER A 374 -25.27 17.53 -16.78
CA SER A 374 -24.12 18.41 -16.96
C SER A 374 -22.86 17.65 -17.31
N PHE A 375 -22.68 16.45 -16.77
CA PHE A 375 -21.53 15.60 -17.06
C PHE A 375 -22.03 14.25 -17.55
N PRO A 376 -22.48 14.18 -18.81
CA PRO A 376 -23.03 12.91 -19.30
C PRO A 376 -22.00 11.79 -19.36
N LEU A 377 -20.83 12.07 -19.94
CA LEU A 377 -19.81 11.04 -20.09
C LEU A 377 -19.33 10.52 -18.73
N THR A 378 -19.08 11.43 -17.79
CA THR A 378 -18.62 11.02 -16.48
C THR A 378 -19.69 10.23 -15.73
N TYR A 379 -20.93 10.70 -15.76
CA TYR A 379 -22.05 9.92 -15.20
C TYR A 379 -22.13 8.49 -15.82
N ALA A 380 -22.00 8.38 -17.13
CA ALA A 380 -22.06 7.06 -17.76
C ALA A 380 -20.91 6.18 -17.30
N MET A 381 -19.71 6.73 -17.19
CA MET A 381 -18.57 5.96 -16.71
C MET A 381 -18.80 5.49 -15.28
N MET A 382 -19.32 6.37 -14.41
CA MET A 382 -19.58 5.98 -13.04
C MET A 382 -20.67 4.91 -12.97
N LEU A 383 -21.70 5.01 -13.79
CA LEU A 383 -22.78 3.97 -13.88
C LEU A 383 -22.19 2.61 -14.26
N ILE A 384 -21.39 2.62 -15.31
CA ILE A 384 -20.83 1.36 -15.79
C ILE A 384 -19.95 0.74 -14.71
N GLY A 385 -19.09 1.56 -14.09
CA GLY A 385 -18.24 1.05 -13.03
C GLY A 385 -19.03 0.52 -11.85
N SER A 386 -20.09 1.24 -11.45
CA SER A 386 -20.90 0.82 -10.31
C SER A 386 -21.64 -0.48 -10.61
N LEU A 387 -22.21 -0.59 -11.81
CA LEU A 387 -22.93 -1.81 -12.18
C LEU A 387 -21.97 -3.00 -12.24
N SER A 388 -20.75 -2.78 -12.74
CA SER A 388 -19.78 -3.86 -12.77
C SER A 388 -19.33 -4.25 -11.36
N LEU A 389 -19.24 -3.26 -10.46
CA LEU A 389 -18.79 -3.54 -9.10
C LEU A 389 -19.85 -4.32 -8.32
N ILE A 390 -21.12 -3.94 -8.42
CA ILE A 390 -22.14 -4.63 -7.63
C ILE A 390 -22.43 -6.03 -8.16
N GLY A 391 -21.87 -6.41 -9.29
CA GLY A 391 -22.11 -7.73 -9.83
C GLY A 391 -23.35 -7.83 -10.69
N PHE A 392 -23.66 -6.77 -11.44
CA PHE A 392 -24.77 -6.84 -12.37
C PHE A 392 -24.51 -7.94 -13.40
N PRO A 393 -25.52 -8.75 -13.72
CA PRO A 393 -25.30 -9.94 -14.55
C PRO A 393 -24.58 -9.63 -15.87
N PHE A 394 -23.59 -10.48 -16.17
CA PHE A 394 -22.81 -10.52 -17.41
C PHE A 394 -21.86 -9.35 -17.58
N LEU A 395 -21.77 -8.44 -16.61
CA LEU A 395 -20.72 -7.45 -16.58
C LEU A 395 -19.47 -8.06 -15.94
N THR A 396 -18.36 -7.32 -15.98
CA THR A 396 -17.07 -7.90 -15.61
C THR A 396 -17.06 -8.41 -14.18
N GLY A 397 -17.61 -7.63 -13.24
CA GLY A 397 -17.61 -8.05 -11.85
C GLY A 397 -18.53 -9.23 -11.55
N PHE A 398 -19.48 -9.51 -12.43
CA PHE A 398 -20.41 -10.62 -12.23
C PHE A 398 -19.71 -11.98 -12.30
N TYR A 399 -18.75 -12.16 -13.15
CA TYR A 399 -18.11 -13.48 -13.36
C TYR A 399 -17.18 -13.95 -12.22
N SER A 400 -16.70 -13.04 -11.36
CA SER A 400 -15.83 -13.47 -10.28
C SER A 400 -16.49 -13.42 -8.91
N LYS A 401 -17.22 -12.34 -8.63
CA LYS A 401 -17.85 -12.16 -7.30
C LYS A 401 -18.78 -13.33 -6.98
N ASP A 402 -19.71 -13.65 -7.88
CA ASP A 402 -20.68 -14.70 -7.59
C ASP A 402 -20.05 -16.08 -7.57
N VAL A 403 -19.00 -16.30 -8.36
CA VAL A 403 -18.27 -17.56 -8.26
C VAL A 403 -17.65 -17.68 -6.88
N ILE A 404 -17.10 -16.60 -6.31
CA ILE A 404 -16.52 -16.64 -4.92
C ILE A 404 -17.65 -16.95 -3.93
N LEU A 405 -18.79 -16.32 -4.11
CA LEU A 405 -19.85 -16.58 -3.15
C LEU A 405 -20.35 -18.03 -3.23
N GLU A 406 -20.50 -18.57 -4.42
CA GLU A 406 -20.89 -19.98 -4.64
C GLU A 406 -19.85 -20.95 -4.08
N LEU A 407 -18.54 -20.64 -4.26
CA LEU A 407 -17.49 -21.47 -3.69
C LEU A 407 -17.52 -21.43 -2.17
N ALA A 408 -17.85 -20.29 -1.59
CA ALA A 408 -17.92 -20.21 -0.13
C ALA A 408 -19.08 -21.05 0.36
N TYR A 409 -20.18 -20.96 -0.38
CA TYR A 409 -21.30 -21.81 -0.03
C TYR A 409 -20.90 -23.29 -0.06
N THR A 410 -20.08 -23.66 -1.02
CA THR A 410 -19.68 -25.06 -1.19
C THR A 410 -18.63 -25.52 -0.20
N LYS A 411 -17.95 -24.61 0.49
CA LYS A 411 -16.99 -24.99 1.50
C LYS A 411 -17.73 -25.40 2.78
N TYR A 412 -17.85 -26.71 3.00
CA TYR A 412 -18.62 -27.22 4.13
C TYR A 412 -17.72 -27.30 5.37
N THR A 413 -17.36 -26.12 5.86
CA THR A 413 -16.55 -25.96 7.06
C THR A 413 -17.10 -24.79 7.86
N ILE A 414 -16.59 -24.65 9.09
CA ILE A 414 -17.03 -23.55 9.95
C ILE A 414 -16.66 -22.20 9.34
N SER A 415 -15.40 -22.06 8.90
CA SER A 415 -14.97 -20.81 8.30
C SER A 415 -15.62 -20.59 6.94
N GLY A 416 -15.88 -21.67 6.19
CA GLY A 416 -16.60 -21.52 4.94
C GLY A 416 -18.01 -20.98 5.15
N ASN A 417 -18.71 -21.50 6.15
CA ASN A 417 -20.04 -21.00 6.49
C ASN A 417 -19.99 -19.55 6.93
N PHE A 418 -19.00 -19.21 7.77
CA PHE A 418 -18.81 -17.84 8.22
C PHE A 418 -18.63 -16.90 7.04
N ALA A 419 -17.83 -17.25 6.06
CA ALA A 419 -17.51 -16.44 4.89
C ALA A 419 -18.71 -16.34 3.95
N PHE A 420 -19.44 -17.41 3.85
CA PHE A 420 -20.64 -17.35 3.01
C PHE A 420 -21.64 -16.35 3.58
N TRP A 421 -21.92 -16.45 4.88
CA TRP A 421 -22.85 -15.50 5.50
C TRP A 421 -22.38 -14.06 5.35
N LEU A 422 -21.11 -13.80 5.70
CA LEU A 422 -20.64 -12.42 5.72
C LEU A 422 -20.59 -11.82 4.32
N GLY A 423 -20.07 -12.57 3.34
CA GLY A 423 -20.06 -12.08 1.97
C GLY A 423 -21.45 -11.85 1.42
N SER A 424 -22.40 -12.73 1.73
CA SER A 424 -23.77 -12.56 1.27
C SER A 424 -24.35 -11.24 1.78
N VAL A 425 -24.24 -10.98 3.09
CA VAL A 425 -24.82 -9.72 3.59
C VAL A 425 -24.04 -8.51 3.07
N SER A 426 -22.73 -8.66 2.87
CA SER A 426 -21.94 -7.56 2.36
C SER A 426 -22.36 -7.17 0.95
N VAL A 427 -22.86 -8.12 0.17
CA VAL A 427 -23.38 -7.79 -1.17
C VAL A 427 -24.50 -6.75 -1.06
N LEU A 428 -25.44 -6.97 -0.15
CA LEU A 428 -26.52 -6.02 0.04
C LEU A 428 -25.97 -4.65 0.46
N PHE A 429 -25.00 -4.66 1.38
CA PHE A 429 -24.46 -3.39 1.85
C PHE A 429 -23.75 -2.62 0.72
N THR A 430 -22.99 -3.34 -0.12
CA THR A 430 -22.26 -2.65 -1.19
C THR A 430 -23.20 -2.14 -2.26
N SER A 431 -24.27 -2.88 -2.57
CA SER A 431 -25.26 -2.35 -3.49
C SER A 431 -25.87 -1.06 -2.94
N TYR A 432 -26.19 -1.05 -1.64
CA TYR A 432 -26.74 0.16 -1.05
C TYR A 432 -25.79 1.35 -1.23
N TYR A 433 -24.51 1.19 -0.86
CA TYR A 433 -23.68 2.39 -0.90
C TYR A 433 -23.32 2.80 -2.34
N SER A 434 -23.22 1.84 -3.26
CA SER A 434 -22.97 2.21 -4.65
C SER A 434 -24.12 3.03 -5.22
N PHE A 435 -25.35 2.57 -5.03
CA PHE A 435 -26.47 3.34 -5.55
C PHE A 435 -26.68 4.64 -4.77
N ARG A 436 -26.34 4.66 -3.49
CA ARG A 436 -26.40 5.91 -2.74
C ARG A 436 -25.45 6.95 -3.34
N LEU A 437 -24.24 6.52 -3.68
CA LEU A 437 -23.30 7.43 -4.34
C LEU A 437 -23.87 7.94 -5.66
N LEU A 438 -24.37 7.03 -6.50
CA LEU A 438 -24.92 7.45 -7.79
C LEU A 438 -26.06 8.45 -7.60
N PHE A 439 -26.97 8.17 -6.66
CA PHE A 439 -28.15 8.99 -6.47
C PHE A 439 -27.79 10.37 -5.91
N LEU A 440 -26.96 10.40 -4.86
CA LEU A 440 -26.58 11.68 -4.27
C LEU A 440 -25.76 12.52 -5.23
N THR A 441 -24.90 11.91 -6.03
CA THR A 441 -24.02 12.68 -6.89
C THR A 441 -24.73 13.20 -8.14
N PHE A 442 -25.60 12.39 -8.75
CA PHE A 442 -26.07 12.74 -10.09
C PHE A 442 -27.57 12.92 -10.24
N LEU A 443 -28.39 12.28 -9.40
CA LEU A 443 -29.81 12.16 -9.70
C LEU A 443 -30.74 12.96 -8.80
N VAL A 444 -30.37 13.23 -7.55
CA VAL A 444 -31.24 13.96 -6.65
C VAL A 444 -31.32 15.42 -7.09
N PRO A 445 -32.36 16.17 -6.74
CA PRO A 445 -32.34 17.61 -6.98
C PRO A 445 -31.12 18.25 -6.33
N THR A 446 -30.49 19.17 -7.05
CA THR A 446 -29.13 19.58 -6.72
C THR A 446 -29.05 20.24 -5.35
N ASN A 447 -28.03 19.85 -4.59
CA ASN A 447 -27.73 20.43 -3.29
C ASN A 447 -26.43 21.23 -3.33
N SER A 448 -25.97 21.59 -4.52
CA SER A 448 -24.67 22.21 -4.69
C SER A 448 -24.76 23.73 -4.57
N PHE A 449 -23.63 24.37 -4.73
CA PHE A 449 -23.50 25.83 -4.69
C PHE A 449 -23.63 26.32 -6.13
N GLY A 450 -24.33 27.40 -6.39
CA GLY A 450 -24.39 27.97 -7.74
C GLY A 450 -23.05 28.26 -8.33
N ARG A 451 -22.09 28.74 -7.52
CA ARG A 451 -20.76 29.11 -8.09
C ARG A 451 -20.08 27.84 -8.64
N ASP A 452 -20.40 26.67 -8.09
CA ASP A 452 -19.80 25.41 -8.60
C ASP A 452 -20.44 25.02 -9.95
N ILE A 453 -21.75 25.12 -10.08
CA ILE A 453 -22.52 24.70 -11.30
C ILE A 453 -22.12 25.57 -12.49
N SER A 454 -21.85 26.82 -12.23
CA SER A 454 -21.59 27.86 -13.23
C SER A 454 -20.14 27.87 -13.71
N ARG A 455 -19.32 26.97 -13.19
CA ARG A 455 -17.91 26.85 -13.56
C ARG A 455 -17.59 25.38 -13.95
N CYS A 456 -18.57 24.52 -14.26
CA CYS A 456 -18.35 23.10 -14.54
C CYS A 456 -17.87 22.88 -15.96
N HIS A 457 -17.25 21.71 -16.16
CA HIS A 457 -16.71 21.29 -17.45
C HIS A 457 -16.44 19.79 -17.38
N ASP A 458 -16.68 19.09 -18.48
CA ASP A 458 -16.43 17.66 -18.50
C ASP A 458 -14.97 17.38 -18.84
N ALA A 459 -14.65 16.10 -18.89
CA ALA A 459 -13.25 15.67 -19.09
C ALA A 459 -12.52 16.17 -20.33
N PRO A 460 -11.32 16.76 -20.17
CA PRO A 460 -10.43 16.99 -21.29
C PRO A 460 -9.99 15.63 -21.86
N ILE A 461 -9.51 15.55 -23.10
CA ILE A 461 -9.20 14.26 -23.80
C ILE A 461 -8.20 13.34 -23.07
N PRO A 462 -7.05 13.81 -22.52
CA PRO A 462 -6.15 12.94 -21.77
C PRO A 462 -6.85 12.35 -20.54
N MET A 463 -7.97 12.90 -20.10
CA MET A 463 -8.75 12.30 -18.99
C MET A 463 -9.81 11.31 -19.50
N ALA A 464 -10.62 11.66 -20.51
CA ALA A 464 -11.69 10.79 -21.08
C ALA A 464 -11.18 9.48 -21.73
N ILE A 465 -10.09 9.51 -22.48
CA ILE A 465 -9.51 8.29 -23.10
C ILE A 465 -9.38 7.13 -22.07
N PRO A 466 -8.66 7.27 -20.93
CA PRO A 466 -8.59 6.17 -19.95
C PRO A 466 -9.94 5.77 -19.41
N LEU A 467 -10.86 6.72 -19.25
CA LEU A 467 -12.20 6.38 -18.79
C LEU A 467 -12.91 5.47 -19.79
N ILE A 468 -12.78 5.76 -21.08
CA ILE A 468 -13.40 4.93 -22.10
C ILE A 468 -12.80 3.53 -22.09
N LEU A 469 -11.46 3.45 -22.01
CA LEU A 469 -10.81 2.15 -22.04
C LEU A 469 -11.19 1.31 -20.83
N LEU A 470 -11.26 1.94 -19.65
CA LEU A 470 -11.66 1.21 -18.45
C LEU A 470 -13.14 0.83 -18.49
N ALA A 471 -13.99 1.65 -19.10
CA ALA A 471 -15.39 1.25 -19.25
C ALA A 471 -15.51 0.01 -20.14
N LEU A 472 -14.76 0.00 -21.25
CA LEU A 472 -14.76 -1.18 -22.12
C LEU A 472 -14.25 -2.42 -21.37
N GLY A 473 -13.18 -2.26 -20.60
CA GLY A 473 -12.71 -3.36 -19.79
C GLY A 473 -13.75 -3.85 -18.80
N SER A 474 -14.36 -2.92 -18.08
CA SER A 474 -15.39 -3.24 -17.10
C SER A 474 -16.64 -3.84 -17.72
N LEU A 475 -16.84 -3.69 -19.03
CA LEU A 475 -17.92 -4.40 -19.70
C LEU A 475 -17.53 -5.80 -20.16
N PHE A 476 -16.33 -5.98 -20.70
CA PHE A 476 -16.05 -7.19 -21.48
C PHE A 476 -14.96 -8.10 -20.92
N VAL A 477 -14.10 -7.62 -20.00
CA VAL A 477 -12.93 -8.40 -19.62
C VAL A 477 -13.33 -9.67 -18.87
N GLY A 478 -14.33 -9.60 -18.00
CA GLY A 478 -14.80 -10.78 -17.27
C GLY A 478 -15.20 -11.96 -18.14
N TYR A 479 -16.20 -11.75 -18.99
CA TYR A 479 -16.65 -12.75 -19.97
C TYR A 479 -15.48 -13.23 -20.78
N LEU A 480 -14.71 -12.30 -21.29
CA LEU A 480 -13.57 -12.63 -22.14
C LEU A 480 -12.48 -13.47 -21.47
N ALA A 481 -12.28 -13.35 -20.17
CA ALA A 481 -11.16 -14.06 -19.53
C ALA A 481 -11.63 -15.20 -18.61
N LYS A 482 -12.93 -15.38 -18.44
CA LYS A 482 -13.48 -16.37 -17.48
C LYS A 482 -12.96 -17.81 -17.72
N ASP A 483 -13.08 -18.34 -18.94
CA ASP A 483 -12.67 -19.74 -19.23
C ASP A 483 -11.18 -19.87 -19.06
N MET A 484 -10.40 -18.96 -19.62
CA MET A 484 -8.92 -18.95 -19.44
C MET A 484 -8.49 -19.08 -17.99
N MET A 485 -9.12 -18.37 -17.09
CA MET A 485 -8.57 -18.28 -15.70
C MET A 485 -9.24 -19.23 -14.72
N ILE A 486 -10.51 -19.48 -14.90
CA ILE A 486 -11.25 -20.28 -13.91
C ILE A 486 -12.10 -21.33 -14.66
N GLY A 487 -12.03 -21.38 -15.98
CA GLY A 487 -12.75 -22.46 -16.72
C GLY A 487 -12.36 -23.82 -16.17
N LEU A 488 -13.30 -24.71 -16.06
CA LEU A 488 -13.13 -26.04 -15.49
C LEU A 488 -11.98 -26.79 -16.14
N GLY A 489 -10.98 -27.13 -15.34
CA GLY A 489 -9.84 -27.88 -15.80
C GLY A 489 -8.81 -27.12 -16.60
N THR A 490 -8.89 -25.79 -16.62
CA THR A 490 -7.99 -24.99 -17.44
C THR A 490 -6.54 -25.22 -17.03
N ASN A 491 -5.64 -25.22 -18.01
CA ASN A 491 -4.21 -25.32 -17.79
C ASN A 491 -3.51 -23.97 -17.95
N PHE A 492 -4.27 -22.88 -17.92
CA PHE A 492 -3.70 -21.57 -18.21
C PHE A 492 -2.63 -21.18 -17.20
N TRP A 493 -2.83 -21.54 -15.93
CA TRP A 493 -1.90 -21.16 -14.87
C TRP A 493 -0.66 -22.04 -14.83
N ALA A 494 -0.70 -23.21 -15.47
CA ALA A 494 0.40 -24.17 -15.45
C ALA A 494 0.78 -24.51 -14.02
N ASN A 495 2.01 -24.21 -13.62
CA ASN A 495 2.48 -24.53 -12.28
C ASN A 495 2.54 -23.31 -11.36
N SER A 496 1.96 -22.18 -11.77
CA SER A 496 2.02 -20.97 -10.95
C SER A 496 1.17 -21.10 -9.69
N LEU A 497 0.00 -21.73 -9.80
CA LEU A 497 -0.90 -21.92 -8.67
C LEU A 497 -1.03 -23.40 -8.38
N LEU A 498 -1.24 -23.71 -7.10
CA LEU A 498 -1.39 -25.09 -6.65
C LEU A 498 -2.67 -25.22 -5.83
N VAL A 499 -3.55 -26.13 -6.25
CA VAL A 499 -4.68 -26.59 -5.45
C VAL A 499 -4.52 -28.09 -5.29
N LEU A 500 -4.41 -28.50 -4.04
CA LEU A 500 -4.35 -29.94 -3.74
C LEU A 500 -5.68 -30.57 -4.11
N PRO A 501 -5.72 -31.82 -4.61
CA PRO A 501 -7.01 -32.50 -4.94
C PRO A 501 -8.07 -32.44 -3.82
N LYS A 502 -7.73 -32.75 -2.58
CA LYS A 502 -8.66 -32.73 -1.43
C LYS A 502 -9.41 -31.39 -1.24
N ASN A 503 -8.90 -30.28 -1.76
CA ASN A 503 -9.48 -28.92 -1.64
C ASN A 503 -10.23 -28.44 -2.89
N GLU A 504 -10.22 -29.22 -3.95
CA GLU A 504 -10.90 -28.86 -5.22
C GLU A 504 -12.43 -28.88 -5.06
N ILE A 505 -13.08 -27.76 -5.23
CA ILE A 505 -14.55 -27.59 -5.06
C ILE A 505 -15.21 -26.88 -6.24
N LEU A 506 -14.51 -26.52 -7.29
CA LEU A 506 -15.14 -25.72 -8.38
C LEU A 506 -16.32 -26.48 -9.08
N ALA A 507 -16.17 -27.75 -9.44
CA ALA A 507 -17.25 -28.58 -10.06
C ALA A 507 -18.49 -28.61 -9.18
N GLU A 508 -18.34 -28.97 -7.92
CA GLU A 508 -19.45 -29.05 -6.95
C GLU A 508 -20.14 -27.68 -6.79
N SER A 509 -19.41 -26.58 -6.88
CA SER A 509 -20.04 -25.24 -6.85
C SER A 509 -20.81 -24.93 -8.16
N GLU A 510 -20.29 -25.36 -9.27
CA GLU A 510 -21.07 -25.14 -10.50
C GLU A 510 -22.19 -26.17 -10.69
N PHE A 511 -22.23 -27.24 -9.92
CA PHE A 511 -23.16 -28.30 -10.32
C PHE A 511 -24.06 -28.78 -9.18
N ALA A 512 -23.56 -28.79 -7.95
CA ALA A 512 -24.30 -29.32 -6.81
C ALA A 512 -25.01 -28.24 -6.01
N ALA A 513 -25.01 -27.00 -6.47
CA ALA A 513 -25.63 -25.93 -5.65
C ALA A 513 -27.08 -25.75 -6.04
N PRO A 514 -27.97 -25.52 -5.08
CA PRO A 514 -29.34 -25.23 -5.41
C PRO A 514 -29.33 -23.97 -6.27
N THR A 515 -30.14 -23.92 -7.32
CA THR A 515 -30.28 -22.72 -8.18
C THR A 515 -30.52 -21.43 -7.37
N ILE A 516 -31.23 -21.46 -6.24
CA ILE A 516 -31.45 -20.24 -5.43
C ILE A 516 -30.11 -19.59 -5.06
N ILE A 517 -29.15 -20.38 -4.59
CA ILE A 517 -27.86 -19.88 -4.06
C ILE A 517 -27.25 -18.96 -5.08
N LYS A 518 -27.46 -19.26 -6.36
CA LYS A 518 -26.82 -18.46 -7.42
C LYS A 518 -27.52 -17.12 -7.60
N LEU A 519 -28.72 -16.94 -7.08
CA LEU A 519 -29.48 -15.70 -7.35
C LEU A 519 -29.41 -14.70 -6.20
N ILE A 520 -29.06 -15.15 -5.01
CA ILE A 520 -29.03 -14.25 -3.82
C ILE A 520 -28.18 -12.98 -4.10
N PRO A 521 -27.03 -13.00 -4.77
CA PRO A 521 -26.31 -11.75 -5.15
C PRO A 521 -27.16 -10.74 -5.94
N ILE A 522 -27.88 -11.13 -7.00
CA ILE A 522 -28.85 -10.26 -7.72
C ILE A 522 -29.94 -9.83 -6.73
N LEU A 523 -30.49 -10.74 -5.91
CA LEU A 523 -31.62 -10.34 -5.09
C LEU A 523 -31.20 -9.34 -4.03
N PHE A 524 -30.06 -9.58 -3.36
CA PHE A 524 -29.57 -8.63 -2.37
C PHE A 524 -29.20 -7.31 -3.02
N SER A 525 -28.60 -7.35 -4.22
CA SER A 525 -28.23 -6.11 -4.90
C SER A 525 -29.47 -5.30 -5.26
N THR A 526 -30.51 -5.97 -5.75
CA THR A 526 -31.76 -5.29 -6.06
C THR A 526 -32.38 -4.67 -4.81
N LEU A 527 -32.37 -5.42 -3.70
CA LEU A 527 -32.92 -4.89 -2.46
C LEU A 527 -32.13 -3.69 -1.97
N GLY A 528 -30.80 -3.74 -2.08
CA GLY A 528 -29.98 -2.61 -1.67
C GLY A 528 -30.21 -1.38 -2.52
N ALA A 529 -30.36 -1.56 -3.83
CA ALA A 529 -30.70 -0.44 -4.71
C ALA A 529 -32.04 0.17 -4.32
N PHE A 530 -33.02 -0.68 -4.03
CA PHE A 530 -34.34 -0.17 -3.65
C PHE A 530 -34.29 0.59 -2.33
N VAL A 531 -33.54 0.07 -1.35
CA VAL A 531 -33.41 0.74 -0.08
C VAL A 531 -32.68 2.07 -0.24
N ALA A 532 -31.66 2.11 -1.11
CA ALA A 532 -30.97 3.37 -1.35
C ALA A 532 -31.90 4.39 -1.98
N TYR A 533 -32.71 3.97 -2.96
CA TYR A 533 -33.69 4.87 -3.55
C TYR A 533 -34.64 5.43 -2.50
N ASN A 534 -35.12 4.58 -1.60
CA ASN A 534 -36.07 5.05 -0.60
C ASN A 534 -35.42 5.98 0.43
N VAL A 535 -34.21 5.64 0.87
CA VAL A 535 -33.54 6.46 1.88
C VAL A 535 -33.18 7.82 1.31
N ASN A 536 -32.67 7.87 0.09
CA ASN A 536 -32.12 9.12 -0.43
C ASN A 536 -33.10 9.90 -1.30
N LEU A 537 -34.35 9.47 -1.40
CA LEU A 537 -35.33 10.24 -2.15
C LEU A 537 -36.69 10.36 -1.46
N VAL A 538 -37.14 9.36 -0.76
CA VAL A 538 -38.49 9.40 -0.17
C VAL A 538 -38.27 9.14 1.31
N ALA A 539 -37.64 10.05 1.93
CA ALA A 539 -37.44 9.93 3.37
C ALA A 539 -37.28 11.39 3.71
N ASP A 540 -38.06 11.78 4.66
CA ASP A 540 -38.07 13.21 4.94
C ASP A 540 -37.88 13.34 6.45
N GLN A 541 -37.85 12.23 7.18
CA GLN A 541 -37.77 12.27 8.68
C GLN A 541 -37.02 11.07 9.31
N PHE A 542 -36.30 10.23 8.54
CA PHE A 542 -35.50 9.08 9.08
C PHE A 542 -34.14 9.65 9.53
N GLN A 543 -34.16 10.82 10.13
CA GLN A 543 -32.91 11.53 10.48
C GLN A 543 -33.30 12.22 11.77
N ARG A 544 -34.62 12.30 12.02
CA ARG A 544 -35.01 12.74 13.35
C ARG A 544 -34.51 11.82 14.45
N ALA A 545 -34.43 10.51 14.15
CA ALA A 545 -33.99 9.55 15.16
C ALA A 545 -32.58 9.85 15.64
N PHE A 546 -31.69 10.19 14.72
CA PHE A 546 -30.31 10.49 15.06
C PHE A 546 -30.18 11.79 15.86
N GLN A 547 -31.23 12.60 15.90
CA GLN A 547 -31.22 13.83 16.67
C GLN A 547 -32.04 13.75 17.96
N THR A 548 -32.86 12.70 18.12
CA THR A 548 -33.68 12.56 19.32
C THR A 548 -33.37 11.32 20.15
N SER A 549 -32.80 10.27 19.58
CA SER A 549 -32.49 9.04 20.30
C SER A 549 -30.99 8.97 20.55
N THR A 550 -30.57 8.70 21.77
CA THR A 550 -29.14 8.58 22.11
C THR A 550 -28.53 7.30 21.50
N PHE A 551 -29.25 6.21 21.51
CA PHE A 551 -28.79 4.91 20.97
C PHE A 551 -28.66 4.97 19.44
N CYS A 552 -29.58 5.63 18.75
CA CYS A 552 -29.54 5.70 17.28
C CYS A 552 -28.39 6.66 16.89
N ASN A 553 -28.21 7.77 17.60
CA ASN A 553 -27.11 8.75 17.39
C ASN A 553 -25.73 8.10 17.54
N ARG A 554 -25.54 7.27 18.56
CA ARG A 554 -24.25 6.60 18.83
C ARG A 554 -23.97 5.60 17.70
N LEU A 555 -25.00 4.90 17.24
CA LEU A 555 -24.88 3.93 16.14
C LEU A 555 -24.55 4.66 14.84
N TYR A 556 -25.23 5.75 14.56
CA TYR A 556 -24.84 6.59 13.40
C TYR A 556 -23.37 6.95 13.52
N SER A 557 -22.95 7.40 14.71
CA SER A 557 -21.51 7.72 14.92
C SER A 557 -20.65 6.45 14.79
N PHE A 558 -21.02 5.35 15.42
CA PHE A 558 -20.28 4.07 15.34
C PHE A 558 -19.93 3.75 13.91
N PHE A 559 -20.97 3.84 13.09
CA PHE A 559 -20.70 3.40 11.73
C PHE A 559 -20.01 4.48 10.90
N ASN A 560 -20.30 5.77 11.16
CA ASN A 560 -19.60 6.81 10.42
C ASN A 560 -18.14 6.91 10.83
N LYS A 561 -17.82 6.56 12.08
CA LYS A 561 -16.46 6.67 12.60
C LYS A 561 -15.72 5.34 12.60
N ARG A 562 -16.05 4.46 11.64
CA ARG A 562 -15.30 3.22 11.39
C ARG A 562 -15.18 2.34 12.62
N TRP A 563 -16.29 2.13 13.31
CA TRP A 563 -16.36 1.28 14.50
C TRP A 563 -15.48 1.78 15.64
N PHE A 564 -15.00 3.01 15.54
CA PHE A 564 -14.13 3.64 16.59
C PHE A 564 -12.77 2.93 16.60
N PHE A 565 -12.40 2.33 15.49
CA PHE A 565 -11.18 1.52 15.50
C PHE A 565 -9.94 2.40 15.66
N ASP A 566 -9.86 3.48 14.88
CA ASP A 566 -8.73 4.40 15.01
C ASP A 566 -8.70 5.04 16.39
N GLN A 567 -9.85 5.45 16.91
CA GLN A 567 -9.90 6.03 18.25
C GLN A 567 -9.35 5.07 19.28
N VAL A 568 -9.84 3.83 19.29
CA VAL A 568 -9.40 2.86 20.31
C VAL A 568 -7.92 2.57 20.17
N LEU A 569 -7.45 2.35 18.93
CA LEU A 569 -6.03 2.06 18.75
C LEU A 569 -5.16 3.21 19.22
N ASN A 570 -5.50 4.44 18.84
CA ASN A 570 -4.70 5.59 19.25
C ASN A 570 -4.76 5.80 20.76
N ASP A 571 -5.94 5.60 21.37
CA ASP A 571 -6.09 5.86 22.79
C ASP A 571 -5.38 4.84 23.65
N PHE A 572 -5.31 3.59 23.22
CA PHE A 572 -4.78 2.55 24.08
C PHE A 572 -3.42 2.02 23.67
N LEU A 573 -2.97 2.25 22.44
CA LEU A 573 -1.74 1.67 21.92
C LEU A 573 -0.71 2.74 21.58
N VAL A 574 -1.05 3.65 20.67
CA VAL A 574 -0.10 4.68 20.24
C VAL A 574 0.24 5.61 21.39
N ARG A 575 -0.78 6.07 22.12
CA ARG A 575 -0.54 6.90 23.29
C ARG A 575 0.25 6.15 24.35
N SER A 576 0.00 4.85 24.51
CA SER A 576 0.75 4.05 25.48
C SER A 576 2.24 4.06 25.15
N PHE A 577 2.59 3.74 23.91
CA PHE A 577 4.01 3.76 23.52
C PHE A 577 4.62 5.16 23.61
N LEU A 578 3.88 6.18 23.16
CA LEU A 578 4.40 7.54 23.21
C LEU A 578 4.66 7.97 24.65
N ARG A 579 3.79 7.61 25.57
CA ARG A 579 3.94 7.97 27.00
C ARG A 579 5.09 7.22 27.65
N PHE A 580 5.30 5.96 27.31
CA PHE A 580 6.44 5.15 27.78
C PHE A 580 7.72 5.83 27.36
N GLY A 581 7.74 6.25 26.10
CA GLY A 581 9.00 6.81 25.63
C GLY A 581 9.51 7.96 26.48
N TYR A 582 8.63 8.79 27.05
CA TYR A 582 9.00 9.98 27.90
C TYR A 582 9.00 9.63 29.40
N GLU A 583 7.90 9.17 29.95
CA GLU A 583 7.71 8.84 31.39
C GLU A 583 8.46 7.62 31.96
N VAL A 584 8.90 6.65 31.17
CA VAL A 584 9.54 5.45 31.74
C VAL A 584 10.99 5.37 31.30
N SER A 585 11.21 5.14 30.04
CA SER A 585 12.51 4.97 29.41
C SER A 585 13.44 6.19 29.62
N PHE A 586 12.87 7.38 29.53
CA PHE A 586 13.66 8.62 29.60
C PHE A 586 13.65 9.19 31.04
N GLU A 587 12.51 9.50 31.57
CA GLU A 587 12.34 10.16 32.89
C GLU A 587 12.47 9.23 34.10
N ALA A 588 11.81 8.08 34.14
CA ALA A 588 12.04 7.18 35.29
C ALA A 588 13.41 6.44 35.22
N LEU A 589 13.86 6.06 34.05
CA LEU A 589 15.14 5.30 33.89
C LEU A 589 16.27 6.20 33.35
N MET B 271 38.15 -16.31 22.67
CA MET B 271 39.04 -16.67 23.76
C MET B 271 38.32 -17.48 24.83
N PHE B 272 37.06 -17.16 25.08
CA PHE B 272 36.26 -17.81 26.12
C PHE B 272 34.96 -18.32 25.54
N PRO B 273 35.01 -19.33 24.67
CA PRO B 273 33.76 -19.79 24.03
C PRO B 273 32.74 -20.35 25.00
N GLU B 274 33.17 -21.02 26.07
CA GLU B 274 32.24 -21.58 27.04
C GLU B 274 31.51 -20.47 27.80
N ALA B 275 32.25 -19.46 28.25
CA ALA B 275 31.60 -18.31 28.88
C ALA B 275 30.70 -17.57 27.91
N THR B 276 31.15 -17.43 26.65
CA THR B 276 30.32 -16.81 25.63
C THR B 276 28.99 -17.54 25.49
N LEU B 277 29.02 -18.87 25.54
CA LEU B 277 27.79 -19.65 25.52
C LEU B 277 26.96 -19.40 26.77
N CYS B 278 27.60 -19.39 27.95
CA CYS B 278 26.87 -19.25 29.20
C CYS B 278 26.17 -17.90 29.29
N PHE B 279 26.79 -16.85 28.77
CA PHE B 279 26.27 -15.49 28.88
C PHE B 279 25.35 -15.09 27.73
N THR B 280 25.12 -15.96 26.75
CA THR B 280 24.32 -15.58 25.59
C THR B 280 22.91 -15.12 25.94
N PRO B 281 22.15 -15.80 26.81
CA PRO B 281 20.84 -15.24 27.20
C PRO B 281 20.94 -13.87 27.83
N PHE B 282 21.99 -13.63 28.63
CA PHE B 282 22.17 -12.33 29.26
C PHE B 282 22.38 -11.23 28.22
N ILE B 283 23.26 -11.48 27.25
CA ILE B 283 23.51 -10.52 26.19
C ILE B 283 22.24 -10.28 25.38
N TYR B 284 21.51 -11.35 25.06
CA TYR B 284 20.28 -11.22 24.30
C TYR B 284 19.28 -10.33 25.03
N THR B 285 19.11 -10.57 26.33
CA THR B 285 18.17 -9.77 27.12
C THR B 285 18.57 -8.30 27.16
N LEU B 286 19.84 -8.03 27.47
CA LEU B 286 20.31 -6.64 27.54
C LEU B 286 20.09 -5.93 26.21
N SER B 287 20.47 -6.57 25.10
CA SER B 287 20.34 -5.95 23.79
C SER B 287 18.89 -5.71 23.40
N ALA B 288 18.00 -6.61 23.67
CA ALA B 288 16.58 -6.49 23.32
C ALA B 288 15.93 -5.35 24.15
N ILE B 289 16.27 -5.31 25.43
CA ILE B 289 15.81 -4.20 26.26
C ILE B 289 16.32 -2.88 25.71
N ALA B 290 17.60 -2.83 25.34
CA ALA B 290 18.15 -1.59 24.80
C ALA B 290 17.43 -1.17 23.53
N ILE B 291 17.23 -2.10 22.60
CA ILE B 291 16.59 -1.76 21.33
C ILE B 291 15.22 -1.14 21.59
N ILE B 292 14.30 -1.81 22.28
CA ILE B 292 12.94 -1.31 22.58
C ILE B 292 12.95 0.01 23.40
N TYR B 293 13.66 0.00 24.52
CA TYR B 293 13.58 1.17 25.38
C TYR B 293 14.20 2.40 24.72
N THR B 294 15.39 2.27 24.22
CA THR B 294 16.10 3.39 23.54
C THR B 294 15.34 3.86 22.28
N SER B 295 14.76 2.95 21.49
CA SER B 295 13.95 3.41 20.36
C SER B 295 12.77 4.25 20.84
N LEU B 296 12.10 3.79 21.91
CA LEU B 296 10.97 4.56 22.43
C LEU B 296 11.43 5.90 23.00
N THR B 297 12.59 5.96 23.69
CA THR B 297 13.18 7.25 24.17
C THR B 297 13.48 8.17 22.98
N THR B 298 14.03 7.61 21.90
CA THR B 298 14.33 8.35 20.65
C THR B 298 13.05 9.04 20.19
N LEU B 299 11.94 8.30 20.22
CA LEU B 299 10.68 8.86 19.75
C LEU B 299 10.31 10.18 20.44
N ARG B 300 10.72 10.38 21.69
CA ARG B 300 10.29 11.53 22.47
C ARG B 300 11.38 12.59 22.64
N GLN B 301 12.43 12.54 21.86
CA GLN B 301 13.54 13.54 21.89
C GLN B 301 13.21 14.76 21.01
N ILE B 302 13.61 15.92 21.42
CA ILE B 302 13.26 17.17 20.74
C ILE B 302 14.47 17.85 20.11
N ASP B 303 15.64 17.24 20.19
CA ASP B 303 16.88 17.81 19.65
C ASP B 303 17.34 16.90 18.51
N LEU B 304 17.68 17.52 17.37
CA LEU B 304 18.16 16.78 16.19
C LEU B 304 19.27 15.80 16.56
N LYS B 305 20.35 16.34 17.15
CA LYS B 305 21.50 15.52 17.47
C LYS B 305 21.16 14.48 18.52
N LYS B 306 20.28 14.82 19.44
CA LYS B 306 19.85 13.84 20.46
C LYS B 306 19.10 12.66 19.76
N ILE B 307 18.29 12.91 18.74
CA ILE B 307 17.54 11.84 18.01
C ILE B 307 18.53 10.92 17.27
N ILE B 308 19.47 11.51 16.54
CA ILE B 308 20.49 10.73 15.79
C ILE B 308 21.39 9.94 16.76
N ALA B 309 21.83 10.56 17.84
CA ALA B 309 22.65 9.86 18.88
C ALA B 309 21.91 8.69 19.55
N TYR B 310 20.64 8.85 19.93
CA TYR B 310 19.88 7.73 20.56
C TYR B 310 19.72 6.58 19.56
N SER B 311 19.44 6.90 18.29
CA SER B 311 19.34 5.88 17.20
C SER B 311 20.54 4.91 17.19
N SER B 312 21.76 5.43 17.38
CA SER B 312 22.98 4.61 17.42
C SER B 312 22.98 3.54 18.55
N VAL B 313 22.36 3.81 19.67
CA VAL B 313 22.26 2.80 20.76
C VAL B 313 21.46 1.57 20.28
N ALA B 314 20.30 1.78 19.69
CA ALA B 314 19.48 0.69 19.13
C ALA B 314 20.26 -0.09 18.05
N HIS B 315 20.98 0.58 17.16
CA HIS B 315 21.71 -0.08 16.09
C HIS B 315 22.86 -0.95 16.63
N MET B 316 23.62 -0.43 17.60
CA MET B 316 24.75 -1.19 18.13
C MET B 316 24.29 -2.40 18.94
N ASN B 317 23.15 -2.30 19.62
CA ASN B 317 22.69 -3.47 20.36
C ASN B 317 22.14 -4.55 19.42
N LEU B 318 21.57 -4.14 18.28
CA LEU B 318 21.28 -5.13 17.24
C LEU B 318 22.57 -5.81 16.78
N VAL B 319 23.65 -5.03 16.62
CA VAL B 319 24.94 -5.60 16.25
C VAL B 319 25.38 -6.66 17.27
N THR B 320 25.18 -6.37 18.56
CA THR B 320 25.60 -7.34 19.58
C THR B 320 24.78 -8.62 19.51
N ILE B 321 23.46 -8.49 19.28
CA ILE B 321 22.65 -9.69 19.08
C ILE B 321 23.21 -10.52 17.93
N GLY B 322 23.53 -9.87 16.82
CA GLY B 322 24.08 -10.59 15.69
C GLY B 322 25.36 -11.33 16.02
N MET B 323 26.31 -10.64 16.66
CA MET B 323 27.60 -11.26 16.90
C MET B 323 27.51 -12.37 17.95
N PHE B 324 26.58 -12.29 18.88
CA PHE B 324 26.45 -13.35 19.87
C PHE B 324 25.54 -14.48 19.40
N SER B 325 24.93 -14.34 18.22
CA SER B 325 24.29 -15.49 17.58
C SER B 325 25.28 -16.58 17.19
N LEU B 326 26.54 -16.23 16.93
CA LEU B 326 27.62 -17.19 16.69
C LEU B 326 27.34 -18.10 15.50
N ASN B 327 26.94 -17.50 14.38
CA ASN B 327 26.88 -18.21 13.10
C ASN B 327 27.26 -17.24 11.99
N ILE B 328 27.23 -17.66 10.72
CA ILE B 328 27.73 -16.85 9.57
C ILE B 328 26.86 -15.63 9.32
N GLN B 329 25.58 -15.83 9.28
CA GLN B 329 24.64 -14.72 9.13
C GLN B 329 24.84 -13.72 10.30
N GLY B 330 24.93 -14.25 11.52
CA GLY B 330 25.01 -13.33 12.65
C GLY B 330 26.25 -12.45 12.63
N ILE B 331 27.43 -13.09 12.53
CA ILE B 331 28.68 -12.32 12.59
C ILE B 331 28.88 -11.48 11.32
N GLY B 332 28.57 -12.05 10.15
CA GLY B 332 28.64 -11.27 8.93
C GLY B 332 27.75 -10.06 8.97
N GLY B 333 26.50 -10.24 9.43
CA GLY B 333 25.60 -9.11 9.54
C GLY B 333 26.05 -8.10 10.58
N SER B 334 26.63 -8.58 11.68
CA SER B 334 27.13 -7.65 12.70
C SER B 334 28.24 -6.77 12.13
N ILE B 335 29.18 -7.36 11.39
CA ILE B 335 30.26 -6.57 10.81
C ILE B 335 29.72 -5.61 9.74
N LEU B 336 28.82 -6.09 8.88
CA LEU B 336 28.26 -5.25 7.83
C LEU B 336 27.47 -4.10 8.40
N LEU B 337 26.69 -4.36 9.46
CA LEU B 337 25.94 -3.29 10.09
C LEU B 337 26.86 -2.31 10.81
N MET B 338 27.96 -2.79 11.38
CA MET B 338 28.93 -1.87 11.98
C MET B 338 29.45 -0.89 10.93
N LEU B 339 29.89 -1.40 9.78
CA LEU B 339 30.39 -0.52 8.73
C LEU B 339 29.29 0.40 8.19
N SER B 340 28.11 -0.16 7.95
CA SER B 340 27.02 0.64 7.40
C SER B 340 26.60 1.74 8.36
N HIS B 341 26.50 1.40 9.65
CA HIS B 341 26.18 2.43 10.67
C HIS B 341 27.26 3.52 10.64
N GLY B 342 28.53 3.11 10.59
CA GLY B 342 29.61 4.08 10.51
C GLY B 342 29.46 5.05 9.36
N LEU B 343 28.89 4.58 8.24
CA LEU B 343 28.63 5.52 7.15
C LEU B 343 27.36 6.35 7.40
N VAL B 344 26.27 5.68 7.79
CA VAL B 344 24.95 6.31 7.81
C VAL B 344 24.83 7.33 8.96
N SER B 345 25.23 6.94 10.16
CA SER B 345 25.15 7.87 11.29
C SER B 345 26.07 9.06 11.08
N SER B 346 27.24 8.83 10.47
CA SER B 346 28.14 9.93 10.15
C SER B 346 27.49 10.90 9.17
N ALA B 347 26.83 10.37 8.13
CA ALA B 347 26.15 11.25 7.18
C ALA B 347 25.02 12.02 7.86
N LEU B 348 24.28 11.37 8.78
CA LEU B 348 23.20 12.06 9.47
C LEU B 348 23.73 13.19 10.37
N PHE B 349 24.82 12.93 11.08
CA PHE B 349 25.46 13.98 11.87
C PHE B 349 25.93 15.11 10.96
N LEU B 350 26.39 14.78 9.75
CA LEU B 350 26.79 15.81 8.79
C LEU B 350 25.60 16.65 8.35
N CYS B 351 24.44 16.02 8.15
CA CYS B 351 23.24 16.77 7.78
C CYS B 351 22.84 17.74 8.88
N VAL B 352 22.79 17.25 10.12
CA VAL B 352 22.45 18.12 11.25
C VAL B 352 23.47 19.22 11.39
N GLY B 353 24.75 18.93 11.13
CA GLY B 353 25.77 19.94 11.20
C GLY B 353 25.61 21.01 10.13
N VAL B 354 25.20 20.60 8.92
CA VAL B 354 24.88 21.58 7.89
C VAL B 354 23.80 22.52 8.38
N LEU B 355 22.78 21.99 9.04
CA LEU B 355 21.71 22.84 9.54
C LEU B 355 22.20 23.75 10.69
N TYR B 356 23.04 23.21 11.58
CA TYR B 356 23.46 23.96 12.76
C TYR B 356 24.44 25.08 12.40
N ASP B 357 25.32 24.84 11.42
CA ASP B 357 26.29 25.86 11.03
C ASP B 357 25.61 27.14 10.55
N ARG B 358 24.44 27.00 9.91
CA ARG B 358 23.72 28.17 9.39
C ARG B 358 22.85 28.81 10.47
N HIS B 359 22.06 28.00 11.15
CA HIS B 359 20.98 28.46 12.04
C HIS B 359 21.27 28.41 13.54
N LYS B 360 22.29 27.67 13.99
CA LYS B 360 22.71 27.61 15.40
C LYS B 360 21.55 27.24 16.34
N THR B 361 20.79 26.21 15.96
CA THR B 361 19.84 25.62 16.90
C THR B 361 19.70 24.14 16.58
N ARG B 362 19.48 23.35 17.62
CA ARG B 362 19.24 21.92 17.48
C ARG B 362 17.80 21.56 17.77
N LEU B 363 16.99 22.53 18.18
CA LEU B 363 15.61 22.27 18.57
C LEU B 363 14.76 22.09 17.33
N VAL B 364 14.06 20.96 17.25
CA VAL B 364 13.29 20.61 16.05
C VAL B 364 12.20 21.63 15.78
N ARG B 365 11.61 22.23 16.82
CA ARG B 365 10.45 23.08 16.62
C ARG B 365 10.78 24.31 15.77
N TYR B 366 12.02 24.78 15.77
CA TYR B 366 12.35 25.97 15.00
C TYR B 366 12.33 25.70 13.50
N TYR B 367 12.65 24.47 13.09
CA TYR B 367 12.74 24.16 11.68
C TYR B 367 11.38 23.77 11.12
N GLY B 368 11.34 23.42 9.84
CA GLY B 368 10.10 23.09 9.18
C GLY B 368 9.98 23.76 7.82
N GLY B 369 9.45 23.04 6.83
CA GLY B 369 9.28 23.59 5.52
C GLY B 369 10.55 23.80 4.73
N LEU B 370 11.66 23.17 5.16
CA LEU B 370 12.94 23.37 4.51
C LEU B 370 12.99 22.79 3.10
N VAL B 371 12.03 21.96 2.69
CA VAL B 371 12.05 21.42 1.34
C VAL B 371 11.95 22.55 0.32
N SER B 372 11.25 23.63 0.66
CA SER B 372 11.04 24.73 -0.28
C SER B 372 12.23 25.68 -0.39
N THR B 373 13.14 25.68 0.59
CA THR B 373 14.32 26.53 0.50
C THR B 373 15.62 25.75 0.32
N MET B 374 15.68 24.50 0.73
CA MET B 374 16.88 23.67 0.61
C MET B 374 16.56 22.31 0.01
N PRO B 375 16.08 22.27 -1.24
CA PRO B 375 15.68 20.96 -1.82
C PRO B 375 16.82 19.96 -1.95
N ASN B 376 18.05 20.40 -2.24
CA ASN B 376 19.16 19.46 -2.34
C ASN B 376 19.46 18.81 -0.99
N PHE B 377 19.58 19.65 0.05
CA PHE B 377 19.73 19.12 1.41
C PHE B 377 18.56 18.22 1.77
N SER B 378 17.35 18.61 1.39
CA SER B 378 16.17 17.81 1.73
C SER B 378 16.25 16.42 1.10
N THR B 379 16.66 16.35 -0.16
CA THR B 379 16.76 15.06 -0.85
C THR B 379 17.83 14.18 -0.21
N ILE B 380 19.02 14.75 0.04
CA ILE B 380 20.09 13.96 0.65
C ILE B 380 19.70 13.51 2.06
N PHE B 381 19.08 14.40 2.83
CA PHE B 381 18.60 14.06 4.17
C PHE B 381 17.57 12.94 4.12
N PHE B 382 16.67 12.98 3.14
CA PHE B 382 15.69 11.90 3.00
C PHE B 382 16.38 10.58 2.68
N PHE B 383 17.38 10.60 1.81
CA PHE B 383 18.09 9.36 1.48
C PHE B 383 18.71 8.75 2.72
N PHE B 384 19.41 9.57 3.52
CA PHE B 384 20.07 9.00 4.68
C PHE B 384 19.05 8.64 5.77
N THR B 385 17.90 9.31 5.79
CA THR B 385 16.80 8.90 6.66
C THR B 385 16.30 7.50 6.29
N LEU B 386 16.13 7.25 4.99
CA LEU B 386 15.75 5.91 4.54
C LEU B 386 16.79 4.88 4.93
N ALA B 387 18.07 5.22 4.76
CA ALA B 387 19.13 4.29 5.13
C ALA B 387 19.09 3.98 6.62
N ASN B 388 18.84 4.98 7.46
CA ASN B 388 18.69 4.73 8.90
C ASN B 388 17.47 3.88 9.23
N MET B 389 16.47 3.76 8.39
CA MET B 389 15.29 2.86 8.64
C MET B 389 15.57 1.44 8.10
N SER B 390 16.74 1.16 7.58
CA SER B 390 17.14 -0.18 7.01
C SER B 390 16.28 -0.52 5.76
N LEU B 391 15.85 0.49 5.02
CA LEU B 391 15.17 0.30 3.73
C LEU B 391 15.96 -0.64 2.80
N PRO B 392 15.33 -1.70 2.28
CA PRO B 392 16.03 -2.56 1.32
C PRO B 392 16.52 -1.75 0.12
N GLY B 393 17.73 -2.09 -0.32
CA GLY B 393 18.48 -1.30 -1.25
C GLY B 393 19.59 -0.49 -0.59
N THR B 394 19.45 -0.16 0.68
CA THR B 394 20.49 0.55 1.43
C THR B 394 21.39 -0.46 2.15
N SER B 395 22.58 0.01 2.51
CA SER B 395 23.58 -0.85 3.13
C SER B 395 23.11 -1.41 4.46
N SER B 396 22.38 -0.63 5.26
CA SER B 396 22.02 -1.07 6.59
C SER B 396 21.04 -2.24 6.58
N PHE B 397 20.22 -2.35 5.53
CA PHE B 397 19.27 -3.45 5.45
C PHE B 397 19.99 -4.80 5.38
N ILE B 398 21.10 -4.86 4.65
CA ILE B 398 21.83 -6.13 4.52
C ILE B 398 22.24 -6.66 5.89
N GLY B 399 22.93 -5.82 6.65
CA GLY B 399 23.38 -6.22 7.97
C GLY B 399 22.21 -6.52 8.91
N GLU B 400 21.17 -5.67 8.86
CA GLU B 400 20.02 -5.87 9.74
C GLU B 400 19.35 -7.21 9.48
N PHE B 401 19.09 -7.53 8.21
CA PHE B 401 18.39 -8.78 7.91
C PHE B 401 19.28 -9.98 8.14
N LEU B 402 20.58 -9.88 7.86
CA LEU B 402 21.47 -11.00 8.12
C LEU B 402 21.57 -11.27 9.62
N ILE B 403 21.50 -10.22 10.44
CA ILE B 403 21.53 -10.40 11.88
C ILE B 403 20.22 -11.05 12.36
N LEU B 404 19.09 -10.63 11.80
CA LEU B 404 17.84 -11.27 12.15
C LEU B 404 17.83 -12.74 11.74
N VAL B 405 18.42 -13.06 10.58
CA VAL B 405 18.55 -14.45 10.16
C VAL B 405 19.39 -15.23 11.17
N GLY B 406 20.53 -14.67 11.57
CA GLY B 406 21.39 -15.36 12.52
C GLY B 406 20.72 -15.58 13.86
N ALA B 407 19.97 -14.58 14.33
CA ALA B 407 19.30 -14.70 15.62
C ALA B 407 18.15 -15.69 15.58
N PHE B 408 17.38 -15.71 14.48
CA PHE B 408 16.21 -16.58 14.40
C PHE B 408 16.62 -18.04 14.49
N GLN B 409 17.74 -18.41 13.87
CA GLN B 409 18.18 -19.80 13.91
C GLN B 409 18.60 -20.25 15.31
N ARG B 410 18.95 -19.32 16.20
CA ARG B 410 19.31 -19.66 17.57
C ARG B 410 18.13 -19.55 18.53
N ASN B 411 17.43 -18.40 18.49
CA ASN B 411 16.34 -18.11 19.42
C ASN B 411 15.32 -17.27 18.68
N SER B 412 14.12 -17.82 18.48
CA SER B 412 13.11 -17.08 17.74
C SER B 412 12.58 -15.89 18.54
N LEU B 413 12.45 -15.97 19.86
CA LEU B 413 12.02 -14.81 20.68
C LEU B 413 12.94 -13.57 20.55
N VAL B 414 14.23 -13.76 20.65
CA VAL B 414 15.18 -12.64 20.52
C VAL B 414 15.09 -12.00 19.13
N ALA B 415 14.97 -12.82 18.08
CA ALA B 415 14.76 -12.29 16.72
C ALA B 415 13.46 -11.49 16.64
N THR B 416 12.43 -11.95 17.32
CA THR B 416 11.11 -11.29 17.31
C THR B 416 11.19 -9.91 18.01
N LEU B 417 11.85 -9.88 19.15
CA LEU B 417 12.04 -8.60 19.90
C LEU B 417 12.93 -7.66 19.07
N ALA B 418 13.98 -8.16 18.43
CA ALA B 418 14.89 -7.38 17.57
C ALA B 418 14.22 -6.87 16.28
N ALA B 419 13.30 -7.61 15.71
CA ALA B 419 12.57 -7.15 14.51
C ALA B 419 11.59 -5.97 14.84
N LEU B 420 11.16 -5.79 16.10
CA LEU B 420 10.38 -4.57 16.54
C LEU B 420 11.09 -3.27 16.17
N GLY B 421 12.43 -3.26 16.15
CA GLY B 421 13.22 -2.12 15.66
C GLY B 421 12.80 -1.61 14.29
N MET B 422 12.45 -2.48 13.35
CA MET B 422 11.89 -2.08 12.04
C MET B 422 10.70 -1.12 12.26
N ILE B 423 9.86 -1.34 13.22
CA ILE B 423 8.69 -0.47 13.41
C ILE B 423 9.10 0.85 14.13
N LEU B 424 9.90 0.74 15.17
CA LEU B 424 10.20 1.93 15.99
C LEU B 424 11.18 2.88 15.29
N GLY B 425 12.23 2.33 14.65
CA GLY B 425 13.17 3.17 13.94
C GLY B 425 12.52 3.93 12.79
N ALA B 426 11.59 3.27 12.05
CA ALA B 426 10.81 3.95 11.02
C ALA B 426 10.07 5.12 11.67
N ALA B 427 9.40 4.83 12.74
CA ALA B 427 8.59 5.87 13.36
C ALA B 427 9.42 7.12 13.65
N TYR B 428 10.54 6.96 14.36
CA TYR B 428 11.26 8.17 14.76
C TYR B 428 11.98 8.81 13.57
N SER B 429 12.48 8.01 12.62
CA SER B 429 13.19 8.57 11.48
C SER B 429 12.25 9.39 10.61
N LEU B 430 11.08 8.85 10.28
CA LEU B 430 10.14 9.60 9.45
C LEU B 430 9.59 10.81 10.19
N TRP B 431 9.34 10.69 11.51
CA TRP B 431 8.86 11.84 12.25
C TRP B 431 9.88 12.97 12.23
N LEU B 432 11.15 12.65 12.47
CA LEU B 432 12.21 13.65 12.38
C LEU B 432 12.23 14.31 11.02
N TYR B 433 12.27 13.49 9.95
CA TYR B 433 12.38 14.06 8.62
C TYR B 433 11.21 14.98 8.30
N ASN B 434 9.99 14.56 8.65
CA ASN B 434 8.83 15.37 8.29
C ASN B 434 8.72 16.63 9.13
N ARG B 435 9.18 16.59 10.38
CA ARG B 435 9.16 17.81 11.19
C ARG B 435 10.24 18.79 10.75
N VAL B 436 11.34 18.31 10.18
CA VAL B 436 12.40 19.22 9.76
C VAL B 436 12.16 19.79 8.36
N VAL B 437 11.79 18.93 7.41
CA VAL B 437 11.81 19.27 6.00
C VAL B 437 10.43 19.60 5.46
N SER B 438 9.40 18.87 5.91
CA SER B 438 8.06 19.05 5.40
C SER B 438 7.34 20.17 6.14
N GLY B 439 6.13 20.46 5.71
CA GLY B 439 5.34 21.52 6.31
C GLY B 439 5.64 22.88 5.70
N ASN B 440 5.28 23.91 6.45
CA ASN B 440 5.49 25.28 6.04
C ASN B 440 6.69 25.88 6.75
N LEU B 441 7.27 26.90 6.13
CA LEU B 441 8.29 27.68 6.80
C LEU B 441 7.68 28.45 7.97
N LYS B 442 8.54 28.80 8.93
CA LYS B 442 8.17 29.60 10.09
C LYS B 442 9.06 30.83 10.08
N PRO B 443 8.71 31.86 9.31
CA PRO B 443 9.62 33.00 9.11
C PRO B 443 9.92 33.78 10.38
N ASP B 444 9.11 33.69 11.42
CA ASP B 444 9.44 34.34 12.68
C ASP B 444 10.64 33.72 13.37
N PHE B 445 10.99 32.48 13.05
CA PHE B 445 12.21 31.87 13.55
C PHE B 445 13.34 31.92 12.52
N LEU B 446 13.09 31.53 11.29
CA LEU B 446 14.10 31.45 10.25
C LEU B 446 13.50 32.03 8.97
N HIS B 447 14.22 32.87 8.28
CA HIS B 447 13.71 33.57 7.09
C HIS B 447 14.82 33.66 6.05
N LYS B 448 16.02 33.38 6.43
CA LYS B 448 17.18 33.40 5.50
C LYS B 448 17.78 31.99 5.36
N PHE B 449 18.00 31.56 4.14
CA PHE B 449 18.38 30.15 3.87
C PHE B 449 19.43 30.04 2.77
N SER B 450 20.18 28.96 2.84
CA SER B 450 21.15 28.62 1.80
C SER B 450 21.21 27.11 1.69
N ASP B 451 21.04 26.60 0.47
CA ASP B 451 21.22 25.18 0.21
C ASP B 451 22.71 24.84 0.26
N LEU B 452 23.03 23.58 -0.01
CA LEU B 452 24.40 23.10 0.11
C LEU B 452 25.32 23.77 -0.91
N ASN B 453 26.54 24.11 -0.47
CA ASN B 453 27.56 24.56 -1.39
C ASN B 453 28.29 23.35 -1.98
N GLY B 454 29.28 23.63 -2.84
CA GLY B 454 29.97 22.55 -3.52
C GLY B 454 30.70 21.61 -2.58
N ARG B 455 31.32 22.16 -1.53
CA ARG B 455 32.04 21.33 -0.57
C ARG B 455 31.11 20.34 0.12
N GLU B 456 29.93 20.80 0.54
CA GLU B 456 28.98 19.94 1.23
C GLU B 456 28.46 18.83 0.31
N VAL B 457 28.16 19.17 -0.94
CA VAL B 457 27.70 18.17 -1.90
C VAL B 457 28.78 17.13 -2.12
N PHE B 458 30.02 17.57 -2.32
CA PHE B 458 31.11 16.62 -2.50
C PHE B 458 31.27 15.72 -1.28
N ILE B 459 31.17 16.31 -0.08
CA ILE B 459 31.28 15.52 1.14
C ILE B 459 30.23 14.41 1.15
N PHE B 460 29.01 14.74 0.73
CA PHE B 460 27.95 13.73 0.77
C PHE B 460 28.12 12.64 -0.29
N ILE B 461 28.74 12.97 -1.43
CA ILE B 461 28.78 12.00 -2.55
C ILE B 461 29.34 10.62 -2.15
N PRO B 462 30.53 10.52 -1.54
CA PRO B 462 31.03 9.17 -1.21
C PRO B 462 30.17 8.41 -0.24
N PHE B 463 29.50 9.08 0.69
CA PHE B 463 28.57 8.39 1.59
C PHE B 463 27.41 7.77 0.80
N LEU B 464 26.84 8.51 -0.15
CA LEU B 464 25.78 7.97 -0.99
C LEU B 464 26.27 6.77 -1.79
N VAL B 465 27.45 6.91 -2.41
CA VAL B 465 27.99 5.83 -3.23
C VAL B 465 28.22 4.59 -2.39
N GLY B 466 28.82 4.75 -1.21
CA GLY B 466 29.09 3.60 -0.36
C GLY B 466 27.82 2.92 0.13
N LEU B 467 26.83 3.72 0.53
CA LEU B 467 25.56 3.15 0.99
C LEU B 467 24.90 2.33 -0.10
N VAL B 468 24.78 2.90 -1.31
CA VAL B 468 24.15 2.16 -2.41
C VAL B 468 24.98 0.93 -2.78
N TRP B 469 26.31 1.08 -2.80
CA TRP B 469 27.19 -0.01 -3.21
C TRP B 469 27.08 -1.21 -2.29
N MET B 470 27.13 -0.97 -0.98
CA MET B 470 26.94 -2.08 -0.05
C MET B 470 25.51 -2.59 -0.08
N GLY B 471 24.53 -1.72 -0.32
CA GLY B 471 23.15 -2.15 -0.34
C GLY B 471 22.81 -3.09 -1.48
N VAL B 472 23.38 -2.86 -2.67
CA VAL B 472 22.95 -3.65 -3.82
C VAL B 472 23.89 -4.81 -4.11
N TYR B 473 25.17 -4.65 -3.79
CA TYR B 473 26.17 -5.70 -4.06
C TYR B 473 27.09 -5.87 -2.87
N PRO B 474 26.57 -6.37 -1.74
CA PRO B 474 27.44 -6.62 -0.57
C PRO B 474 28.42 -7.76 -0.75
N LYS B 475 28.44 -8.40 -1.92
CA LYS B 475 29.34 -9.53 -2.15
C LYS B 475 30.81 -9.12 -2.07
N VAL B 476 31.16 -7.91 -2.53
CA VAL B 476 32.55 -7.48 -2.47
C VAL B 476 33.08 -7.51 -1.05
N PHE B 477 32.24 -7.13 -0.08
CA PHE B 477 32.65 -7.14 1.31
C PHE B 477 32.60 -8.56 1.90
N LEU B 478 31.50 -9.27 1.67
CA LEU B 478 31.31 -10.58 2.30
C LEU B 478 32.30 -11.61 1.80
N ASP B 479 32.76 -11.49 0.54
CA ASP B 479 33.73 -12.44 0.00
C ASP B 479 35.08 -12.32 0.71
N CYS B 480 35.48 -11.11 1.08
CA CYS B 480 36.75 -10.94 1.77
C CYS B 480 36.67 -11.29 3.26
N MET B 481 35.47 -11.50 3.80
CA MET B 481 35.31 -11.72 5.23
C MET B 481 35.02 -13.15 5.62
N HIS B 482 34.38 -13.95 4.74
CA HIS B 482 33.87 -15.30 5.06
C HIS B 482 34.90 -16.23 5.73
N THR B 483 36.12 -16.29 5.27
CA THR B 483 37.07 -17.22 5.89
C THR B 483 37.34 -16.83 7.35
N SER B 484 37.59 -15.55 7.60
CA SER B 484 37.81 -15.08 8.97
C SER B 484 36.58 -15.30 9.84
N VAL B 485 35.40 -14.96 9.33
CA VAL B 485 34.17 -15.12 10.08
C VAL B 485 33.95 -16.60 10.40
N SER B 486 34.19 -17.46 9.42
CA SER B 486 34.01 -18.90 9.61
C SER B 486 34.93 -19.44 10.68
N ASN B 487 36.20 -19.02 10.65
CA ASN B 487 37.12 -19.52 11.67
C ASN B 487 36.79 -18.97 13.04
N LEU B 488 36.28 -17.74 13.13
CA LEU B 488 35.80 -17.21 14.40
C LEU B 488 34.63 -18.04 14.94
N VAL B 489 33.69 -18.40 14.06
CA VAL B 489 32.52 -19.15 14.48
C VAL B 489 32.92 -20.54 14.97
N GLN B 490 33.92 -21.15 14.33
CA GLN B 490 34.28 -22.53 14.66
C GLN B 490 35.23 -22.61 15.86
N HIS B 491 35.91 -21.53 16.21
CA HIS B 491 36.96 -21.59 17.23
C HIS B 491 36.42 -22.14 18.54
N GLY B 492 37.13 -23.12 19.10
CA GLY B 492 36.74 -23.76 20.33
C GLY B 492 36.03 -25.10 20.18
N LYS B 493 35.62 -25.45 18.97
CA LYS B 493 34.96 -26.72 18.69
C LYS B 493 35.68 -27.46 17.58
N PHE B 494 35.55 -28.78 17.58
CA PHE B 494 36.24 -29.61 16.60
C PHE B 494 35.31 -30.65 15.99
N HIS B 495 34.07 -30.25 15.73
CA HIS B 495 33.15 -31.10 14.99
C HIS B 495 32.20 -30.24 14.17
N ASP C 39 -11.32 35.01 -11.98
CA ASP C 39 -11.20 36.48 -11.77
C ASP C 39 -11.87 36.91 -10.46
N HIS C 40 -11.52 38.10 -9.93
CA HIS C 40 -12.21 38.65 -8.73
C HIS C 40 -13.61 39.08 -9.09
N LEU C 41 -14.44 39.37 -8.11
CA LEU C 41 -15.77 39.88 -8.45
C LEU C 41 -15.72 41.38 -8.15
N SER C 42 -16.35 42.17 -8.99
CA SER C 42 -16.37 43.63 -8.84
C SER C 42 -17.29 44.03 -7.70
N ARG C 43 -16.91 45.07 -6.94
CA ARG C 43 -17.79 45.58 -5.85
C ARG C 43 -19.23 45.62 -6.33
N GLU C 44 -19.47 46.05 -7.56
CA GLU C 44 -20.84 46.21 -8.05
C GLU C 44 -21.57 44.87 -7.97
N ALA C 45 -21.04 43.85 -8.61
CA ALA C 45 -21.53 42.48 -8.52
C ALA C 45 -21.73 42.05 -7.08
N VAL C 46 -20.76 42.34 -6.21
CA VAL C 46 -21.02 41.94 -4.82
C VAL C 46 -22.27 42.71 -4.38
N VAL C 47 -22.32 44.04 -4.59
CA VAL C 47 -23.45 44.82 -4.04
C VAL C 47 -24.77 44.21 -4.54
N ASP C 48 -24.84 43.99 -5.84
CA ASP C 48 -26.07 43.51 -6.42
C ASP C 48 -26.49 42.18 -5.81
N ARG C 49 -25.61 41.19 -5.76
CA ARG C 49 -25.99 39.87 -5.25
C ARG C 49 -26.25 39.89 -3.71
N VAL C 50 -25.58 40.74 -2.93
CA VAL C 50 -25.91 40.84 -1.52
C VAL C 50 -27.29 41.47 -1.34
N LEU C 51 -27.57 42.55 -2.07
CA LEU C 51 -28.88 43.18 -1.96
C LEU C 51 -29.99 42.27 -2.45
N ASP C 52 -29.69 41.41 -3.45
CA ASP C 52 -30.69 40.42 -3.86
C ASP C 52 -30.95 39.41 -2.75
N VAL C 53 -29.89 38.98 -2.05
CA VAL C 53 -30.07 38.05 -0.94
C VAL C 53 -30.96 38.68 0.13
N VAL C 54 -30.67 39.93 0.49
CA VAL C 54 -31.44 40.59 1.55
C VAL C 54 -32.88 40.84 1.08
N LYS C 55 -33.06 41.13 -0.20
CA LYS C 55 -34.39 41.39 -0.74
C LYS C 55 -35.32 40.19 -0.62
N SER C 56 -34.77 38.97 -0.60
CA SER C 56 -35.59 37.77 -0.55
C SER C 56 -36.17 37.51 0.83
N PHE C 57 -35.78 38.26 1.84
CA PHE C 57 -36.29 37.99 3.18
C PHE C 57 -37.75 38.41 3.29
N PRO C 58 -38.63 37.56 3.85
CA PRO C 58 -40.07 37.86 3.81
C PRO C 58 -40.47 39.10 4.61
N LYS C 59 -39.95 39.29 5.82
CA LYS C 59 -40.26 40.53 6.54
C LYS C 59 -39.73 41.75 5.82
N VAL C 60 -38.52 41.65 5.24
CA VAL C 60 -37.93 42.80 4.56
C VAL C 60 -38.78 43.17 3.36
N ASP C 61 -39.15 44.44 3.26
CA ASP C 61 -39.91 44.93 2.12
C ASP C 61 -38.93 45.38 1.02
N PRO C 62 -39.03 44.83 -0.18
CA PRO C 62 -38.06 45.18 -1.23
C PRO C 62 -38.25 46.58 -1.79
N SER C 63 -38.22 47.59 -0.92
CA SER C 63 -38.20 48.97 -1.34
C SER C 63 -37.21 49.84 -0.57
N LYS C 64 -36.69 49.37 0.57
CA LYS C 64 -35.81 50.16 1.42
C LYS C 64 -34.52 49.41 1.72
N VAL C 65 -34.02 48.64 0.75
CA VAL C 65 -32.78 47.89 0.92
C VAL C 65 -31.74 48.56 0.05
N THR C 66 -30.93 49.41 0.65
CA THR C 66 -29.78 50.05 0.02
C THR C 66 -28.51 49.34 0.47
N PRO C 67 -27.37 49.62 -0.17
CA PRO C 67 -26.11 49.02 0.29
C PRO C 67 -25.58 49.60 1.60
N GLU C 68 -26.40 50.40 2.29
CA GLU C 68 -25.98 50.95 3.58
C GLU C 68 -27.03 50.81 4.67
N VAL C 69 -28.09 50.02 4.45
CA VAL C 69 -29.13 49.89 5.46
C VAL C 69 -28.67 48.96 6.58
N HIS C 70 -29.21 49.12 7.76
CA HIS C 70 -28.80 48.29 8.91
C HIS C 70 -29.94 47.31 9.13
N PHE C 71 -29.68 46.10 9.59
CA PHE C 71 -30.88 45.19 9.56
C PHE C 71 -31.85 45.39 10.72
N GLN C 72 -31.37 45.68 11.92
CA GLN C 72 -32.23 45.82 13.12
C GLN C 72 -32.59 47.28 13.34
N ASN C 73 -32.28 48.15 12.40
CA ASN C 73 -32.65 49.55 12.53
C ASN C 73 -33.58 50.02 11.42
N ASP C 74 -33.25 49.72 10.16
CA ASP C 74 -34.05 50.19 9.04
C ASP C 74 -35.06 49.14 8.56
N LEU C 75 -34.69 47.87 8.59
CA LEU C 75 -35.50 46.83 7.99
C LEU C 75 -36.46 46.16 8.98
N GLY C 76 -36.34 46.45 10.27
CA GLY C 76 -37.23 45.90 11.27
C GLY C 76 -37.10 44.41 11.44
N LEU C 77 -35.91 43.95 11.80
CA LEU C 77 -35.65 42.52 11.92
C LEU C 77 -35.01 42.22 13.27
N ASP C 78 -35.30 41.03 13.77
CA ASP C 78 -34.56 40.50 14.91
C ASP C 78 -33.19 40.01 14.45
N SER C 79 -32.29 39.94 15.41
CA SER C 79 -30.90 39.50 15.13
C SER C 79 -30.78 38.00 14.77
N LEU C 80 -31.76 37.11 15.02
CA LEU C 80 -31.79 35.76 14.47
C LEU C 80 -32.07 35.79 12.98
N ASP C 81 -32.93 36.72 12.55
CA ASP C 81 -33.09 36.96 11.12
C ASP C 81 -31.78 37.38 10.49
N THR C 82 -30.98 38.13 11.22
CA THR C 82 -29.67 38.59 10.70
C THR C 82 -28.80 37.34 10.53
N VAL C 83 -28.84 36.44 11.49
CA VAL C 83 -28.04 35.21 11.39
C VAL C 83 -28.46 34.42 10.14
N GLU C 84 -29.77 34.33 9.90
CA GLU C 84 -30.24 33.64 8.70
C GLU C 84 -29.75 34.33 7.43
N ILE C 85 -29.80 35.66 7.39
CA ILE C 85 -29.37 36.40 6.20
C ILE C 85 -27.86 36.21 5.98
N VAL C 86 -27.08 36.19 7.06
CA VAL C 86 -25.65 35.96 6.92
C VAL C 86 -25.38 34.55 6.40
N MET C 87 -26.10 33.53 6.89
CA MET C 87 -26.00 32.15 6.35
C MET C 87 -26.38 32.14 4.85
N ALA C 88 -27.37 32.93 4.46
CA ALA C 88 -27.76 32.96 3.05
C ALA C 88 -26.67 33.60 2.19
N ILE C 89 -26.03 34.67 2.69
CA ILE C 89 -24.91 35.28 1.99
C ILE C 89 -23.75 34.28 1.87
N GLU C 90 -23.49 33.55 2.96
CA GLU C 90 -22.48 32.50 2.97
C GLU C 90 -22.73 31.50 1.84
N GLU C 91 -23.97 31.08 1.58
CA GLU C 91 -24.29 30.05 0.57
C GLU C 91 -24.18 30.74 -0.78
N GLU C 92 -24.57 31.98 -0.79
CA GLU C 92 -24.61 32.64 -2.09
C GLU C 92 -23.22 32.81 -2.68
N PHE C 93 -22.17 33.04 -1.87
CA PHE C 93 -20.80 33.25 -2.42
C PHE C 93 -19.92 32.03 -2.13
N LYS C 94 -20.44 30.93 -1.51
CA LYS C 94 -19.61 29.75 -1.10
C LYS C 94 -18.46 30.21 -0.18
N LEU C 95 -18.80 30.77 0.97
CA LEU C 95 -17.76 31.12 1.92
C LEU C 95 -18.04 30.44 3.26
N GLU C 96 -17.00 30.33 4.07
CA GLU C 96 -17.11 29.81 5.43
C GLU C 96 -16.58 30.88 6.36
N ILE C 97 -17.46 31.77 6.81
CA ILE C 97 -17.06 32.85 7.71
C ILE C 97 -16.89 32.28 9.12
N PRO C 98 -15.80 32.60 9.81
CA PRO C 98 -15.68 32.20 11.21
C PRO C 98 -16.77 32.83 12.07
N ASP C 99 -17.20 32.07 13.09
CA ASP C 99 -18.39 32.44 13.86
C ASP C 99 -18.23 33.79 14.55
N LYS C 100 -17.01 34.14 14.98
CA LYS C 100 -16.79 35.44 15.58
C LYS C 100 -17.09 36.55 14.59
N GLU C 101 -16.60 36.40 13.35
CA GLU C 101 -16.80 37.42 12.34
C GLU C 101 -18.22 37.45 11.80
N ALA C 102 -18.89 36.29 11.75
CA ALA C 102 -20.27 36.25 11.27
C ALA C 102 -21.19 37.03 12.20
N ASP C 103 -20.96 36.94 13.52
CA ASP C 103 -21.79 37.67 14.46
C ASP C 103 -21.58 39.18 14.38
N LYS C 104 -20.45 39.64 13.86
CA LYS C 104 -20.21 41.07 13.66
C LYS C 104 -21.01 41.67 12.48
N ILE C 105 -21.14 40.94 11.36
CA ILE C 105 -21.91 41.43 10.18
C ILE C 105 -23.38 41.71 10.57
N ASP C 106 -23.82 42.97 10.56
CA ASP C 106 -25.17 43.33 11.06
C ASP C 106 -25.83 44.29 10.08
N SER C 107 -25.16 44.54 8.99
CA SER C 107 -25.64 45.55 8.03
C SER C 107 -25.29 45.09 6.63
N CYS C 108 -25.96 45.67 5.65
CA CYS C 108 -25.66 45.37 4.26
C CYS C 108 -24.25 45.79 3.89
N SER C 109 -23.82 46.95 4.36
CA SER C 109 -22.47 47.44 4.04
C SER C 109 -21.40 46.52 4.62
N LEU C 110 -21.52 46.15 5.89
CA LEU C 110 -20.62 45.18 6.55
C LEU C 110 -20.50 43.86 5.75
N ALA C 111 -21.59 43.29 5.26
CA ALA C 111 -21.57 42.07 4.46
C ALA C 111 -20.92 42.32 3.10
N ILE C 112 -21.26 43.46 2.48
CA ILE C 112 -20.67 43.84 1.17
C ILE C 112 -19.14 43.90 1.25
N GLU C 113 -18.60 44.52 2.29
CA GLU C 113 -17.13 44.70 2.42
C GLU C 113 -16.51 43.36 2.77
N TYR C 114 -17.15 42.61 3.61
CA TYR C 114 -16.54 41.31 3.89
C TYR C 114 -16.44 40.46 2.62
N VAL C 115 -17.53 40.41 1.84
CA VAL C 115 -17.52 39.56 0.64
C VAL C 115 -16.55 40.12 -0.40
N TYR C 116 -16.48 41.44 -0.63
CA TYR C 116 -15.53 41.92 -1.66
C TYR C 116 -14.08 41.84 -1.19
N ASN C 117 -13.85 41.95 0.10
CA ASN C 117 -12.47 41.80 0.53
C ASN C 117 -12.03 40.35 0.62
N HIS C 118 -12.95 39.40 0.66
CA HIS C 118 -12.54 38.01 0.73
C HIS C 118 -11.99 37.57 -0.62
N PRO C 119 -10.76 37.07 -0.68
CA PRO C 119 -10.18 36.67 -1.97
C PRO C 119 -10.82 35.45 -2.59
N MET C 120 -11.52 34.61 -1.82
CA MET C 120 -12.10 33.40 -2.37
C MET C 120 -13.57 33.57 -2.73
N SER C 121 -14.13 34.77 -2.70
CA SER C 121 -15.56 34.96 -3.10
C SER C 121 -15.75 34.80 -4.62
N GLY D 13 6.98 31.10 -6.19
CA GLY D 13 6.41 32.37 -5.78
C GLY D 13 7.31 33.53 -6.11
N ASP D 14 7.88 34.14 -5.07
CA ASP D 14 8.88 35.19 -5.25
C ASP D 14 10.28 34.71 -4.89
N PHE D 15 10.46 34.10 -3.72
CA PHE D 15 11.78 33.59 -3.36
C PHE D 15 12.13 32.29 -4.09
N ARG D 16 11.12 31.51 -4.49
CA ARG D 16 11.38 30.21 -5.11
C ARG D 16 12.06 30.34 -6.48
N ALA D 17 11.98 31.51 -7.11
CA ALA D 17 12.72 31.76 -8.35
C ALA D 17 14.23 31.80 -8.14
N LYS D 18 14.69 31.91 -6.89
CA LYS D 18 16.10 31.88 -6.59
C LYS D 18 16.56 30.54 -6.03
N VAL D 19 15.70 29.53 -6.07
CA VAL D 19 15.97 28.24 -5.45
C VAL D 19 16.15 27.21 -6.55
N TRP D 20 17.33 26.60 -6.58
CA TRP D 20 17.67 25.60 -7.58
C TRP D 20 17.24 24.23 -7.10
N SER D 21 16.56 23.47 -7.97
CA SER D 21 16.25 22.08 -7.70
C SER D 21 16.46 21.25 -8.97
N MET D 22 16.63 19.94 -8.77
CA MET D 22 16.80 19.03 -9.91
C MET D 22 15.51 18.84 -10.68
N THR D 23 14.37 18.84 -9.98
CA THR D 23 13.08 18.63 -10.65
C THR D 23 12.52 19.93 -11.22
N GLY D 24 13.13 21.07 -10.91
CA GLY D 24 12.80 22.32 -11.55
C GLY D 24 11.95 23.28 -10.75
N GLY D 25 11.40 22.86 -9.62
CA GLY D 25 10.58 23.74 -8.81
C GLY D 25 9.21 24.00 -9.41
N PRO D 26 8.49 24.98 -8.87
CA PRO D 26 7.10 25.20 -9.26
C PRO D 26 6.96 25.87 -10.63
N ASN D 27 6.02 25.34 -11.43
CA ASN D 27 5.65 25.93 -12.72
C ASN D 27 6.86 26.04 -13.65
N CYS D 28 7.58 24.94 -13.80
CA CYS D 28 8.82 24.94 -14.58
C CYS D 28 8.49 24.88 -16.06
N ARG D 29 8.91 25.90 -16.80
CA ARG D 29 8.66 26.03 -18.24
C ARG D 29 9.95 26.36 -18.97
N PRO D 30 10.88 25.42 -19.07
CA PRO D 30 12.13 25.70 -19.80
C PRO D 30 11.85 26.05 -21.25
N LYS D 31 12.61 27.01 -21.77
CA LYS D 31 12.35 27.55 -23.10
C LYS D 31 12.57 26.50 -24.19
N HIS D 32 13.60 25.67 -24.03
CA HIS D 32 13.95 24.65 -25.02
C HIS D 32 13.48 23.27 -24.61
N TRP D 33 12.31 23.17 -23.98
CA TRP D 33 11.89 21.90 -23.40
C TRP D 33 11.61 20.84 -24.45
N ARG D 34 11.22 21.23 -25.67
CA ARG D 34 10.98 20.24 -26.72
C ARG D 34 12.28 19.56 -27.15
N ARG D 35 13.31 20.35 -27.46
CA ARG D 35 14.59 19.78 -27.85
C ARG D 35 15.19 18.97 -26.69
N ASN D 36 15.01 19.45 -25.47
CA ASN D 36 15.51 18.71 -24.31
C ASN D 36 14.78 17.38 -24.14
N THR D 37 13.49 17.39 -24.43
CA THR D 37 12.67 16.17 -24.33
C THR D 37 13.15 15.17 -25.39
N ALA D 38 13.43 15.65 -26.60
CA ALA D 38 13.94 14.78 -27.66
C ALA D 38 15.30 14.21 -27.29
N ILE D 39 16.18 15.02 -26.71
CA ILE D 39 17.48 14.53 -26.28
C ILE D 39 17.33 13.47 -25.20
N ALA D 40 16.39 13.66 -24.27
CA ALA D 40 16.16 12.67 -23.19
C ALA D 40 15.66 11.33 -23.76
N MET D 41 14.80 11.40 -24.77
CA MET D 41 14.22 10.21 -25.43
C MET D 41 15.33 9.47 -26.17
N PHE D 42 16.22 10.19 -26.83
CA PHE D 42 17.34 9.53 -27.48
C PHE D 42 18.27 8.88 -26.45
N GLY D 43 18.50 9.56 -25.33
CA GLY D 43 19.32 8.97 -24.27
C GLY D 43 18.69 7.71 -23.69
N VAL D 44 17.40 7.73 -23.40
CA VAL D 44 16.72 6.53 -22.83
C VAL D 44 16.84 5.37 -23.87
N PHE D 45 16.65 5.64 -25.18
CA PHE D 45 16.76 4.56 -26.17
C PHE D 45 18.18 3.98 -26.21
N LEU D 46 19.19 4.86 -26.20
CA LEU D 46 20.57 4.38 -26.19
C LEU D 46 20.87 3.54 -24.96
N VAL D 47 20.40 3.98 -23.79
CA VAL D 47 20.60 3.20 -22.57
C VAL D 47 19.85 1.88 -22.66
N CYS D 48 18.72 1.85 -23.37
CA CYS D 48 17.91 0.63 -23.43
C CYS D 48 18.55 -0.43 -24.31
N ILE D 49 19.36 -0.03 -25.29
CA ILE D 49 19.99 -1.03 -26.17
C ILE D 49 20.81 -2.06 -25.38
N PRO D 50 21.80 -1.66 -24.56
CA PRO D 50 22.55 -2.68 -23.80
C PRO D 50 21.70 -3.48 -22.84
N ILE D 51 20.68 -2.86 -22.24
CA ILE D 51 19.79 -3.59 -21.35
C ILE D 51 19.08 -4.70 -22.11
N ALA D 52 18.61 -4.40 -23.32
CA ALA D 52 17.94 -5.41 -24.13
C ALA D 52 18.90 -6.53 -24.51
N LYS D 53 20.14 -6.19 -24.86
CA LYS D 53 21.13 -7.23 -25.20
C LYS D 53 21.39 -8.14 -24.00
N LEU D 54 21.59 -7.55 -22.82
CA LEU D 54 21.86 -8.35 -21.63
C LEU D 54 20.66 -9.22 -21.28
N SER D 55 19.45 -8.67 -21.42
CA SER D 55 18.25 -9.45 -21.14
C SER D 55 18.13 -10.65 -22.08
N ALA D 56 18.37 -10.42 -23.37
CA ALA D 56 18.32 -11.52 -24.33
C ALA D 56 19.35 -12.59 -23.99
N LYS D 57 20.55 -12.16 -23.60
CA LYS D 57 21.58 -13.13 -23.21
C LYS D 57 21.18 -13.91 -21.96
N LEU D 58 20.49 -13.27 -21.01
CA LEU D 58 20.27 -13.87 -19.70
C LEU D 58 18.98 -14.70 -19.63
N GLU D 59 18.04 -14.47 -20.53
CA GLU D 59 16.75 -15.14 -20.47
C GLU D 59 16.91 -16.66 -20.61
N GLN D 60 16.12 -17.41 -19.85
CA GLN D 60 16.13 -18.86 -19.88
C GLN D 60 14.70 -19.35 -20.09
N ARG D 61 14.47 -20.05 -21.19
CA ARG D 61 13.14 -20.56 -21.55
C ARG D 61 13.19 -22.08 -21.62
N PRO D 62 12.90 -22.78 -20.52
CA PRO D 62 13.00 -24.25 -20.53
C PRO D 62 12.03 -24.92 -21.47
N HIS D 63 10.94 -24.26 -21.83
CA HIS D 63 9.86 -24.89 -22.60
C HIS D 63 9.71 -24.22 -23.96
N MET D 64 9.67 -25.03 -25.00
CA MET D 64 9.35 -24.52 -26.32
C MET D 64 7.92 -23.97 -26.31
N PRO D 65 7.68 -22.80 -26.87
CA PRO D 65 6.32 -22.26 -26.92
C PRO D 65 5.45 -23.04 -27.89
N VAL D 66 4.14 -22.93 -27.69
CA VAL D 66 3.19 -23.69 -28.50
C VAL D 66 3.20 -23.17 -29.93
N ARG D 67 3.34 -21.86 -30.11
CA ARG D 67 3.47 -21.21 -31.41
C ARG D 67 4.72 -20.35 -31.37
N PRO D 68 5.24 -19.96 -32.53
CA PRO D 68 6.45 -19.12 -32.55
C PRO D 68 6.22 -17.79 -31.85
N ILE D 69 7.24 -17.31 -31.15
CA ILE D 69 7.13 -16.10 -30.35
C ILE D 69 8.27 -15.15 -30.71
N PRO D 70 8.10 -13.85 -30.47
CA PRO D 70 9.14 -12.88 -30.82
C PRO D 70 10.49 -13.13 -30.17
N SER D 71 10.52 -13.65 -28.94
CA SER D 71 11.79 -13.84 -28.25
C SER D 71 12.67 -14.87 -28.93
N GLN D 72 12.09 -15.73 -29.77
CA GLN D 72 12.87 -16.71 -30.52
C GLN D 72 13.80 -16.07 -31.54
N ILE D 73 13.55 -14.81 -31.92
CA ILE D 73 14.42 -14.14 -32.87
C ILE D 73 15.79 -13.86 -32.25
N TRP D 74 15.81 -13.39 -31.00
CA TRP D 74 17.05 -12.92 -30.40
C TRP D 74 17.57 -13.79 -29.25
N CYS D 75 16.74 -14.65 -28.66
CA CYS D 75 17.14 -15.46 -27.52
C CYS D 75 17.36 -16.89 -27.95
N LYS D 76 18.53 -17.44 -27.60
CA LYS D 76 18.91 -18.80 -27.98
C LYS D 76 18.99 -19.73 -26.78
N ASN D 77 18.14 -19.53 -25.78
CA ASN D 77 18.12 -20.33 -24.57
C ASN D 77 16.80 -21.08 -24.44
N PHE D 78 16.32 -21.65 -25.54
CA PHE D 78 15.08 -22.42 -25.54
C PHE D 78 15.41 -23.91 -25.45
N GLY D 79 14.81 -24.59 -24.48
CA GLY D 79 15.00 -26.01 -24.29
C GLY D 79 16.41 -26.42 -23.93
N THR D 80 17.03 -25.71 -22.98
CA THR D 80 18.41 -25.97 -22.58
C THR D 80 18.53 -26.58 -21.19
N LYS D 81 17.48 -26.51 -20.38
CA LYS D 81 17.54 -26.98 -19.00
C LYS D 81 16.97 -28.38 -18.83
N ASP D 82 16.90 -29.17 -19.91
CA ASP D 82 16.26 -30.48 -19.82
C ASP D 82 17.03 -31.42 -18.90
N ASP D 83 18.35 -31.34 -18.91
CA ASP D 83 19.18 -32.19 -18.07
C ASP D 83 19.50 -31.45 -16.77
N TYR D 84 18.47 -31.29 -15.95
CA TYR D 84 18.62 -30.58 -14.69
C TYR D 84 19.45 -31.35 -13.67
N GLU D 85 19.71 -32.63 -13.92
CA GLU D 85 20.56 -33.42 -13.04
C GLU D 85 22.00 -32.91 -13.04
N LYS D 86 22.43 -32.35 -14.14
CA LYS D 86 23.79 -31.79 -14.28
C LYS D 86 23.87 -30.31 -13.87
N GLU D 87 22.77 -29.69 -13.46
CA GLU D 87 22.83 -28.29 -12.96
C GLU D 87 23.83 -28.13 -11.80
N HIS D 88 24.54 -27.02 -11.77
CA HIS D 88 25.48 -26.71 -10.65
C HIS D 88 25.50 -25.20 -10.32
N SER E 30 -1.90 24.80 -25.84
CA SER E 30 -0.92 25.85 -26.04
C SER E 30 0.35 25.54 -25.24
N ARG E 31 0.20 24.74 -24.17
CA ARG E 31 1.35 24.34 -23.37
C ARG E 31 2.30 23.43 -24.13
N TRP E 32 1.86 22.89 -25.28
CA TRP E 32 2.72 22.01 -26.07
C TRP E 32 3.28 22.67 -27.31
N ALA E 33 2.69 23.76 -27.78
CA ALA E 33 3.13 24.42 -29.01
C ALA E 33 3.83 25.75 -28.78
N THR E 34 3.72 26.34 -27.60
CA THR E 34 4.35 27.63 -27.31
C THR E 34 5.49 27.43 -26.32
N PRO E 35 6.72 27.82 -26.67
CA PRO E 35 7.86 27.49 -25.83
C PRO E 35 7.81 28.19 -24.48
N GLY E 36 8.56 27.62 -23.53
CA GLY E 36 8.56 28.13 -22.17
C GLY E 36 9.24 29.47 -22.04
N HIS E 37 9.09 30.06 -20.86
CA HIS E 37 9.57 31.41 -20.60
C HIS E 37 10.88 31.46 -19.83
N GLU E 38 11.28 30.38 -19.18
CA GLU E 38 12.52 30.37 -18.41
C GLU E 38 13.70 30.33 -19.39
N GLU E 39 14.24 31.49 -19.72
CA GLU E 39 15.44 31.55 -20.55
C GLU E 39 16.61 30.89 -19.84
N ARG E 40 16.74 31.12 -18.53
CA ARG E 40 17.68 30.44 -17.67
C ARG E 40 16.93 29.87 -16.49
N PRO E 41 17.41 28.78 -15.90
CA PRO E 41 16.69 28.14 -14.80
C PRO E 41 16.63 29.02 -13.56
N LYS E 42 15.75 28.61 -12.64
CA LYS E 42 15.62 29.34 -11.36
C LYS E 42 16.69 28.81 -10.40
N GLY E 43 17.34 29.71 -9.66
CA GLY E 43 18.41 29.34 -8.75
C GLY E 43 19.75 29.16 -9.45
N TYR E 44 20.75 28.84 -8.64
CA TYR E 44 22.08 28.53 -9.14
C TYR E 44 22.50 27.21 -8.52
N PHE E 45 23.05 26.32 -9.33
CA PHE E 45 23.47 25.02 -8.84
C PHE E 45 24.50 25.19 -7.73
N MET E 46 24.19 24.62 -6.56
CA MET E 46 25.01 24.74 -5.35
C MET E 46 25.18 26.19 -4.89
N ASN E 47 24.22 27.05 -5.25
CA ASN E 47 24.08 28.41 -4.71
C ASN E 47 25.35 29.24 -4.90
N ARG E 48 26.06 29.02 -6.00
CA ARG E 48 27.21 29.85 -6.33
C ARG E 48 26.85 30.74 -7.51
N THR E 49 27.11 32.03 -7.37
CA THR E 49 26.82 32.95 -8.45
C THR E 49 27.79 32.69 -9.61
N PRO E 50 27.33 32.85 -10.86
CA PRO E 50 28.18 32.54 -12.00
C PRO E 50 29.35 33.50 -12.09
N PRO E 51 30.44 33.10 -12.71
CA PRO E 51 31.57 34.02 -12.90
C PRO E 51 31.22 35.09 -13.91
N ALA E 52 32.02 36.16 -13.90
CA ALA E 52 31.82 37.26 -14.82
C ALA E 52 31.94 36.76 -16.26
N PRO E 53 31.21 37.37 -17.20
CA PRO E 53 31.13 36.80 -18.56
C PRO E 53 32.51 36.65 -19.19
N GLY E 54 32.77 35.45 -19.71
CA GLY E 54 34.05 35.11 -20.28
C GLY E 54 35.05 34.54 -19.28
N GLN E 55 34.81 34.72 -17.99
CA GLN E 55 35.72 34.25 -16.96
C GLN E 55 35.35 32.82 -16.54
N SER E 56 36.23 32.23 -15.74
CA SER E 56 36.04 30.88 -15.24
C SER E 56 35.93 30.93 -13.72
N ARG E 57 35.19 29.97 -13.16
CA ARG E 57 35.08 29.89 -11.72
C ARG E 57 36.43 29.52 -11.12
N LYS E 58 36.78 30.17 -10.02
CA LYS E 58 38.02 29.88 -9.32
C LYS E 58 37.80 28.67 -8.43
N TRP E 59 38.65 27.67 -8.57
CA TRP E 59 38.53 26.43 -7.80
C TRP E 59 39.03 26.65 -6.37
N GLU E 60 38.25 26.19 -5.39
CA GLU E 60 38.74 26.24 -4.02
C GLU E 60 39.88 25.25 -3.83
N ASP E 61 40.66 25.48 -2.77
CA ASP E 61 41.89 24.73 -2.56
C ASP E 61 41.66 23.24 -2.40
N TRP E 62 40.51 22.84 -1.85
CA TRP E 62 40.25 21.43 -1.62
C TRP E 62 39.84 20.68 -2.88
N GLU E 63 39.46 21.39 -3.95
CA GLU E 63 38.80 20.75 -5.08
C GLU E 63 39.72 19.77 -5.80
N LEU E 64 40.87 20.24 -6.26
CA LEU E 64 41.78 19.38 -7.02
C LEU E 64 42.24 18.16 -6.23
N PRO E 65 42.73 18.28 -4.98
CA PRO E 65 43.12 17.07 -4.25
C PRO E 65 41.99 16.08 -4.07
N CYS E 66 40.78 16.57 -3.79
CA CYS E 66 39.65 15.67 -3.59
C CYS E 66 39.24 14.99 -4.89
N TYR E 67 39.24 15.73 -6.01
CA TYR E 67 38.86 15.13 -7.28
C TYR E 67 39.88 14.11 -7.74
N ILE E 68 41.18 14.39 -7.54
CA ILE E 68 42.21 13.43 -7.90
C ILE E 68 42.12 12.19 -7.01
N THR E 69 41.83 12.39 -5.72
CA THR E 69 41.61 11.25 -4.84
C THR E 69 40.42 10.42 -5.30
N SER E 70 39.34 11.08 -5.71
CA SER E 70 38.15 10.37 -6.16
C SER E 70 38.42 9.56 -7.42
N PHE E 71 39.13 10.16 -8.37
CA PHE E 71 39.51 9.45 -9.59
C PHE E 71 40.40 8.26 -9.29
N LEU E 72 41.40 8.45 -8.41
CA LEU E 72 42.28 7.35 -8.04
C LEU E 72 41.54 6.26 -7.30
N THR E 73 40.56 6.64 -6.47
CA THR E 73 39.74 5.66 -5.77
C THR E 73 38.94 4.82 -6.75
N ILE E 74 38.30 5.48 -7.71
CA ILE E 74 37.54 4.77 -8.74
C ILE E 74 38.45 3.82 -9.51
N VAL E 75 39.62 4.31 -9.93
CA VAL E 75 40.52 3.50 -10.74
C VAL E 75 41.03 2.31 -9.93
N ILE E 76 41.51 2.57 -8.71
CA ILE E 76 42.08 1.52 -7.88
C ILE E 76 41.04 0.45 -7.59
N LEU E 77 39.85 0.85 -7.15
CA LEU E 77 38.85 -0.16 -6.81
C LEU E 77 38.35 -0.89 -8.05
N GLY E 78 37.95 -0.15 -9.08
CA GLY E 78 37.39 -0.74 -10.29
C GLY E 78 38.35 -1.62 -11.07
N VAL E 79 39.65 -1.36 -10.98
CA VAL E 79 40.61 -2.21 -11.66
C VAL E 79 41.11 -3.32 -10.74
N GLY E 80 41.60 -2.98 -9.55
CA GLY E 80 42.16 -3.98 -8.67
C GLY E 80 41.16 -5.01 -8.19
N LEU E 81 39.93 -4.58 -7.88
CA LEU E 81 38.92 -5.54 -7.42
C LEU E 81 38.57 -6.53 -8.52
N ASN E 82 38.44 -6.07 -9.77
CA ASN E 82 38.21 -6.97 -10.89
C ASN E 82 39.48 -7.65 -11.38
N ALA E 83 40.66 -7.22 -10.92
CA ALA E 83 41.90 -7.83 -11.35
C ALA E 83 42.51 -8.78 -10.33
N LYS E 84 42.16 -8.64 -9.06
CA LYS E 84 42.70 -9.54 -8.05
C LYS E 84 42.12 -10.94 -8.22
N PRO E 85 42.91 -11.97 -7.93
CA PRO E 85 42.41 -13.34 -8.09
C PRO E 85 41.25 -13.61 -7.14
N ASP E 86 40.33 -14.45 -7.58
CA ASP E 86 39.22 -14.89 -6.74
C ASP E 86 39.74 -15.98 -5.82
N LEU E 87 39.94 -15.65 -4.55
CA LEU E 87 40.44 -16.59 -3.55
C LEU E 87 39.41 -16.88 -2.47
N SER E 88 38.14 -16.57 -2.72
CA SER E 88 37.11 -16.78 -1.73
C SER E 88 36.97 -18.26 -1.39
N ILE E 89 36.62 -18.54 -0.13
CA ILE E 89 36.42 -19.92 0.30
C ILE E 89 35.28 -20.56 -0.47
N GLU E 90 34.25 -19.78 -0.79
CA GLU E 90 33.13 -20.31 -1.56
C GLU E 90 33.58 -20.84 -2.92
N THR E 91 34.41 -20.07 -3.62
CA THR E 91 34.87 -20.49 -4.94
C THR E 91 35.74 -21.74 -4.86
N TRP E 92 36.65 -21.79 -3.89
CA TRP E 92 37.49 -22.98 -3.73
C TRP E 92 36.65 -24.19 -3.35
N ALA E 93 35.70 -24.02 -2.44
CA ALA E 93 34.89 -25.15 -2.01
C ALA E 93 33.93 -25.61 -3.10
N HIS E 94 33.41 -24.70 -3.90
CA HIS E 94 32.54 -25.08 -5.06
C HIS E 94 33.27 -26.04 -6.03
N GLN E 95 34.50 -25.71 -6.41
CA GLN E 95 35.25 -26.62 -7.28
C GLN E 95 35.55 -27.94 -6.59
N LYS E 96 35.83 -27.88 -5.29
CA LYS E 96 36.05 -29.11 -4.52
C LYS E 96 34.77 -29.93 -4.40
N ALA E 97 33.63 -29.27 -4.23
CA ALA E 97 32.35 -29.99 -4.14
C ALA E 97 32.00 -30.68 -5.44
N LEU E 98 32.12 -29.97 -6.57
CA LEU E 98 31.89 -30.59 -7.91
C LEU E 98 32.67 -31.92 -8.04
N GLU E 99 33.98 -31.88 -7.82
CA GLU E 99 34.80 -33.05 -8.09
C GLU E 99 34.51 -34.19 -7.13
N ARG E 100 34.02 -33.89 -5.93
CA ARG E 100 33.63 -34.95 -5.01
C ARG E 100 32.29 -35.57 -5.40
N LEU E 101 31.34 -34.75 -5.85
CA LEU E 101 30.11 -35.33 -6.38
C LEU E 101 30.37 -36.13 -7.65
N GLU E 102 31.35 -35.71 -8.46
CA GLU E 102 31.70 -36.49 -9.64
C GLU E 102 32.36 -37.80 -9.26
N MET E 103 33.35 -37.74 -8.35
CA MET E 103 34.08 -38.94 -7.96
C MET E 103 33.18 -39.96 -7.28
N GLU E 104 32.12 -39.52 -6.61
CA GLU E 104 31.19 -40.42 -5.99
C GLU E 104 30.05 -40.87 -6.91
N LYS E 105 29.72 -40.07 -7.93
CA LYS E 105 28.66 -40.46 -8.85
C LYS E 105 29.16 -41.49 -9.86
N LEU E 106 30.26 -41.18 -10.55
CA LEU E 106 30.80 -42.09 -11.53
C LEU E 106 31.18 -43.42 -10.90
N ALA E 107 31.76 -43.38 -9.70
CA ALA E 107 32.14 -44.59 -8.98
C ALA E 107 30.99 -44.99 -8.05
N THR E 108 30.24 -46.01 -8.45
CA THR E 108 29.12 -46.53 -7.67
C THR E 108 28.12 -45.44 -7.29
N GLY F 2 50.49 -4.46 -22.03
CA GLY F 2 49.57 -4.38 -23.19
C GLY F 2 48.11 -4.26 -22.76
N PHE F 3 47.37 -5.36 -22.71
CA PHE F 3 46.00 -5.28 -22.16
C PHE F 3 46.10 -4.72 -20.74
N ILE F 4 45.10 -3.98 -20.35
CA ILE F 4 45.18 -3.34 -19.02
C ILE F 4 45.04 -4.42 -17.99
N MET F 5 44.02 -5.24 -18.16
CA MET F 5 43.70 -6.17 -17.10
C MET F 5 44.81 -7.20 -16.93
N GLU F 6 45.41 -7.73 -18.00
CA GLU F 6 46.42 -8.79 -17.77
C GLU F 6 47.56 -8.17 -16.95
N PHE F 7 47.97 -6.97 -17.29
CA PHE F 7 49.00 -6.26 -16.51
C PHE F 7 48.49 -6.12 -15.08
N ALA F 8 47.23 -5.72 -14.91
CA ALA F 8 46.70 -5.54 -13.56
C ALA F 8 46.70 -6.85 -12.78
N GLU F 9 46.34 -7.96 -13.44
CA GLU F 9 46.44 -9.27 -12.81
C GLU F 9 47.83 -9.51 -12.28
N ASN F 10 48.83 -9.31 -13.14
CA ASN F 10 50.21 -9.59 -12.75
C ASN F 10 50.66 -8.67 -11.62
N LEU F 11 50.30 -7.39 -11.69
CA LEU F 11 50.69 -6.45 -10.65
C LEU F 11 50.08 -6.82 -9.30
N VAL F 12 48.79 -7.17 -9.29
CA VAL F 12 48.15 -7.58 -8.04
C VAL F 12 48.83 -8.83 -7.49
N LEU F 13 49.12 -9.80 -8.36
CA LEU F 13 49.82 -10.99 -7.91
C LEU F 13 51.17 -10.64 -7.30
N ARG F 14 51.87 -9.68 -7.91
CA ARG F 14 53.15 -9.22 -7.35
C ARG F 14 52.97 -8.66 -5.96
N LEU F 15 51.90 -7.89 -5.74
CA LEU F 15 51.73 -7.21 -4.45
C LEU F 15 51.35 -8.20 -3.34
N MET F 16 50.76 -9.33 -3.69
CA MET F 16 50.24 -10.25 -2.67
C MET F 16 51.37 -11.01 -1.97
N GLY G 9 -24.46 28.25 -22.98
CA GLY G 9 -25.19 27.90 -21.78
C GLY G 9 -26.51 28.64 -21.60
N ILE G 10 -27.33 28.16 -20.67
CA ILE G 10 -28.63 28.74 -20.37
C ILE G 10 -28.58 29.34 -18.96
N THR G 11 -29.00 30.60 -18.85
CA THR G 11 -28.89 31.34 -17.59
C THR G 11 -30.27 31.47 -16.98
N TYR G 12 -30.43 30.99 -15.75
CA TYR G 12 -31.68 31.06 -15.02
C TYR G 12 -31.43 31.73 -13.68
N LYS G 13 -31.94 32.96 -13.53
CA LYS G 13 -31.81 33.79 -12.33
C LYS G 13 -30.43 33.70 -11.68
N GLY G 14 -29.41 34.12 -12.40
CA GLY G 14 -28.05 34.16 -11.87
C GLY G 14 -27.17 32.98 -12.20
N VAL G 15 -27.68 31.78 -12.02
CA VAL G 15 -26.89 30.58 -12.24
C VAL G 15 -26.90 30.23 -13.72
N THR G 16 -25.72 30.03 -14.29
CA THR G 16 -25.55 29.68 -15.69
C THR G 16 -25.00 28.26 -15.79
N VAL G 17 -25.67 27.42 -16.56
CA VAL G 17 -25.27 26.04 -16.76
C VAL G 17 -24.85 25.88 -18.21
N HIS G 18 -23.63 25.38 -18.43
CA HIS G 18 -23.10 25.19 -19.76
C HIS G 18 -23.53 23.83 -20.32
N THR G 19 -23.96 23.83 -21.57
CA THR G 19 -24.30 22.57 -22.22
C THR G 19 -23.02 21.75 -22.42
N PRO G 20 -23.10 20.43 -22.26
CA PRO G 20 -21.90 19.60 -22.45
C PRO G 20 -21.49 19.51 -23.92
N LYS G 21 -20.23 19.14 -24.11
CA LYS G 21 -19.73 18.92 -25.46
C LYS G 21 -20.50 17.79 -26.13
N THR G 22 -20.76 17.95 -27.44
CA THR G 22 -21.63 17.02 -28.14
C THR G 22 -21.05 15.61 -28.14
N TRP G 23 -19.74 15.49 -28.36
CA TRP G 23 -19.11 14.14 -28.42
C TRP G 23 -19.13 13.49 -27.04
N HIS G 24 -19.16 14.28 -25.96
CA HIS G 24 -19.28 13.71 -24.63
C HIS G 24 -20.65 13.07 -24.43
N THR G 25 -21.71 13.79 -24.78
CA THR G 25 -23.05 13.22 -24.72
C THR G 25 -23.15 11.98 -25.59
N VAL G 26 -22.61 12.05 -26.82
CA VAL G 26 -22.72 10.94 -27.75
C VAL G 26 -21.98 9.72 -27.21
N THR G 27 -20.76 9.92 -26.70
CA THR G 27 -19.97 8.81 -26.19
C THR G 27 -20.65 8.15 -24.98
N GLY G 28 -21.19 8.96 -24.06
CA GLY G 28 -21.91 8.38 -22.94
C GLY G 28 -23.14 7.60 -23.37
N LYS G 29 -24.05 8.26 -24.12
CA LYS G 29 -25.18 7.47 -24.69
C LYS G 29 -24.68 6.17 -25.35
N GLY G 30 -23.70 6.19 -26.27
CA GLY G 30 -23.37 5.00 -27.02
C GLY G 30 -22.76 3.91 -26.18
N LEU G 31 -21.85 4.25 -25.27
CA LEU G 31 -21.29 3.23 -24.40
C LEU G 31 -22.35 2.60 -23.52
N CYS G 32 -23.23 3.40 -22.94
CA CYS G 32 -24.31 2.76 -22.18
C CYS G 32 -25.22 1.91 -23.09
N ALA G 33 -25.44 2.30 -24.34
CA ALA G 33 -26.36 1.55 -25.24
C ALA G 33 -25.70 0.21 -25.52
N VAL G 34 -24.39 0.27 -25.70
CA VAL G 34 -23.62 -0.95 -25.92
C VAL G 34 -23.73 -1.86 -24.70
N MET G 35 -23.63 -1.28 -23.51
CA MET G 35 -23.76 -2.08 -22.28
C MET G 35 -25.13 -2.74 -22.17
N TRP G 36 -26.19 -2.03 -22.43
CA TRP G 36 -27.60 -2.56 -22.37
C TRP G 36 -27.79 -3.66 -23.42
N PHE G 37 -27.27 -3.45 -24.62
CA PHE G 37 -27.38 -4.47 -25.65
C PHE G 37 -26.58 -5.71 -25.28
N TRP G 38 -25.39 -5.52 -24.72
CA TRP G 38 -24.56 -6.65 -24.32
C TRP G 38 -25.25 -7.46 -23.22
N ILE G 39 -25.88 -6.77 -22.26
CA ILE G 39 -26.61 -7.47 -21.21
C ILE G 39 -27.76 -8.27 -21.80
N LEU G 40 -28.52 -7.67 -22.72
CA LEU G 40 -29.65 -8.39 -23.31
C LEU G 40 -29.19 -9.61 -24.10
N TYR G 41 -28.15 -9.44 -24.91
CA TYR G 41 -27.63 -10.53 -25.72
C TYR G 41 -27.11 -11.66 -24.84
N ARG G 42 -26.34 -11.32 -23.80
CA ARG G 42 -25.80 -12.34 -22.89
C ARG G 42 -26.93 -13.04 -22.15
N ALA G 43 -27.95 -12.29 -21.73
CA ALA G 43 -29.09 -12.91 -21.05
C ALA G 43 -29.76 -13.92 -21.96
N LYS G 44 -30.03 -13.54 -23.20
CA LYS G 44 -30.64 -14.49 -24.13
C LYS G 44 -29.76 -15.71 -24.35
N GLN G 45 -28.44 -15.52 -24.49
CA GLN G 45 -27.57 -16.64 -24.83
C GLN G 45 -27.43 -17.60 -23.66
N ASP G 46 -27.16 -17.09 -22.45
CA ASP G 46 -26.84 -17.96 -21.34
C ASP G 46 -27.56 -17.55 -20.07
N GLY G 47 -28.86 -17.27 -20.17
CA GLY G 47 -29.68 -17.01 -19.01
C GLY G 47 -30.49 -18.19 -18.53
N PRO G 48 -30.96 -19.05 -19.50
CA PRO G 48 -31.62 -20.27 -19.11
C PRO G 48 -30.57 -21.10 -18.36
N VAL G 49 -29.29 -20.99 -18.70
CA VAL G 49 -28.35 -21.88 -17.94
C VAL G 49 -28.21 -21.44 -16.48
N VAL G 50 -28.07 -20.13 -16.21
CA VAL G 50 -27.95 -19.59 -14.86
C VAL G 50 -29.25 -19.76 -14.09
N MET G 51 -30.40 -19.58 -14.79
CA MET G 51 -31.71 -19.86 -14.14
C MET G 51 -31.79 -21.33 -13.78
N GLY G 52 -31.07 -22.19 -14.50
CA GLY G 52 -31.13 -23.65 -14.28
C GLY G 52 -32.18 -24.41 -15.08
N TRP G 53 -32.96 -23.76 -15.92
CA TRP G 53 -33.89 -24.48 -16.83
C TRP G 53 -33.11 -25.59 -17.55
N ARG G 54 -32.01 -25.27 -18.19
CA ARG G 54 -31.26 -26.27 -18.96
C ARG G 54 -29.75 -26.33 -18.64
N HIS G 55 -29.04 -27.19 -19.38
CA HIS G 55 -27.58 -27.39 -19.25
C HIS G 55 -26.89 -27.05 -20.57
N PRO G 56 -25.62 -26.66 -20.56
CA PRO G 56 -24.89 -26.29 -21.78
C PRO G 56 -24.71 -27.43 -22.77
N TRP G 57 -24.66 -28.66 -22.29
CA TRP G 57 -24.52 -29.83 -23.15
C TRP G 57 -25.87 -30.35 -23.65
N ASP G 58 -26.97 -29.71 -23.28
CA ASP G 58 -28.28 -30.18 -23.70
C ASP G 58 -28.45 -29.95 -25.20
N GLY G 59 -28.91 -30.98 -25.90
CA GLY G 59 -29.10 -30.89 -27.34
C GLY G 59 -28.89 -32.22 -28.04
N PRO H 4 -41.50 24.88 4.30
CA PRO H 4 -40.91 26.18 4.20
C PRO H 4 -42.03 26.99 4.82
N LEU H 5 -42.74 26.36 5.73
CA LEU H 5 -43.88 27.10 6.30
C LEU H 5 -43.37 28.28 7.16
N GLY H 6 -42.45 28.09 8.07
CA GLY H 6 -41.89 29.18 8.90
C GLY H 6 -41.12 30.22 8.12
N THR H 7 -40.99 31.40 8.69
CA THR H 7 -40.27 32.47 8.00
C THR H 7 -38.86 32.02 7.57
N THR H 8 -38.20 31.21 8.40
CA THR H 8 -36.85 30.76 8.09
C THR H 8 -36.84 29.83 6.87
N GLY H 9 -37.69 28.80 6.90
CA GLY H 9 -37.77 27.89 5.77
C GLY H 9 -38.27 28.57 4.51
N GLU H 10 -39.17 29.54 4.66
CA GLU H 10 -39.67 30.30 3.52
C GLU H 10 -38.55 31.12 2.88
N PHE H 11 -37.73 31.77 3.70
CA PHE H 11 -36.59 32.52 3.19
C PHE H 11 -35.61 31.60 2.46
N PHE H 12 -35.32 30.44 3.05
CA PHE H 12 -34.35 29.55 2.42
C PHE H 12 -34.90 28.93 1.14
N ARG H 13 -36.20 28.65 1.09
CA ARG H 13 -36.82 28.18 -0.15
C ARG H 13 -36.81 29.26 -1.22
N ARG H 14 -37.07 30.51 -0.82
CA ARG H 14 -37.00 31.61 -1.78
C ARG H 14 -35.61 31.74 -2.38
N ARG H 15 -34.57 31.59 -1.56
CA ARG H 15 -33.21 31.68 -2.09
C ARG H 15 -32.87 30.53 -3.02
N ASP H 16 -33.56 29.40 -2.91
CA ASP H 16 -33.26 28.21 -3.70
C ASP H 16 -34.02 28.16 -5.02
N GLU H 17 -34.57 29.29 -5.48
CA GLU H 17 -35.39 29.27 -6.69
C GLU H 17 -34.60 28.83 -7.91
N TRP H 18 -33.32 29.18 -7.97
CA TRP H 18 -32.49 28.81 -9.12
C TRP H 18 -32.34 27.30 -9.24
N ARG H 19 -32.60 26.55 -8.17
CA ARG H 19 -32.49 25.10 -8.23
C ARG H 19 -33.60 24.46 -9.06
N LYS H 20 -34.60 25.22 -9.48
CA LYS H 20 -35.56 24.78 -10.47
C LYS H 20 -35.05 24.97 -11.89
N HIS H 21 -33.74 25.09 -12.06
CA HIS H 21 -33.13 25.20 -13.37
C HIS H 21 -33.57 24.02 -14.24
N PRO H 22 -33.93 24.27 -15.50
CA PRO H 22 -34.47 23.18 -16.33
C PRO H 22 -33.56 21.97 -16.45
N MET H 23 -32.26 22.18 -16.66
CA MET H 23 -31.35 21.06 -16.86
C MET H 23 -30.54 20.73 -15.61
N LEU H 24 -30.95 21.26 -14.46
CA LEU H 24 -30.46 20.79 -13.16
C LEU H 24 -31.48 19.92 -12.45
N SER H 25 -32.71 19.83 -12.96
CA SER H 25 -33.81 19.16 -12.31
C SER H 25 -34.32 18.00 -13.16
N ASN H 26 -35.13 17.15 -12.52
CA ASN H 26 -35.74 15.99 -13.17
C ASN H 26 -34.68 15.10 -13.81
N GLN H 27 -33.57 14.92 -13.08
CA GLN H 27 -32.45 14.14 -13.59
C GLN H 27 -32.69 12.63 -13.53
N MET H 28 -33.76 12.18 -12.87
CA MET H 28 -34.05 10.75 -12.84
C MET H 28 -34.46 10.24 -14.21
N ARG H 29 -34.91 11.12 -15.10
CA ARG H 29 -35.18 10.73 -16.47
C ARG H 29 -33.90 10.51 -17.28
N HIS H 30 -32.75 10.93 -16.79
CA HIS H 30 -31.44 10.76 -17.47
C HIS H 30 -30.64 9.63 -16.88
N ALA H 31 -31.21 8.86 -15.98
CA ALA H 31 -30.48 7.85 -15.20
C ALA H 31 -30.05 6.61 -16.01
N LEU H 32 -30.75 6.27 -17.10
CA LEU H 32 -30.47 5.07 -17.89
C LEU H 32 -30.23 5.50 -19.34
N PRO H 33 -29.11 6.17 -19.65
CA PRO H 33 -28.83 6.70 -20.96
C PRO H 33 -28.56 5.56 -21.94
N GLY H 34 -28.99 5.78 -23.19
CA GLY H 34 -28.93 4.65 -24.15
C GLY H 34 -29.90 3.51 -23.85
N ILE H 35 -30.83 3.60 -22.92
CA ILE H 35 -31.71 2.42 -22.67
C ILE H 35 -32.57 2.24 -23.92
N GLY H 36 -32.85 3.33 -24.61
CA GLY H 36 -33.66 3.24 -25.81
C GLY H 36 -32.92 2.67 -27.00
N ILE H 37 -31.73 3.22 -27.28
CA ILE H 37 -30.94 2.76 -28.42
C ILE H 37 -30.56 1.30 -28.26
N GLY H 38 -30.16 0.91 -27.05
CA GLY H 38 -29.77 -0.47 -26.81
C GLY H 38 -30.91 -1.44 -27.02
N VAL H 39 -32.10 -1.10 -26.51
CA VAL H 39 -33.25 -1.96 -26.67
C VAL H 39 -33.69 -2.04 -28.13
N GLY H 40 -33.66 -0.89 -28.84
CA GLY H 40 -33.99 -0.92 -30.26
C GLY H 40 -33.02 -1.74 -31.08
N ALA H 41 -31.74 -1.63 -30.78
CA ALA H 41 -30.73 -2.44 -31.46
C ALA H 41 -30.92 -3.92 -31.16
N PHE H 42 -31.27 -4.25 -29.91
CA PHE H 42 -31.55 -5.65 -29.57
C PHE H 42 -32.75 -6.17 -30.35
N CYS H 43 -33.80 -5.34 -30.48
CA CYS H 43 -34.97 -5.76 -31.23
C CYS H 43 -34.64 -5.99 -32.70
N VAL H 44 -33.84 -5.10 -33.30
CA VAL H 44 -33.45 -5.28 -34.69
C VAL H 44 -32.63 -6.55 -34.86
N TYR H 45 -31.67 -6.79 -33.95
CA TYR H 45 -30.90 -8.03 -33.99
C TYR H 45 -31.79 -9.26 -33.85
N LEU H 46 -32.77 -9.21 -32.95
CA LEU H 46 -33.66 -10.34 -32.75
C LEU H 46 -34.47 -10.64 -34.01
N VAL H 47 -34.98 -9.59 -34.65
CA VAL H 47 -35.71 -9.80 -35.90
C VAL H 47 -34.79 -10.38 -36.97
N GLY H 48 -33.56 -9.87 -37.06
CA GLY H 48 -32.61 -10.42 -38.00
C GLY H 48 -32.30 -11.88 -37.74
N GLU H 49 -32.27 -12.29 -36.47
CA GLU H 49 -31.99 -13.68 -36.13
C GLU H 49 -33.12 -14.60 -36.56
N GLN H 50 -34.32 -14.06 -36.74
CA GLN H 50 -35.44 -14.88 -37.17
C GLN H 50 -35.22 -15.44 -38.58
N ILE H 51 -34.64 -14.63 -39.46
CA ILE H 51 -34.34 -15.13 -40.80
C ILE H 51 -33.05 -15.94 -40.78
N VAL I 37 0.61 27.82 7.32
CA VAL I 37 0.61 28.71 6.16
C VAL I 37 0.58 30.18 6.57
N GLY I 38 -0.61 30.67 6.91
CA GLY I 38 -0.86 32.09 7.11
C GLY I 38 0.11 32.78 8.05
N LYS I 39 0.09 32.39 9.32
CA LYS I 39 1.02 32.97 10.30
C LYS I 39 1.15 31.96 11.43
N HIS I 40 2.29 31.31 11.51
CA HIS I 40 2.51 30.32 12.56
C HIS I 40 2.50 31.01 13.92
N ILE I 41 1.79 30.39 14.87
CA ILE I 41 1.65 30.99 16.20
C ILE I 41 2.97 30.82 16.95
N VAL I 42 3.48 31.93 17.44
CA VAL I 42 4.71 31.92 18.25
C VAL I 42 4.29 31.88 19.71
N PRO I 43 4.77 30.92 20.49
CA PRO I 43 4.25 30.73 21.86
C PRO I 43 4.42 31.97 22.72
N ASP I 44 3.39 32.25 23.52
CA ASP I 44 3.45 33.31 24.52
C ASP I 44 3.30 32.80 25.95
N LYS I 45 3.12 31.51 26.13
CA LYS I 45 3.00 30.85 27.43
C LYS I 45 4.01 29.73 27.50
N PRO I 46 4.41 29.32 28.70
CA PRO I 46 5.33 28.17 28.82
C PRO I 46 4.72 26.92 28.21
N LEU I 47 5.54 26.21 27.42
CA LEU I 47 5.08 24.98 26.83
C LEU I 47 5.05 23.86 27.86
N SER I 48 4.14 22.92 27.66
CA SER I 48 4.06 21.74 28.52
C SER I 48 5.15 20.75 28.16
N VAL I 49 5.29 19.72 29.00
CA VAL I 49 6.30 18.69 28.77
C VAL I 49 5.94 17.87 27.53
N ASN I 50 4.67 17.51 27.37
CA ASN I 50 4.24 16.72 26.22
C ASN I 50 3.55 17.63 25.20
N ASP I 51 4.38 18.44 24.55
CA ASP I 51 3.92 19.37 23.52
C ASP I 51 4.41 18.99 22.13
N GLU I 52 5.40 18.10 22.04
CA GLU I 52 5.90 17.65 20.75
C GLU I 52 4.86 16.85 19.97
N LEU I 53 3.83 16.33 20.65
CA LEU I 53 2.87 15.43 20.03
C LEU I 53 1.44 15.95 20.03
N MET I 54 1.19 17.13 20.59
CA MET I 54 -0.17 17.63 20.70
C MET I 54 -0.51 18.57 19.55
N ALA I 70 -13.58 11.02 17.20
CA ALA I 70 -12.65 11.07 18.32
C ALA I 70 -12.87 12.33 19.15
N ASP I 71 -14.05 12.92 19.03
CA ASP I 71 -14.36 14.16 19.75
C ASP I 71 -15.69 14.06 20.48
N THR I 72 -16.62 13.26 19.98
CA THR I 72 -17.97 13.15 20.58
C THR I 72 -18.13 11.83 21.32
N VAL I 73 -17.35 10.80 21.01
CA VAL I 73 -17.46 9.56 21.82
C VAL I 73 -16.32 9.46 22.85
N GLY I 74 -16.56 8.93 24.05
CA GLY I 74 -15.57 8.74 25.09
C GLY I 74 -14.59 7.63 24.75
N LYS I 75 -13.56 7.51 25.59
CA LYS I 75 -12.49 6.55 25.33
C LYS I 75 -12.95 5.12 25.64
N TYR I 76 -13.36 4.88 26.88
CA TYR I 76 -13.81 3.54 27.26
C TYR I 76 -15.15 3.21 26.64
N GLU I 77 -15.98 4.21 26.42
CA GLU I 77 -17.24 3.99 25.66
C GLU I 77 -16.94 3.53 24.23
N ALA I 78 -16.01 4.17 23.56
CA ALA I 78 -15.61 3.72 22.23
C ALA I 78 -15.06 2.30 22.29
N LEU I 79 -14.27 2.00 23.33
CA LEU I 79 -13.78 0.63 23.49
C LEU I 79 -14.94 -0.35 23.65
N ALA I 80 -15.96 0.03 24.43
CA ALA I 80 -17.12 -0.85 24.63
C ALA I 80 -17.89 -1.07 23.34
N TRP I 81 -18.17 -0.03 22.57
CA TRP I 81 -18.86 -0.15 21.25
C TRP I 81 -18.04 -1.04 20.30
N LEU I 82 -16.72 -0.83 20.24
CA LEU I 82 -15.91 -1.67 19.36
C LEU I 82 -15.88 -3.11 19.83
N SER I 83 -15.85 -3.33 21.15
CA SER I 83 -15.90 -4.68 21.69
C SER I 83 -17.22 -5.35 21.35
N GLY I 84 -18.32 -4.60 21.37
CA GLY I 84 -19.59 -5.15 20.91
C GLY I 84 -19.56 -5.50 19.45
N GLY I 85 -18.96 -4.65 18.63
CA GLY I 85 -18.81 -4.96 17.21
C GLY I 85 -18.03 -6.22 16.96
N LEU I 86 -16.94 -6.43 17.72
CA LEU I 86 -16.16 -7.66 17.55
C LEU I 86 -16.87 -8.86 18.17
N GLY I 87 -17.67 -8.64 19.22
CA GLY I 87 -18.48 -9.71 19.76
C GLY I 87 -19.56 -10.17 18.82
N PHE I 88 -20.00 -9.29 17.92
CA PHE I 88 -20.83 -9.74 16.80
C PHE I 88 -20.13 -10.83 15.99
N PHE I 89 -18.86 -10.60 15.63
CA PHE I 89 -18.11 -11.60 14.87
C PHE I 89 -17.93 -12.88 15.68
N VAL I 90 -17.66 -12.74 16.97
CA VAL I 90 -17.52 -13.92 17.84
C VAL I 90 -18.82 -14.72 17.87
N GLY I 91 -19.95 -14.02 18.00
CA GLY I 91 -21.24 -14.69 18.03
C GLY I 91 -21.57 -15.37 16.71
N LEU I 92 -21.19 -14.75 15.60
CA LEU I 92 -21.38 -15.38 14.29
C LEU I 92 -20.52 -16.62 14.15
N GLY I 93 -19.29 -16.58 14.65
CA GLY I 93 -18.44 -17.77 14.64
C GLY I 93 -19.01 -18.90 15.46
N LEU I 94 -19.51 -18.58 16.66
CA LEU I 94 -20.12 -19.61 17.50
C LEU I 94 -21.38 -20.17 16.85
N LEU I 95 -22.15 -19.30 16.19
CA LEU I 95 -23.32 -19.77 15.46
C LEU I 95 -22.92 -20.71 14.32
N ALA I 96 -21.83 -20.41 13.63
CA ALA I 96 -21.36 -21.31 12.58
C ALA I 96 -20.89 -22.63 13.16
N VAL I 97 -20.28 -22.60 14.35
CA VAL I 97 -19.93 -23.85 15.04
C VAL I 97 -21.19 -24.65 15.34
N LEU I 98 -22.21 -23.99 15.89
CA LEU I 98 -23.44 -24.68 16.24
C LEU I 98 -24.15 -25.21 15.00
N ASN I 99 -23.98 -24.54 13.87
CA ASN I 99 -24.64 -24.97 12.63
C ASN I 99 -24.13 -26.33 12.18
N ASP I 100 -22.83 -26.59 12.36
CA ASP I 100 -22.21 -27.85 11.96
C ASP I 100 -22.53 -28.18 10.51
N LYS I 101 -22.23 -27.22 9.63
CA LYS I 101 -22.51 -27.38 8.21
C LYS I 101 -21.73 -28.54 7.61
N ALA I 102 -20.58 -28.89 8.20
CA ALA I 102 -19.78 -30.00 7.71
C ALA I 102 -20.52 -31.34 7.81
N SER I 103 -21.48 -31.45 8.71
CA SER I 103 -22.23 -32.68 8.92
C SER I 103 -23.42 -32.83 7.98
N LYS I 104 -23.70 -31.83 7.14
CA LYS I 104 -24.81 -31.90 6.19
C LYS I 104 -24.35 -31.77 4.75
N VAL I 105 -23.10 -32.13 4.45
CA VAL I 105 -22.60 -31.99 3.08
C VAL I 105 -23.37 -32.95 2.16
N PRO I 106 -23.84 -32.49 1.00
CA PRO I 106 -24.72 -33.31 0.16
C PRO I 106 -23.99 -34.21 -0.84
N PHE I 107 -22.69 -34.40 -0.72
CA PHE I 107 -21.95 -35.33 -1.58
C PHE I 107 -20.88 -36.02 -0.76
N THR I 108 -20.57 -37.21 -1.22
CA THR I 108 -19.47 -37.95 -0.58
C THR I 108 -18.18 -37.23 -0.96
N PRO I 109 -17.08 -37.47 -0.25
CA PRO I 109 -15.80 -36.89 -0.65
C PRO I 109 -15.30 -37.48 -1.97
N ARG I 110 -14.58 -36.64 -2.74
CA ARG I 110 -14.00 -37.07 -4.04
C ARG I 110 -13.00 -38.18 -3.80
N VAL I 111 -12.80 -39.00 -4.82
CA VAL I 111 -11.85 -40.13 -4.71
C VAL I 111 -11.15 -40.13 -6.03
N TYR I 112 -9.89 -39.81 -5.97
CA TYR I 112 -9.08 -39.75 -7.18
C TYR I 112 -8.65 -41.16 -7.52
N PRO I 113 -8.33 -41.44 -8.78
CA PRO I 113 -7.77 -42.74 -9.18
C PRO I 113 -6.31 -42.89 -8.78
N TYR I 114 -5.77 -44.09 -9.04
CA TYR I 114 -4.38 -44.43 -8.78
C TYR I 114 -4.01 -44.19 -7.31
N ASP I 115 -4.79 -44.83 -6.44
CA ASP I 115 -4.59 -44.76 -4.99
C ASP I 115 -4.61 -43.30 -4.51
N ASN I 116 -5.61 -42.57 -4.92
CA ASN I 116 -5.76 -41.13 -4.55
C ASN I 116 -4.52 -40.33 -5.02
N LEU I 117 -4.01 -40.61 -6.25
CA LEU I 117 -2.85 -39.91 -6.78
C LEU I 117 -1.69 -39.89 -5.79
N ARG I 118 -1.35 -41.07 -5.28
CA ARG I 118 -0.30 -41.17 -4.28
C ARG I 118 1.06 -40.81 -4.88
N VAL I 119 1.38 -41.39 -6.03
CA VAL I 119 2.67 -41.13 -6.66
C VAL I 119 2.74 -39.71 -7.21
N GLU I 120 1.68 -39.24 -7.85
CA GLU I 120 1.66 -37.89 -8.40
C GLU I 120 1.76 -36.82 -7.33
N LEU I 121 1.42 -37.14 -6.09
CA LEU I 121 1.52 -36.19 -5.00
C LEU I 121 2.81 -36.33 -4.22
N GLY I 122 3.79 -37.07 -4.74
CA GLY I 122 5.09 -37.19 -4.11
C GLY I 122 5.28 -38.40 -3.22
N GLY I 123 4.36 -39.35 -3.24
CA GLY I 123 4.48 -40.55 -2.43
C GLY I 123 5.45 -41.55 -3.01
N GLU I 124 5.63 -42.64 -2.27
CA GLU I 124 6.60 -43.65 -2.65
C GLU I 124 6.12 -44.40 -3.89
N PRO I 125 6.92 -44.46 -4.96
CA PRO I 125 6.56 -45.17 -6.19
C PRO I 125 6.79 -46.68 -6.08
N GLY J 2 15.42 39.89 10.09
CA GLY J 2 15.99 41.06 9.43
C GLY J 2 17.46 40.90 9.11
N GLY J 3 18.24 40.55 10.13
CA GLY J 3 19.66 40.36 9.96
C GLY J 3 20.14 39.02 10.45
N GLY J 4 20.71 38.25 9.57
CA GLY J 4 21.30 36.98 10.01
C GLY J 4 20.54 35.73 9.66
N MET J 5 21.27 34.63 9.45
CA MET J 5 20.67 33.31 9.25
C MET J 5 20.36 32.70 10.63
N GLU J 6 20.96 33.20 11.72
CA GLU J 6 20.70 32.56 13.01
C GLU J 6 19.22 32.63 13.34
N THR J 7 18.72 31.60 14.01
CA THR J 7 17.32 31.58 14.42
C THR J 7 17.06 32.67 15.45
N ASN J 8 15.87 33.25 15.36
CA ASN J 8 15.42 34.18 16.38
C ASN J 8 14.84 33.37 17.54
N LYS J 9 15.56 33.32 18.64
CA LYS J 9 15.19 32.49 19.76
C LYS J 9 13.84 32.92 20.34
N ASN J 10 13.06 31.95 20.77
CA ASN J 10 11.84 32.17 21.55
C ASN J 10 12.11 31.70 22.97
N LYS J 11 11.81 32.57 23.95
CA LYS J 11 12.20 32.29 25.32
C LYS J 11 11.51 31.05 25.86
N PHE J 12 10.24 30.85 25.51
CA PHE J 12 9.51 29.68 26.01
C PHE J 12 10.02 28.39 25.39
N ILE J 13 10.37 28.42 24.11
CA ILE J 13 10.92 27.24 23.44
C ILE J 13 12.26 26.85 24.06
N GLU J 14 13.11 27.83 24.33
CA GLU J 14 14.38 27.54 24.99
C GLU J 14 14.19 27.08 26.42
N ASP J 15 13.21 27.65 27.14
CA ASP J 15 12.91 27.16 28.48
C ASP J 15 12.48 25.69 28.44
N TRP J 16 11.62 25.35 27.49
CA TRP J 16 11.18 23.97 27.31
C TRP J 16 12.37 23.04 27.02
N GLY J 17 13.25 23.46 26.12
CA GLY J 17 14.42 22.65 25.81
C GLY J 17 15.35 22.46 26.99
N SER J 18 15.66 23.54 27.71
CA SER J 18 16.56 23.43 28.86
C SER J 18 15.93 22.62 29.98
N ALA J 19 14.61 22.72 30.18
CA ALA J 19 13.94 21.86 31.14
C ALA J 19 14.08 20.40 30.75
N ARG J 20 14.03 20.12 29.44
CA ARG J 20 14.23 18.73 28.95
C ARG J 20 15.66 18.28 29.28
N GLU J 21 16.65 19.17 29.12
CA GLU J 21 18.03 18.79 29.35
C GLU J 21 18.40 18.58 30.82
N ASN J 22 17.55 18.99 31.76
CA ASN J 22 17.91 18.97 33.17
C ASN J 22 16.88 18.20 34.00
N LEU J 23 16.36 17.10 33.44
CA LEU J 23 15.31 16.36 34.10
C LEU J 23 15.78 15.66 35.38
N GLU J 24 17.07 15.29 35.44
CA GLU J 24 17.56 14.52 36.57
C GLU J 24 17.45 15.27 37.89
N HIS J 25 17.42 16.60 37.86
CA HIS J 25 17.25 17.39 39.06
C HIS J 25 15.83 17.30 39.63
N ASN J 26 14.90 16.71 38.89
CA ASN J 26 13.51 16.66 39.31
C ASN J 26 13.13 15.32 39.93
N PHE J 27 13.96 14.29 39.77
CA PHE J 27 13.65 12.96 40.28
C PHE J 27 13.49 12.98 41.79
N ARG J 28 12.41 12.36 42.29
CA ARG J 28 12.06 12.49 43.70
C ARG J 28 11.82 11.20 44.46
N TRP J 29 11.91 10.04 43.81
CA TRP J 29 11.69 8.74 44.46
C TRP J 29 10.28 8.63 45.04
N THR J 30 9.28 8.85 44.19
CA THR J 30 7.89 8.80 44.59
C THR J 30 7.35 7.37 44.50
N ARG J 31 6.07 7.21 44.85
CA ARG J 31 5.42 5.91 44.71
C ARG J 31 5.32 5.51 43.24
N ARG J 32 4.94 6.47 42.39
CA ARG J 32 4.80 6.19 40.94
C ARG J 32 6.16 5.80 40.38
N ASN J 33 7.21 6.57 40.72
CA ASN J 33 8.54 6.25 40.23
C ASN J 33 9.01 4.89 40.74
N PHE J 34 8.70 4.57 42.00
CA PHE J 34 9.07 3.27 42.53
C PHE J 34 8.41 2.15 41.75
N ALA J 35 7.13 2.30 41.45
CA ALA J 35 6.41 1.30 40.67
C ALA J 35 6.99 1.19 39.26
N LEU J 36 7.28 2.34 38.64
CA LEU J 36 7.74 2.31 37.22
C LEU J 36 9.14 1.69 37.13
N ILE J 37 9.97 1.95 38.10
CA ILE J 37 11.30 1.36 38.09
C ILE J 37 11.24 -0.12 38.46
N GLY J 38 10.37 -0.48 39.40
CA GLY J 38 10.21 -1.89 39.73
C GLY J 38 9.66 -2.72 38.59
N ILE J 39 8.73 -2.16 37.82
CA ILE J 39 8.09 -2.91 36.76
C ILE J 39 8.99 -3.00 35.54
N PHE J 40 9.49 -1.85 35.10
CA PHE J 40 10.21 -1.75 33.81
C PHE J 40 11.72 -1.87 33.96
N GLY J 41 12.21 -1.62 35.15
CA GLY J 41 13.63 -1.66 35.34
C GLY J 41 14.14 -2.98 35.88
N ILE J 42 13.25 -3.76 36.50
CA ILE J 42 13.64 -5.02 37.11
C ILE J 42 12.79 -6.17 36.57
N ALA J 43 11.46 -6.07 36.74
CA ALA J 43 10.59 -7.21 36.45
C ALA J 43 10.62 -7.58 34.97
N LEU J 44 10.38 -6.60 34.09
CA LEU J 44 10.32 -6.91 32.66
C LEU J 44 11.62 -7.49 32.12
N PRO J 45 12.81 -6.95 32.42
CA PRO J 45 14.05 -7.63 32.00
C PRO J 45 14.16 -9.05 32.52
N ILE J 46 13.74 -9.30 33.76
CA ILE J 46 13.78 -10.67 34.30
C ILE J 46 12.85 -11.57 33.51
N ILE J 47 11.65 -11.08 33.19
CA ILE J 47 10.69 -11.87 32.43
C ILE J 47 11.24 -12.19 31.04
N VAL J 48 11.86 -11.20 30.39
CA VAL J 48 12.45 -11.43 29.07
C VAL J 48 13.60 -12.45 29.16
N TYR J 49 14.43 -12.33 30.19
CA TYR J 49 15.53 -13.29 30.36
C TYR J 49 14.99 -14.71 30.55
N LYS J 50 14.00 -14.88 31.39
CA LYS J 50 13.34 -16.20 31.65
C LYS J 50 12.72 -16.73 30.34
N GLY J 51 12.18 -15.86 29.49
CA GLY J 51 11.65 -16.25 28.17
C GLY J 51 12.71 -16.79 27.23
N ILE J 52 13.84 -16.11 27.13
CA ILE J 52 14.96 -16.46 26.24
C ILE J 52 15.52 -17.79 26.70
N VAL J 53 15.67 -18.00 28.01
CA VAL J 53 16.28 -19.21 28.57
C VAL J 53 15.37 -20.42 28.32
N LYS J 54 14.10 -20.23 28.55
CA LYS J 54 13.08 -21.27 28.33
C LYS J 54 13.09 -21.67 26.86
N ASP J 55 13.17 -20.70 25.98
CA ASP J 55 13.25 -20.96 24.54
C ASP J 55 14.40 -21.93 24.28
N PHE J 56 15.61 -21.65 24.78
CA PHE J 56 16.73 -22.60 24.65
C PHE J 56 16.40 -23.98 25.28
N HIS J 57 15.75 -24.03 26.44
CA HIS J 57 15.46 -25.29 27.17
C HIS J 57 14.43 -26.09 26.39
N MET J 58 13.47 -25.40 25.81
CA MET J 58 12.46 -26.06 24.99
C MET J 58 13.18 -26.59 23.75
N GLN J 59 14.12 -25.88 23.15
CA GLN J 59 14.94 -26.46 22.09
C GLN J 59 15.73 -27.66 22.60
N ASP J 60 16.26 -27.56 23.82
CA ASP J 60 17.06 -28.65 24.37
C ASP J 60 16.24 -29.93 24.50
N GLU J 61 15.04 -29.83 25.08
CA GLU J 61 14.20 -31.01 25.22
C GLU J 61 13.61 -31.46 23.89
N ASP J 62 13.50 -30.57 22.89
CA ASP J 62 13.06 -31.02 21.58
C ASP J 62 14.12 -31.86 20.87
N ALA J 63 15.38 -31.69 21.25
CA ALA J 63 16.49 -32.42 20.65
C ALA J 63 16.93 -33.59 21.51
N GLY J 64 16.18 -33.93 22.55
CA GLY J 64 16.55 -35.02 23.43
C GLY J 64 17.83 -34.76 24.19
N ARG J 65 17.99 -33.54 24.70
CA ARG J 65 19.18 -33.12 25.40
C ARG J 65 18.80 -32.51 26.73
N PRO J 66 19.70 -32.56 27.71
CA PRO J 66 19.44 -31.89 29.00
C PRO J 66 19.41 -30.38 28.83
N HIS J 67 18.95 -29.72 29.87
CA HIS J 67 18.85 -28.27 29.87
C HIS J 67 20.25 -27.67 29.90
N ARG J 68 20.51 -26.72 29.01
CA ARG J 68 21.81 -26.07 28.97
C ARG J 68 21.92 -25.13 30.16
N LYS J 69 23.02 -25.22 30.90
CA LYS J 69 23.24 -24.31 32.01
C LYS J 69 23.66 -22.94 31.49
N PHE J 70 23.27 -21.90 32.22
CA PHE J 70 23.51 -20.54 31.79
C PHE J 70 23.99 -19.68 32.94
N LEU J 71 24.73 -18.62 32.61
CA LEU J 71 25.30 -17.68 33.58
C LEU J 71 26.29 -18.38 34.51
N ALA K 7 -22.30 50.43 30.40
CA ALA K 7 -22.55 49.99 31.78
C ALA K 7 -22.01 48.58 32.01
N ALA K 8 -22.64 47.86 32.93
CA ALA K 8 -22.31 46.48 33.22
C ALA K 8 -23.44 45.52 32.90
N TYR K 9 -24.67 45.88 33.26
CA TYR K 9 -25.80 45.04 32.89
C TYR K 9 -26.00 45.01 31.38
N PHE K 10 -25.65 46.11 30.69
CA PHE K 10 -25.75 46.12 29.24
C PHE K 10 -24.72 45.20 28.60
N ALA K 11 -23.48 45.23 29.10
CA ALA K 11 -22.44 44.36 28.56
C ALA K 11 -22.71 42.90 28.89
N ARG K 12 -23.17 42.63 30.11
CA ARG K 12 -23.43 41.25 30.52
C ARG K 12 -24.57 40.66 29.70
N ARG K 13 -25.54 41.49 29.32
CA ARG K 13 -26.69 41.08 28.49
C ARG K 13 -26.21 40.99 27.04
N ALA K 14 -25.27 41.85 26.68
CA ALA K 14 -24.73 41.81 25.32
C ALA K 14 -23.91 40.55 25.08
N ALA K 15 -23.10 40.14 26.06
CA ALA K 15 -22.33 38.91 25.93
C ALA K 15 -23.24 37.70 25.79
N GLN K 16 -24.38 37.73 26.47
CA GLN K 16 -25.35 36.64 26.36
C GLN K 16 -25.96 36.59 24.96
N LYS K 17 -26.25 37.76 24.44
CA LYS K 17 -26.80 37.86 23.09
C LYS K 17 -25.84 37.20 22.09
N GLU K 18 -24.56 37.50 22.16
CA GLU K 18 -23.55 36.90 21.30
C GLU K 18 -23.59 35.38 21.40
N ARG K 19 -23.68 34.86 22.63
CA ARG K 19 -23.74 33.42 22.81
C ARG K 19 -24.95 32.82 22.10
N VAL K 20 -26.12 33.45 22.25
CA VAL K 20 -27.35 32.95 21.61
C VAL K 20 -27.23 33.03 20.07
N ARG K 21 -26.76 34.15 19.52
CA ARG K 21 -26.59 34.33 18.05
C ARG K 21 -25.59 33.32 17.47
N ILE K 22 -24.54 32.99 18.18
CA ILE K 22 -23.57 32.02 17.68
C ILE K 22 -24.11 30.60 17.83
N LEU K 23 -24.82 30.33 18.92
CA LEU K 23 -25.45 29.01 19.13
C LEU K 23 -26.45 28.76 17.99
N TYR K 24 -27.28 29.73 17.69
CA TYR K 24 -28.27 29.56 16.64
C TYR K 24 -27.61 29.33 15.29
N ARG K 25 -26.56 30.06 14.96
CA ARG K 25 -25.83 29.90 13.70
C ARG K 25 -25.29 28.45 13.54
N ARG K 26 -24.73 27.90 14.58
CA ARG K 26 -24.10 26.57 14.55
C ARG K 26 -25.20 25.50 14.48
N ALA K 27 -26.29 25.66 15.21
CA ALA K 27 -27.44 24.72 15.19
C ALA K 27 -28.03 24.70 13.79
N LEU K 28 -28.12 25.85 13.15
CA LEU K 28 -28.72 25.97 11.80
C LEU K 28 -27.83 25.28 10.77
N LYS K 29 -26.52 25.44 10.90
CA LYS K 29 -25.57 24.86 9.93
C LYS K 29 -25.57 23.34 10.07
N ASP K 30 -25.74 22.86 11.29
CA ASP K 30 -25.79 21.43 11.57
C ASP K 30 -27.13 20.82 11.12
N THR K 31 -28.19 21.58 11.15
CA THR K 31 -29.51 21.12 10.66
C THR K 31 -29.33 20.72 9.19
N LEU K 32 -28.54 21.45 8.43
CA LEU K 32 -28.25 21.15 7.03
C LEU K 32 -27.39 19.89 6.90
N ASN K 33 -26.44 19.63 7.78
CA ASN K 33 -25.64 18.38 7.78
C ASN K 33 -26.51 17.13 7.96
N TRP K 34 -27.55 17.20 8.77
CA TRP K 34 -28.41 16.02 9.05
C TRP K 34 -29.53 15.87 8.01
N ALA K 35 -29.86 16.89 7.28
CA ALA K 35 -30.98 16.89 6.33
C ALA K 35 -30.52 16.63 4.91
N VAL K 36 -29.40 17.21 4.48
CA VAL K 36 -28.82 17.04 3.12
C VAL K 36 -29.74 17.69 2.08
N HIS K 37 -30.98 17.19 1.90
CA HIS K 37 -31.83 17.80 0.89
C HIS K 37 -32.40 19.12 1.38
N ARG K 38 -32.45 20.07 0.49
CA ARG K 38 -33.02 21.43 0.74
C ARG K 38 -34.42 21.40 1.37
N HIS K 39 -35.36 20.61 0.86
CA HIS K 39 -36.75 20.68 1.31
C HIS K 39 -36.92 20.16 2.73
N ILE K 40 -36.09 19.18 3.11
CA ILE K 40 -36.10 18.71 4.53
C ILE K 40 -35.49 19.82 5.42
N PHE K 41 -34.45 20.52 4.94
CA PHE K 41 -33.79 21.62 5.69
C PHE K 41 -34.83 22.72 6.00
N TYR K 42 -35.69 23.03 5.06
CA TYR K 42 -36.65 24.10 5.30
C TYR K 42 -37.44 23.85 6.59
N ARG K 43 -38.10 22.70 6.67
CA ARG K 43 -38.83 22.34 7.89
C ARG K 43 -37.92 22.26 9.15
N ASP K 44 -36.76 21.65 9.02
CA ASP K 44 -35.91 21.51 10.19
C ASP K 44 -35.46 22.87 10.71
N ALA K 45 -35.10 23.78 9.80
CA ALA K 45 -34.71 25.13 10.20
C ALA K 45 -35.88 25.87 10.83
N SER K 46 -37.07 25.76 10.24
CA SER K 46 -38.29 26.36 10.85
C SER K 46 -38.50 25.86 12.29
N ASP K 47 -38.34 24.56 12.54
CA ASP K 47 -38.54 24.00 13.88
C ASP K 47 -37.47 24.50 14.85
N LEU K 48 -36.23 24.62 14.43
CA LEU K 48 -35.15 25.13 15.32
C LEU K 48 -35.40 26.60 15.68
N ARG K 49 -35.81 27.34 14.66
CA ARG K 49 -36.13 28.73 14.94
C ARG K 49 -37.28 28.85 15.93
N GLU K 50 -38.26 27.95 15.86
CA GLU K 50 -39.33 27.96 16.86
C GLU K 50 -38.79 27.65 18.25
N LYS K 51 -37.93 26.72 18.50
CA LYS K 51 -37.30 26.58 19.85
C LYS K 51 -36.74 27.97 20.36
N PHE K 52 -35.91 28.57 19.51
CA PHE K 52 -35.38 29.86 20.05
C PHE K 52 -36.53 30.86 20.27
N ASN K 53 -37.51 30.89 19.38
CA ASN K 53 -38.49 31.94 19.55
C ASN K 53 -39.31 31.75 20.82
N VAL K 54 -39.54 30.50 21.24
CA VAL K 54 -40.35 30.28 22.44
C VAL K 54 -39.72 30.95 23.65
N ASN K 55 -38.38 30.76 23.67
CA ASN K 55 -37.73 31.54 24.80
C ASN K 55 -37.30 32.97 24.47
N GLN K 56 -37.55 33.52 23.28
CA GLN K 56 -37.01 34.88 22.87
C GLN K 56 -37.36 36.00 23.84
N ASP K 57 -38.38 35.79 24.62
CA ASP K 57 -38.94 36.90 25.40
C ASP K 57 -38.60 36.84 26.88
N VAL K 58 -37.74 35.93 27.27
CA VAL K 58 -37.34 35.90 28.69
C VAL K 58 -36.50 37.12 29.08
N GLU K 59 -36.72 37.65 30.28
CA GLU K 59 -35.99 38.79 30.80
C GLU K 59 -35.05 38.45 31.95
N ASP K 60 -35.33 37.38 32.68
CA ASP K 60 -34.46 37.01 33.80
C ASP K 60 -33.10 36.55 33.29
N VAL K 61 -32.04 37.10 33.88
CA VAL K 61 -30.70 36.90 33.35
C VAL K 61 -30.06 35.59 33.77
N ASP K 62 -30.27 35.14 35.01
CA ASP K 62 -29.77 33.83 35.42
C ASP K 62 -30.42 32.72 34.61
N ARG K 63 -31.73 32.83 34.38
CA ARG K 63 -32.42 31.86 33.55
C ARG K 63 -31.87 31.85 32.14
N ILE K 64 -31.47 33.04 31.64
CA ILE K 64 -30.89 33.13 30.30
C ILE K 64 -29.59 32.32 30.34
N ASP K 65 -28.77 32.52 31.35
CA ASP K 65 -27.51 31.79 31.41
C ASP K 65 -27.73 30.28 31.47
N LYS K 66 -28.71 29.83 32.25
CA LYS K 66 -29.03 28.41 32.31
C LYS K 66 -29.48 27.88 30.96
N LEU K 67 -30.35 28.61 30.26
CA LEU K 67 -30.81 28.22 28.91
C LEU K 67 -29.65 28.20 27.92
N ILE K 68 -28.74 29.16 28.02
CA ILE K 68 -27.61 29.16 27.10
C ILE K 68 -26.75 27.93 27.32
N ALA K 69 -26.45 27.63 28.60
CA ALA K 69 -25.64 26.45 28.89
C ALA K 69 -26.32 25.18 28.42
N HIS K 70 -27.62 25.07 28.64
CA HIS K 70 -28.36 23.90 28.17
C HIS K 70 -28.32 23.79 26.65
N GLY K 71 -28.52 24.89 25.96
CA GLY K 71 -28.49 24.91 24.49
C GLY K 71 -27.11 24.51 23.95
N GLU K 72 -26.01 25.00 24.55
CA GLU K 72 -24.68 24.58 24.14
C GLU K 72 -24.45 23.10 24.40
N ALA K 73 -24.90 22.60 25.55
CA ALA K 73 -24.75 21.18 25.82
C ALA K 73 -25.51 20.34 24.80
N GLU K 74 -26.72 20.77 24.45
CA GLU K 74 -27.55 20.08 23.43
C GLU K 74 -26.83 20.07 22.09
N TYR K 75 -26.37 21.23 21.57
CA TYR K 75 -25.55 21.28 20.35
C TYR K 75 -24.40 20.29 20.45
N ASN K 76 -23.66 20.34 21.53
CA ASN K 76 -22.46 19.51 21.60
C ASN K 76 -22.80 18.03 21.61
N LYS K 77 -23.92 17.58 22.13
CA LYS K 77 -24.34 16.17 22.11
C LYS K 77 -24.87 15.77 20.71
N TRP K 78 -25.77 16.54 20.13
CA TRP K 78 -26.49 16.10 18.90
C TRP K 78 -25.76 16.59 17.65
N ARG K 79 -24.52 17.02 17.87
CA ARG K 79 -23.74 17.54 16.76
C ARG K 79 -23.48 16.45 15.73
N HIS K 80 -23.54 16.80 14.45
CA HIS K 80 -23.24 15.84 13.39
C HIS K 80 -21.78 15.41 13.44
N PRO K 81 -21.49 14.11 13.46
CA PRO K 81 -20.10 13.65 13.58
C PRO K 81 -19.19 14.12 12.46
N ASP K 82 -19.71 14.31 11.24
CA ASP K 82 -18.89 14.64 10.08
C ASP K 82 -19.47 15.87 9.39
N PRO K 83 -19.28 17.05 9.97
CA PRO K 83 -19.86 18.27 9.38
C PRO K 83 -19.24 18.62 8.04
N TYR K 84 -20.04 19.30 7.21
CA TYR K 84 -19.55 19.80 5.94
C TYR K 84 -18.62 21.00 6.17
N ILE K 85 -17.53 21.03 5.40
CA ILE K 85 -16.62 22.17 5.41
C ILE K 85 -16.30 22.54 3.98
N VAL K 86 -16.33 23.83 3.68
CA VAL K 86 -15.85 24.33 2.38
C VAL K 86 -14.41 23.88 2.18
N PRO K 87 -14.05 23.36 1.00
CA PRO K 87 -12.75 22.69 0.86
C PRO K 87 -11.53 23.54 1.21
N TRP K 88 -11.57 24.85 0.98
CA TRP K 88 -10.43 25.69 1.29
C TRP K 88 -10.45 26.27 2.70
N ALA K 89 -11.52 26.04 3.46
CA ALA K 89 -11.60 26.48 4.84
C ALA K 89 -10.77 25.57 5.74
N PRO K 90 -10.40 26.03 6.94
CA PRO K 90 -9.64 25.18 7.85
C PRO K 90 -10.37 23.89 8.16
N GLY K 91 -9.66 22.77 8.04
CA GLY K 91 -10.26 21.46 8.11
C GLY K 91 -10.79 20.94 6.79
N GLY K 92 -10.78 21.77 5.74
CA GLY K 92 -11.29 21.35 4.45
C GLY K 92 -10.33 20.46 3.69
N SER K 93 -10.87 19.85 2.63
CA SER K 93 -10.08 18.91 1.83
C SER K 93 -8.99 19.61 1.02
N LYS K 94 -9.18 20.89 0.69
CA LYS K 94 -8.20 21.66 -0.07
C LYS K 94 -7.35 22.58 0.81
N PHE K 95 -7.52 22.54 2.13
CA PHE K 95 -6.86 23.49 3.01
C PHE K 95 -5.35 23.26 3.02
N CYS K 96 -4.59 24.33 2.78
CA CYS K 96 -3.12 24.33 2.78
C CYS K 96 -2.51 23.48 1.67
N ARG K 97 -3.28 23.36 0.59
CA ARG K 97 -2.76 22.79 -0.64
C ARG K 97 -2.25 23.93 -1.52
N ASN K 98 -1.04 23.82 -2.02
CA ASN K 98 -0.40 24.85 -2.87
C ASN K 98 -0.58 26.27 -2.30
N PRO K 99 -0.25 26.53 -1.03
CA PRO K 99 -0.36 27.89 -0.50
C PRO K 99 0.60 28.84 -1.18
N THR K 100 0.22 30.11 -1.19
CA THR K 100 1.14 31.14 -1.61
C THR K 100 2.33 31.18 -0.65
N PRO K 101 3.55 31.37 -1.15
CA PRO K 101 4.70 31.37 -0.25
C PRO K 101 4.64 32.54 0.69
N PRO K 102 5.21 32.39 1.89
CA PRO K 102 5.30 33.54 2.81
C PRO K 102 6.22 34.60 2.24
N ALA K 103 5.96 35.85 2.63
CA ALA K 103 6.85 36.94 2.32
C ALA K 103 7.95 37.05 3.37
N GLY K 104 9.04 37.71 2.98
CA GLY K 104 10.16 37.88 3.88
C GLY K 104 11.20 36.79 3.85
N ILE K 105 11.23 35.98 2.81
CA ILE K 105 12.17 34.88 2.69
C ILE K 105 13.31 35.33 1.78
N GLU K 106 14.52 35.23 2.31
CA GLU K 106 15.74 35.58 1.55
C GLU K 106 16.59 34.32 1.26
N ILE K 107 17.13 34.16 0.08
CA ILE K 107 18.00 33.05 -0.27
C ILE K 107 19.41 33.59 -0.40
N VAL K 108 20.37 32.99 0.27
CA VAL K 108 21.76 33.51 0.27
C VAL K 108 22.59 32.68 -0.69
N TYR K 109 23.45 33.35 -1.38
CA TYR K 109 24.38 32.77 -2.34
C TYR K 109 25.80 32.86 -1.80
N ASN K 110 26.65 31.95 -2.28
CA ASN K 110 28.07 31.95 -1.96
C ASN K 110 28.34 31.82 -0.45
N TYR K 111 27.60 30.92 0.18
CA TYR K 111 27.78 30.62 1.58
C TYR K 111 28.91 29.61 1.79
N GLY K 112 29.58 29.73 2.93
CA GLY K 112 30.59 28.75 3.32
C GLY K 112 31.84 28.68 2.47
N LEU K 113 32.26 29.80 1.91
CA LEU K 113 33.48 29.83 1.10
C LEU K 113 34.71 29.68 1.99
N GLU K 114 35.79 29.14 1.42
CA GLU K 114 36.99 28.90 2.20
C GLU K 114 37.61 30.21 2.69
N ASP K 115 37.41 31.31 1.97
CA ASP K 115 37.95 32.59 2.38
C ASP K 115 37.07 33.25 3.43
N LYS L 8 -18.31 -46.00 -14.74
CA LYS L 8 -17.29 -44.97 -14.92
C LYS L 8 -15.93 -45.47 -14.48
N LYS L 9 -15.09 -45.82 -15.44
CA LYS L 9 -13.77 -46.38 -15.17
C LYS L 9 -12.72 -45.44 -15.74
N MET L 10 -11.54 -45.47 -15.13
CA MET L 10 -10.46 -44.58 -15.57
C MET L 10 -9.95 -44.97 -16.95
N ILE L 11 -9.89 -43.98 -17.84
CA ILE L 11 -9.47 -44.18 -19.22
C ILE L 11 -8.08 -43.61 -19.46
N ALA L 12 -7.85 -42.37 -19.02
CA ALA L 12 -6.55 -41.75 -19.20
C ALA L 12 -5.52 -42.45 -18.31
N THR L 13 -4.37 -42.76 -18.88
CA THR L 13 -3.28 -43.33 -18.10
C THR L 13 -2.53 -42.23 -17.36
N GLN L 14 -1.65 -42.66 -16.45
CA GLN L 14 -0.81 -41.71 -15.75
C GLN L 14 0.13 -40.99 -16.70
N GLU L 15 0.70 -41.74 -17.66
CA GLU L 15 1.62 -41.16 -18.62
C GLU L 15 0.95 -40.08 -19.46
N GLU L 16 -0.28 -40.33 -19.91
CA GLU L 16 -0.97 -39.34 -20.72
C GLU L 16 -1.27 -38.07 -19.93
N MET L 17 -1.70 -38.23 -18.67
CA MET L 17 -2.01 -37.06 -17.85
C MET L 17 -0.77 -36.25 -17.55
N SER L 18 0.38 -36.93 -17.32
CA SER L 18 1.62 -36.21 -17.08
C SER L 18 2.11 -35.51 -18.35
N ALA L 19 1.99 -36.17 -19.51
CA ALA L 19 2.41 -35.56 -20.76
C ALA L 19 1.57 -34.35 -21.10
N ALA L 20 0.26 -34.40 -20.84
CA ALA L 20 -0.62 -33.25 -21.07
C ALA L 20 -0.50 -32.19 -19.99
N LYS L 21 0.28 -32.38 -18.95
CA LYS L 21 0.48 -31.42 -17.81
C LYS L 21 -0.83 -31.01 -17.13
N ILE L 22 -1.68 -31.98 -16.78
CA ILE L 22 -2.93 -31.68 -16.05
C ILE L 22 -2.66 -31.32 -14.60
N ALA L 23 -3.23 -30.22 -14.13
CA ALA L 23 -3.23 -29.85 -12.72
C ALA L 23 -3.70 -31.07 -11.96
N LEU L 24 -3.04 -31.39 -10.84
CA LEU L 24 -3.30 -32.62 -10.11
C LEU L 24 -4.79 -32.79 -9.77
N GLY L 25 -5.49 -31.72 -9.39
CA GLY L 25 -6.91 -31.75 -9.06
C GLY L 25 -7.84 -31.99 -10.23
N SER L 26 -7.35 -31.98 -11.44
CA SER L 26 -8.16 -32.31 -12.64
C SER L 26 -7.64 -33.66 -13.20
N ARG L 27 -7.06 -34.52 -12.36
CA ARG L 27 -6.67 -35.90 -12.80
C ARG L 27 -7.73 -36.90 -12.29
N ASP L 28 -8.95 -36.66 -12.66
CA ASP L 28 -10.04 -37.49 -12.20
C ASP L 28 -10.49 -38.41 -13.36
N MET L 29 -11.67 -38.99 -13.25
CA MET L 29 -12.14 -39.89 -14.29
C MET L 29 -12.41 -39.20 -15.62
N CYS L 30 -12.50 -37.87 -15.63
CA CYS L 30 -12.89 -37.13 -16.83
C CYS L 30 -11.69 -36.55 -17.59
N ALA L 31 -10.47 -36.98 -17.26
CA ALA L 31 -9.28 -36.35 -17.82
C ALA L 31 -9.07 -36.72 -19.29
N HIS L 32 -9.54 -37.90 -19.71
CA HIS L 32 -9.43 -38.29 -21.11
C HIS L 32 -10.19 -37.33 -22.02
N LEU L 33 -11.16 -36.59 -21.48
CA LEU L 33 -11.79 -35.50 -22.20
C LEU L 33 -11.18 -34.13 -21.91
N LEU L 34 -10.53 -33.96 -20.75
CA LEU L 34 -9.83 -32.70 -20.49
C LEU L 34 -8.67 -32.50 -21.45
N ILE L 35 -7.96 -33.58 -21.79
CA ILE L 35 -6.80 -33.45 -22.68
C ILE L 35 -7.16 -32.81 -24.01
N PRO L 36 -8.15 -33.31 -24.78
CA PRO L 36 -8.52 -32.60 -26.01
C PRO L 36 -9.02 -31.18 -25.76
N LEU L 37 -9.77 -30.98 -24.68
CA LEU L 37 -10.31 -29.65 -24.40
C LEU L 37 -9.18 -28.65 -24.16
N ASN L 38 -8.15 -29.05 -23.40
CA ASN L 38 -7.05 -28.12 -23.13
C ASN L 38 -6.20 -27.89 -24.36
N LYS L 39 -6.02 -28.92 -25.19
CA LYS L 39 -5.34 -28.70 -26.47
C LYS L 39 -6.07 -27.65 -27.30
N CYS L 40 -7.40 -27.78 -27.43
CA CYS L 40 -8.15 -26.80 -28.19
C CYS L 40 -8.09 -25.42 -27.54
N ARG L 41 -8.19 -25.36 -26.21
CA ARG L 41 -8.18 -24.08 -25.52
C ARG L 41 -6.87 -23.34 -25.78
N GLN L 42 -5.75 -24.06 -25.73
CA GLN L 42 -4.45 -23.45 -26.03
C GLN L 42 -4.38 -23.01 -27.49
N ALA L 43 -4.88 -23.84 -28.41
CA ALA L 43 -4.81 -23.47 -29.83
C ALA L 43 -5.67 -22.26 -30.16
N GLU L 44 -6.74 -22.02 -29.40
CA GLU L 44 -7.68 -20.95 -29.70
C GLU L 44 -7.54 -19.74 -28.78
N PHE L 45 -6.41 -19.60 -28.09
CA PHE L 45 -6.16 -18.46 -27.20
C PHE L 45 -7.21 -18.36 -26.09
N TYR L 46 -7.78 -19.49 -25.70
CA TYR L 46 -8.77 -19.57 -24.61
C TYR L 46 -9.98 -18.67 -24.85
N LEU L 47 -10.37 -18.47 -26.09
CA LEU L 47 -11.56 -17.67 -26.33
C LEU L 47 -12.81 -18.47 -25.95
N PRO L 48 -13.78 -17.84 -25.28
CA PRO L 48 -14.92 -18.60 -24.73
C PRO L 48 -15.89 -19.13 -25.78
N TRP L 49 -16.00 -18.48 -26.95
CA TRP L 49 -16.88 -18.89 -28.10
C TRP L 49 -16.18 -19.96 -28.93
N LYS L 50 -15.03 -20.39 -28.47
CA LYS L 50 -14.28 -21.41 -29.21
C LYS L 50 -14.33 -22.68 -28.36
N CYS L 51 -13.96 -23.82 -28.94
CA CYS L 51 -13.84 -25.10 -28.17
C CYS L 51 -15.14 -25.53 -27.52
N GLU L 52 -16.26 -24.99 -27.96
CA GLU L 52 -17.57 -25.26 -27.31
C GLU L 52 -18.00 -26.73 -27.21
N ASP L 53 -17.75 -27.59 -28.18
CA ASP L 53 -18.08 -29.01 -28.14
C ASP L 53 -17.24 -29.76 -27.11
N GLU L 54 -15.91 -29.58 -27.19
CA GLU L 54 -15.01 -30.18 -26.22
C GLU L 54 -15.40 -29.79 -24.79
N ARG L 55 -15.64 -28.50 -24.57
CA ARG L 55 -15.98 -28.01 -23.24
C ARG L 55 -17.29 -28.60 -22.76
N HIS L 56 -18.30 -28.67 -23.62
CA HIS L 56 -19.58 -29.23 -23.23
C HIS L 56 -19.46 -30.71 -22.85
N VAL L 57 -18.70 -31.48 -23.63
CA VAL L 57 -18.53 -32.90 -23.33
C VAL L 57 -17.83 -33.06 -21.98
N TYR L 58 -16.75 -32.31 -21.76
CA TYR L 58 -16.01 -32.40 -20.51
C TYR L 58 -16.88 -32.00 -19.32
N GLU L 59 -17.65 -30.93 -19.46
CA GLU L 59 -18.49 -30.48 -18.36
C GLU L 59 -19.62 -31.47 -18.07
N LYS L 60 -20.18 -32.10 -19.10
CA LYS L 60 -21.17 -33.13 -18.86
C LYS L 60 -20.57 -34.29 -18.06
N CYS L 61 -19.35 -34.70 -18.41
CA CYS L 61 -18.67 -35.74 -17.64
C CYS L 61 -18.51 -35.33 -16.17
N GLU L 62 -18.02 -34.11 -15.93
CA GLU L 62 -17.82 -33.66 -14.55
C GLU L 62 -19.13 -33.58 -13.79
N TYR L 63 -20.19 -33.09 -14.43
CA TYR L 63 -21.50 -33.04 -13.81
C TYR L 63 -21.96 -34.44 -13.41
N GLU L 64 -21.74 -35.43 -14.27
CA GLU L 64 -22.13 -36.79 -13.92
C GLU L 64 -21.35 -37.30 -12.72
N LEU L 65 -20.05 -36.99 -12.66
CA LEU L 65 -19.26 -37.38 -11.49
C LEU L 65 -19.87 -36.82 -10.20
N VAL L 66 -20.18 -35.52 -10.22
CA VAL L 66 -20.78 -34.89 -9.04
C VAL L 66 -22.12 -35.51 -8.72
N MET L 67 -22.93 -35.82 -9.73
CA MET L 67 -24.24 -36.41 -9.48
C MET L 67 -24.12 -37.78 -8.83
N GLU L 68 -23.16 -38.60 -9.28
CA GLU L 68 -22.96 -39.90 -8.64
C GLU L 68 -22.57 -39.74 -7.18
N ARG L 69 -21.70 -38.84 -6.82
CA ARG L 69 -21.32 -38.55 -5.41
C ARG L 69 -22.51 -37.94 -4.64
N MET L 70 -23.42 -37.26 -5.30
CA MET L 70 -24.63 -36.80 -4.62
C MET L 70 -25.58 -37.94 -4.31
N LEU L 71 -25.79 -38.85 -5.27
CA LEU L 71 -26.63 -40.02 -5.00
C LEU L 71 -26.02 -40.92 -3.93
N ALA L 72 -24.70 -41.08 -3.95
CA ALA L 72 -24.04 -41.86 -2.90
C ALA L 72 -24.30 -41.26 -1.52
N MET L 73 -24.16 -39.93 -1.41
CA MET L 73 -24.44 -39.31 -0.12
C MET L 73 -25.92 -39.40 0.25
N LYS L 74 -26.81 -39.36 -0.73
CA LYS L 74 -28.23 -39.56 -0.46
C LYS L 74 -28.47 -40.94 0.16
N LYS L 75 -27.89 -42.03 -0.37
CA LYS L 75 -27.92 -43.38 0.26
C LYS L 75 -27.37 -43.46 1.70
N ILE L 76 -26.16 -43.01 1.99
CA ILE L 76 -25.60 -42.97 3.38
C ILE L 76 -26.57 -42.21 4.34
N ARG L 77 -27.09 -41.05 3.98
CA ARG L 77 -27.95 -40.20 4.89
C ARG L 77 -29.29 -40.88 5.24
N GLU L 78 -29.75 -41.90 4.50
CA GLU L 78 -30.99 -42.68 4.70
C GLU L 78 -30.70 -43.96 5.43
N GLU L 79 -29.64 -44.01 6.22
CA GLU L 79 -29.17 -45.20 6.95
C GLU L 79 -28.73 -44.59 8.27
N GLU L 80 -28.47 -43.30 8.24
CA GLU L 80 -28.26 -42.52 9.46
C GLU L 80 -29.63 -42.57 10.14
N ALA L 81 -30.68 -42.22 9.40
CA ALA L 81 -32.03 -42.37 9.92
C ALA L 81 -32.34 -43.83 10.27
N LEU L 82 -31.77 -44.80 9.55
CA LEU L 82 -32.21 -46.17 9.93
C LEU L 82 -31.67 -46.41 11.33
N ALA L 83 -30.42 -46.05 11.53
CA ALA L 83 -29.83 -46.20 12.87
C ALA L 83 -30.67 -45.42 13.86
N LYS L 84 -31.11 -44.23 13.52
CA LYS L 84 -31.78 -43.43 14.59
C LYS L 84 -33.12 -44.09 14.95
N GLN L 85 -33.89 -44.55 13.97
CA GLN L 85 -35.24 -45.06 14.33
C GLN L 85 -35.10 -46.46 14.92
N ASN L 86 -33.96 -47.14 14.74
CA ASN L 86 -33.86 -48.47 15.41
C ASN L 86 -33.28 -48.30 16.82
N LYS L 87 -32.54 -47.22 17.08
CA LYS L 87 -32.06 -46.97 18.47
C LYS L 87 -33.25 -46.58 19.34
N GLY M 2 54.94 -12.29 -3.16
CA GLY M 2 54.29 -12.59 -4.42
C GLY M 2 53.55 -13.90 -4.38
N ARG M 3 52.44 -13.97 -5.12
CA ARG M 3 51.60 -15.15 -5.15
C ARG M 3 51.48 -15.65 -6.58
N LYS M 4 51.59 -16.97 -6.75
CA LYS M 4 51.41 -17.58 -8.05
C LYS M 4 49.96 -17.53 -8.49
N LYS M 5 49.76 -17.46 -9.80
CA LYS M 5 48.41 -17.49 -10.35
C LYS M 5 47.77 -18.84 -10.07
N GLY M 6 46.48 -18.82 -9.75
CA GLY M 6 45.71 -20.03 -9.59
C GLY M 6 44.87 -20.02 -8.33
N LEU M 7 43.99 -21.01 -8.24
CA LEU M 7 43.15 -21.17 -7.07
C LEU M 7 43.99 -21.54 -5.85
N PRO M 8 43.52 -21.19 -4.65
CA PRO M 8 44.28 -21.56 -3.44
C PRO M 8 44.40 -23.07 -3.30
N GLU M 9 45.52 -23.51 -2.76
CA GLU M 9 45.81 -24.91 -2.56
C GLU M 9 45.90 -25.22 -1.08
N PHE M 10 45.25 -26.28 -0.68
CA PHE M 10 45.35 -26.72 0.71
C PHE M 10 45.58 -28.24 0.79
N GLU M 11 46.02 -28.74 1.93
CA GLU M 11 46.15 -30.21 2.15
C GLU M 11 44.77 -30.89 2.20
N GLU M 12 44.59 -31.95 1.42
CA GLU M 12 43.29 -32.68 1.50
C GLU M 12 43.02 -33.24 2.89
N SER M 13 44.06 -33.58 3.64
CA SER M 13 43.85 -34.37 4.88
C SER M 13 43.85 -33.59 6.18
N ALA M 14 43.21 -34.15 7.19
CA ALA M 14 43.26 -33.56 8.51
C ALA M 14 44.69 -33.63 9.05
N PRO M 15 45.12 -32.63 9.82
CA PRO M 15 46.51 -32.59 10.26
C PRO M 15 46.87 -33.76 11.16
N ASP M 16 48.06 -34.30 10.94
CA ASP M 16 48.58 -35.40 11.74
C ASP M 16 49.33 -34.80 12.92
N GLY M 17 48.75 -34.94 14.12
CA GLY M 17 49.31 -34.32 15.30
C GLY M 17 48.23 -33.79 16.22
N PHE M 18 46.98 -33.88 15.78
CA PHE M 18 45.84 -33.46 16.57
C PHE M 18 45.27 -34.67 17.30
N ASP M 19 45.07 -34.53 18.60
CA ASP M 19 44.42 -35.56 19.40
C ASP M 19 43.04 -35.07 19.82
N PRO M 20 41.97 -35.66 19.30
CA PRO M 20 40.61 -35.21 19.69
C PRO M 20 40.36 -35.30 21.18
N GLU M 21 41.01 -36.24 21.87
CA GLU M 21 40.88 -36.31 23.32
C GLU M 21 41.37 -35.03 23.99
N ASN M 22 42.60 -34.63 23.67
CA ASN M 22 43.22 -33.43 24.24
C ASN M 22 43.61 -32.49 23.12
N PRO M 23 42.71 -31.63 22.66
CA PRO M 23 43.03 -30.76 21.53
C PRO M 23 43.94 -29.60 21.87
N TYR M 24 44.04 -29.20 23.13
CA TYR M 24 44.95 -28.15 23.55
C TYR M 24 46.30 -28.74 23.98
N LYS M 25 46.87 -29.56 23.13
CA LYS M 25 48.14 -30.22 23.38
C LYS M 25 49.16 -29.95 22.29
N ASP M 26 48.72 -29.94 21.03
CA ASP M 26 49.51 -29.48 19.90
C ASP M 26 48.82 -28.22 19.38
N PRO M 27 49.26 -27.03 19.81
CA PRO M 27 48.59 -25.80 19.37
C PRO M 27 48.58 -25.61 17.86
N VAL M 28 49.71 -25.91 17.21
CA VAL M 28 49.79 -25.76 15.76
C VAL M 28 48.80 -26.70 15.08
N ALA M 29 48.77 -27.96 15.53
CA ALA M 29 47.81 -28.92 15.00
C ALA M 29 46.38 -28.50 15.31
N MET M 30 46.14 -27.87 16.46
CA MET M 30 44.80 -27.41 16.79
C MET M 30 44.33 -26.34 15.81
N VAL M 31 45.19 -25.37 15.51
CA VAL M 31 44.83 -24.34 14.54
C VAL M 31 44.59 -24.95 13.17
N GLU M 32 45.47 -25.86 12.74
CA GLU M 32 45.32 -26.48 11.44
C GLU M 32 44.04 -27.29 11.37
N MET M 33 43.68 -27.98 12.44
CA MET M 33 42.44 -28.74 12.47
C MET M 33 41.22 -27.83 12.39
N ARG M 34 41.26 -26.69 13.07
CA ARG M 34 40.14 -25.75 12.96
C ARG M 34 39.97 -25.27 11.52
N GLU M 35 41.09 -24.92 10.87
CA GLU M 35 40.99 -24.45 9.48
C GLU M 35 40.49 -25.57 8.55
N HIS M 36 40.97 -26.80 8.76
CA HIS M 36 40.54 -27.92 7.95
C HIS M 36 39.05 -28.19 8.11
N ILE M 37 38.55 -28.14 9.34
CA ILE M 37 37.13 -28.33 9.59
C ILE M 37 36.30 -27.25 8.92
N VAL M 38 36.78 -26.01 8.98
CA VAL M 38 36.08 -24.91 8.30
C VAL M 38 36.00 -25.19 6.81
N ARG M 39 37.12 -25.62 6.21
CA ARG M 39 37.12 -25.91 4.78
C ARG M 39 36.16 -27.03 4.43
N GLU M 40 36.11 -28.08 5.26
CA GLU M 40 35.22 -29.26 5.06
C GLU M 40 33.78 -28.81 5.15
N LYS M 41 33.47 -28.00 6.14
CA LYS M 41 32.12 -27.43 6.28
C LYS M 41 31.71 -26.62 5.05
N TRP M 42 32.60 -25.84 4.46
CA TRP M 42 32.31 -25.10 3.22
C TRP M 42 32.07 -26.07 2.03
N ILE M 43 32.79 -27.18 2.01
CA ILE M 43 32.54 -28.19 0.94
C ILE M 43 31.12 -28.74 1.07
N GLN M 44 30.63 -29.03 2.27
CA GLN M 44 29.23 -29.49 2.50
C GLN M 44 28.20 -28.40 2.12
N ILE M 45 28.50 -27.12 2.41
CA ILE M 45 27.61 -26.00 2.04
C ILE M 45 27.52 -25.95 0.51
N GLU M 46 28.65 -26.00 -0.14
CA GLU M 46 28.74 -25.93 -1.63
C GLU M 46 28.00 -27.15 -2.26
N LYS M 47 28.01 -28.33 -1.63
CA LYS M 47 27.27 -29.55 -2.08
C LYS M 47 25.77 -29.32 -1.95
N ALA M 48 25.28 -28.85 -0.78
CA ALA M 48 23.87 -28.49 -0.64
C ALA M 48 23.44 -27.42 -1.69
N LYS M 49 24.30 -26.48 -2.06
CA LYS M 49 23.97 -25.42 -3.02
C LYS M 49 23.85 -26.01 -4.43
N ILE M 50 24.73 -26.93 -4.75
CA ILE M 50 24.68 -27.65 -6.04
C ILE M 50 23.37 -28.49 -6.12
N LEU M 51 23.01 -29.22 -5.07
CA LEU M 51 21.76 -29.98 -5.03
C LEU M 51 20.55 -29.06 -5.15
N ARG M 52 20.59 -27.84 -4.60
CA ARG M 52 19.49 -26.86 -4.70
C ARG M 52 19.26 -26.43 -6.18
N GLU M 53 20.29 -26.17 -6.93
CA GLU M 53 20.21 -25.86 -8.38
C GLU M 53 19.43 -26.99 -9.15
N LYS M 54 19.66 -28.26 -8.82
CA LYS M 54 18.89 -29.44 -9.40
C LYS M 54 17.39 -29.33 -9.14
N VAL M 55 17.00 -29.07 -7.89
CA VAL M 55 15.60 -28.91 -7.48
C VAL M 55 15.02 -27.72 -8.21
N LYS M 56 15.71 -26.57 -8.19
CA LYS M 56 15.24 -25.34 -8.81
C LYS M 56 14.81 -25.70 -10.26
N TRP M 57 15.72 -26.28 -11.00
CA TRP M 57 15.50 -26.61 -12.44
C TRP M 57 14.48 -27.71 -12.68
N CYS M 58 14.41 -28.73 -11.83
CA CYS M 58 13.39 -29.81 -11.96
C CYS M 58 12.00 -29.20 -11.76
N TYR M 59 11.76 -28.43 -10.69
CA TYR M 59 10.52 -27.67 -10.50
C TYR M 59 10.19 -26.93 -11.78
N ARG M 60 11.10 -26.13 -12.29
CA ARG M 60 10.92 -25.29 -13.48
C ARG M 60 10.68 -26.14 -14.73
N VAL M 61 11.43 -27.22 -14.84
CA VAL M 61 11.26 -27.95 -16.09
C VAL M 61 10.01 -28.84 -16.05
N GLU M 62 9.74 -29.47 -14.91
CA GLU M 62 8.68 -30.48 -14.85
C GLU M 62 7.30 -29.91 -14.53
N GLY M 63 7.21 -28.67 -14.09
CA GLY M 63 5.91 -28.05 -13.85
C GLY M 63 5.09 -28.82 -12.84
N VAL M 64 3.81 -29.01 -13.10
CA VAL M 64 2.88 -29.84 -12.26
C VAL M 64 3.34 -31.29 -12.04
N ASN M 65 4.28 -31.81 -12.79
CA ASN M 65 4.81 -33.15 -12.53
C ASN M 65 6.00 -33.12 -11.56
N HIS M 66 6.31 -31.97 -10.97
CA HIS M 66 7.48 -31.85 -10.13
C HIS M 66 7.41 -32.74 -8.89
N TYR M 67 6.22 -32.96 -8.35
CA TYR M 67 6.09 -33.79 -7.15
C TYR M 67 6.64 -35.18 -7.38
N GLN M 68 6.33 -35.79 -8.52
CA GLN M 68 6.79 -37.12 -8.83
C GLN M 68 8.18 -37.12 -9.47
N LYS M 69 8.55 -36.06 -10.18
CA LYS M 69 9.85 -36.02 -10.84
C LYS M 69 10.97 -35.52 -9.93
N CYS M 70 10.71 -34.57 -9.03
CA CYS M 70 11.75 -34.00 -8.17
C CYS M 70 11.98 -34.79 -6.89
N ARG M 71 11.22 -35.87 -6.67
CA ARG M 71 11.15 -36.48 -5.34
C ARG M 71 12.53 -36.88 -4.82
N HIS M 72 13.32 -37.56 -5.66
CA HIS M 72 14.65 -37.99 -5.23
C HIS M 72 15.59 -36.78 -5.03
N LEU M 73 15.50 -35.79 -5.91
CA LEU M 73 16.32 -34.59 -5.76
C LEU M 73 15.93 -33.82 -4.50
N VAL M 74 14.63 -33.73 -4.22
CA VAL M 74 14.17 -33.05 -3.00
C VAL M 74 14.69 -33.78 -1.78
N GLN M 75 14.61 -35.11 -1.78
CA GLN M 75 15.11 -35.88 -0.64
C GLN M 75 16.61 -35.65 -0.45
N GLN M 76 17.37 -35.66 -1.54
CA GLN M 76 18.82 -35.45 -1.44
C GLN M 76 19.12 -34.05 -0.88
N TYR M 77 18.45 -33.03 -1.41
CA TYR M 77 18.70 -31.67 -0.95
C TYR M 77 18.35 -31.51 0.53
N LEU M 78 17.20 -32.03 0.95
CA LEU M 78 16.79 -31.87 2.33
C LEU M 78 17.69 -32.66 3.28
N ASP M 79 18.19 -33.80 2.86
CA ASP M 79 19.16 -34.53 3.70
C ASP M 79 20.50 -33.76 3.85
N SER M 80 21.05 -33.22 2.80
CA SER M 80 22.29 -32.38 2.80
C SER M 80 22.13 -31.10 3.63
N THR M 81 20.92 -30.56 3.74
CA THR M 81 20.64 -29.31 4.48
C THR M 81 20.51 -29.54 6.01
N ARG M 82 20.30 -30.78 6.46
CA ARG M 82 20.18 -31.12 7.90
C ARG M 82 21.62 -31.27 8.43
N GLY M 83 22.00 -30.40 9.34
CA GLY M 83 23.42 -30.36 9.75
C GLY M 83 24.30 -29.85 8.62
N VAL M 84 24.03 -28.65 8.14
CA VAL M 84 24.88 -28.01 7.11
C VAL M 84 25.39 -26.74 7.77
N GLY M 85 26.56 -26.34 7.43
CA GLY M 85 27.18 -25.13 8.01
C GLY M 85 27.02 -24.96 9.49
N TRP M 86 26.63 -23.78 9.86
CA TRP M 86 26.58 -23.44 11.29
C TRP M 86 25.16 -22.99 11.68
N GLY M 87 24.13 -23.56 11.01
CA GLY M 87 22.75 -23.21 11.29
C GLY M 87 22.15 -23.96 12.47
N LYS M 88 20.95 -24.50 12.29
CA LYS M 88 20.15 -24.99 13.41
C LYS M 88 20.48 -26.42 13.82
N ASP M 89 21.61 -26.99 13.34
CA ASP M 89 22.04 -28.41 13.57
C ASP M 89 23.53 -28.42 13.89
N HIS M 90 23.99 -29.22 14.84
CA HIS M 90 25.28 -29.13 15.51
C HIS M 90 26.42 -29.71 14.70
N ARG M 91 26.34 -30.99 14.32
CA ARG M 91 27.49 -31.70 13.77
C ARG M 91 27.04 -32.41 12.51
O13 3PH N . -8.70 19.79 -23.86
P 3PH N . -8.26 18.68 -24.80
O14 3PH N . -8.24 17.37 -24.14
O12 3PH N . -8.97 18.70 -26.13
O11 3PH N . -6.75 18.94 -25.17
C1 3PH N . -5.75 18.46 -24.26
C2 3PH N . -4.82 17.53 -25.00
O21 3PH N . -3.48 18.07 -24.86
C21 3PH N . -2.76 17.53 -23.90
O22 3PH N . -2.57 18.03 -22.82
C22 3PH N . -2.30 16.22 -24.40
C23 3PH N . -1.29 16.31 -25.46
C24 3PH N . 0.03 15.75 -24.96
C25 3PH N . -0.18 14.71 -23.90
C26 3PH N . -0.53 13.37 -24.44
C27 3PH N . 0.54 12.81 -25.29
C28 3PH N . 1.81 12.64 -24.55
C29 3PH N . 2.00 11.25 -24.03
C2A 3PH N . 2.30 10.29 -25.11
C2B 3PH N . 2.55 8.91 -24.62
C2C 3PH N . 2.73 7.92 -25.72
C2D 3PH N . 2.64 6.50 -25.27
C2E 3PH N . 2.51 5.49 -26.38
C2F 3PH N . 3.73 5.35 -27.25
C2G 3PH N . 4.13 3.92 -27.48
C2H 3PH N . 4.29 3.16 -26.19
C3 3PH N . -5.14 17.26 -26.45
O31 3PH N . -4.30 16.17 -26.89
C31 3PH N . -4.88 14.98 -27.01
O32 3PH N . -5.80 14.77 -27.75
C32 3PH N . -4.21 13.93 -26.16
C33 3PH N . -3.73 12.76 -26.95
C34 3PH N . -3.24 11.60 -26.10
C35 3PH N . -3.46 10.25 -26.72
C36 3PH N . -2.63 9.16 -26.14
C37 3PH N . -2.87 7.80 -26.73
C38 3PH N . -4.15 7.14 -26.29
C42 PGT O . 18.06 5.13 -8.68
C41 PGT O . 17.12 6.00 -9.57
C40 PGT O . 16.04 6.68 -8.68
C39 PGT O . 15.37 7.84 -9.48
C38 PGT O . 14.39 8.61 -8.56
C37 PGT O . 14.38 10.12 -8.93
C36 PGT O . 14.59 10.97 -7.63
C35 PGT O . 13.98 12.37 -7.83
C34 PGT O . 15.01 13.46 -7.41
C33 PGT O . 14.58 14.05 -6.03
C32 PGT O . 13.40 15.04 -6.24
C31 PGT O . 13.89 16.47 -5.88
O31 PGT O . 14.67 17.02 -6.56
O2 PGT O . 13.39 17.11 -4.72
C2 PGT O . 12.27 17.93 -4.91
C1 PGT O . 12.68 19.24 -5.58
O3P PGT O . 11.65 20.19 -5.35
P PGT O . 10.46 20.47 -6.51
O1P PGT O . 9.44 19.36 -6.51
O2P PGT O . 11.07 20.59 -7.88
O4P PGT O . 9.68 21.85 -6.10
C4 PGT O . 9.27 21.95 -4.76
C5 PGT O . 10.27 22.86 -4.03
O5 PGT O . 10.83 22.16 -2.95
C6 PGT O . 9.53 24.10 -3.56
O6 PGT O . 8.54 24.42 -4.48
C3 PGT O . 11.67 18.23 -3.54
O3 PGT O . 12.45 17.61 -2.56
C11 PGT O . 11.78 16.61 -1.81
O11 PGT O . 10.62 16.48 -1.91
C12 PGT O . 12.60 15.68 -0.89
C13 PGT O . 12.24 14.19 -1.14
C14 PGT O . 13.05 13.62 -2.32
C15 PGT O . 12.51 12.21 -2.64
C16 PGT O . 13.50 11.47 -3.56
C17 PGT O . 13.45 9.97 -3.24
C18 PGT O . 12.81 9.18 -4.41
C19 PGT O . 12.51 7.74 -3.95
C20 PGT O . 13.57 6.77 -4.53
C21 PGT O . 14.29 6.05 -3.39
C22 PGT O . 15.60 5.43 -3.91
C23 PGT O . 15.62 3.91 -3.64
C24 PGT O . 16.24 3.63 -2.27
C25 PGT O . 17.06 2.31 -2.30
C26 PGT O . 18.35 2.52 -3.08
C1 PTY P . -0.22 -21.39 14.84
C2 PTY P . -3.35 -26.53 14.76
C3 PTY P . -2.14 -27.14 14.05
O4 PTY P . 0.67 -20.52 15.47
C5 PTY P . -1.38 -23.08 16.23
C6 PTY P . -1.43 -21.64 15.72
O7 PTY P . -2.59 -21.48 14.96
C8 PTY P . -3.62 -20.78 15.59
O10 PTY P . -3.69 -20.76 16.78
C11 PTY P . -4.68 -20.06 14.76
C12 PTY P . -4.96 -18.69 15.36
C13 PTY P . -3.80 -17.75 15.07
C14 PTY P . -4.33 -16.32 14.88
C15 PTY P . -3.17 -15.41 14.48
C16 PTY P . -3.71 -14.19 13.76
C17 PTY P . -2.73 -13.73 12.68
C18 PTY P . -3.51 -13.20 11.48
C19 PTY P . -4.73 -12.42 11.96
C20 PTY P . -5.82 -12.40 10.89
C21 PTY P . -7.04 -11.64 11.42
C30 PTY P . 0.44 -19.16 15.29
C31 PTY P . 1.57 -18.17 15.53
O30 PTY P . -0.63 -18.76 14.97
C32 PTY P . 1.00 -16.76 15.67
C33 PTY P . 2.17 -15.80 15.91
C34 PTY P . 2.01 -14.58 15.02
C35 PTY P . 2.12 -13.32 15.87
C36 PTY P . 3.44 -12.62 15.55
C37 PTY P . 3.81 -11.69 16.70
C38 PTY P . 5.08 -12.18 17.38
C39 PTY P . 4.74 -13.36 18.30
C40 PTY P . 3.58 -13.00 19.23
C41 PTY P . 2.99 -14.29 19.80
C42 PTY P . 1.99 -13.97 20.89
C43 PTY P . 0.57 -14.12 20.36
C44 PTY P . 0.01 -12.76 19.97
P1 PTY P . -0.62 -25.24 14.96
O11 PTY P . -1.24 -26.13 13.73
O12 PTY P . 0.80 -24.81 14.64
O13 PTY P . -0.59 -26.05 16.23
O14 PTY P . -1.59 -23.93 15.15
N1 PTY P . -3.95 -27.52 15.64
C46 PC7 Q . -29.56 -7.35 7.76
C45 PC7 Q . -28.07 -7.25 8.04
C44 PC7 Q . -27.81 -7.59 9.51
C43 PC7 Q . -26.31 -7.51 9.80
C42 PC7 Q . -25.79 -6.11 9.52
C41 PC7 Q . -26.52 -5.09 10.38
C40 PC7 Q . -25.87 -3.72 10.23
C39 PC7 Q . -26.92 -2.76 9.69
C38 PC7 Q . -26.56 -1.32 10.05
C37 PC7 Q . -27.85 -0.52 10.19
C36 PC7 Q . -27.52 0.83 10.83
C35 PC7 Q . -26.46 1.52 9.97
C34 PC7 Q . -26.17 2.91 10.54
C33 PC7 Q . -27.46 3.63 10.93
C32 PC7 Q . -27.83 4.59 9.80
C31 PC7 Q . -29.01 4.00 9.03
O31 PC7 Q . -29.25 2.85 9.07
O2 PC7 Q . -29.80 4.86 8.26
C2 PC7 Q . -29.16 5.26 7.09
C1 PC7 Q . -29.57 6.69 6.76
O3P PC7 Q . -28.41 7.44 6.54
P PC7 Q . -28.56 9.07 6.37
O1P PC7 Q . -27.18 9.70 6.33
O2P PC7 Q . -29.34 9.62 7.52
O4P PC7 Q . -29.36 9.39 4.98
C4 PC7 Q . -30.67 9.85 5.04
C5 PC7 Q . -30.94 10.70 3.81
N PC7 Q . -31.49 12.00 4.19
C7 PC7 Q . -32.85 11.80 4.67
C8 PC7 Q . -31.51 12.84 3.02
C6 PC7 Q . -30.69 12.60 5.23
C3 PC7 Q . -29.57 4.32 5.95
O3 PC7 Q . -28.92 3.09 6.10
C11 PC7 Q . -29.63 2.01 5.55
O11 PC7 Q . -30.63 2.21 4.95
C12 PC7 Q . -29.13 0.57 5.71
C13 PC7 Q . -28.20 0.22 4.54
C14 PC7 Q . -28.92 -0.74 3.58
C15 PC7 Q . -29.25 -2.05 4.30
C16 PC7 Q . -30.68 -2.45 3.96
O13 3PH R . 32.10 -9.96 -8.06
P 3PH R . 33.45 -9.27 -8.18
O14 3PH R . 34.28 -9.30 -6.90
O12 3PH R . 34.24 -9.57 -9.44
O11 3PH R . 32.96 -7.64 -8.35
C1 3PH R . 33.90 -6.68 -8.63
C2 3PH R . 33.23 -5.31 -8.65
O21 3PH R . 34.12 -4.27 -8.22
C21 3PH R . 33.97 -3.04 -8.68
O22 3PH R . 33.80 -2.76 -9.84
C22 3PH R . 34.04 -2.01 -7.58
C23 3PH R . 33.48 -0.66 -7.95
C24 3PH R . 34.54 0.39 -8.22
C25 3PH R . 34.20 1.73 -7.61
C26 3PH R . 33.67 1.65 -6.18
C27 3PH R . 33.13 2.98 -5.66
C28 3PH R . 34.11 3.73 -4.77
C29 3PH R . 33.53 5.04 -4.24
C2A 3PH R . 33.73 5.26 -2.75
C2B 3PH R . 33.21 4.09 -1.92
C2C 3PH R . 32.93 4.43 -0.47
C2D 3PH R . 34.06 5.24 0.17
C2E 3PH R . 33.97 5.32 1.68
C2F 3PH R . 34.88 4.33 2.39
C2G 3PH R . 34.23 2.99 2.67
C2H 3PH R . 34.87 2.25 3.83
C2I 3PH R . 34.01 1.12 4.37
C3 3PH R . 31.99 -5.28 -7.81
O31 3PH R . 31.21 -4.10 -7.95
C31 3PH R . 29.96 -4.27 -8.34
O32 3PH R . 29.62 -5.08 -9.17
C32 3PH R . 29.02 -3.34 -7.61
C33 3PH R . 28.12 -2.52 -8.50
C34 3PH R . 28.51 -1.06 -8.55
C35 3PH R . 27.91 -0.27 -7.38
C36 3PH R . 28.27 1.21 -7.36
C37 3PH R . 27.36 1.98 -6.41
C38 3PH R . 27.39 3.50 -6.59
C39 3PH R . 26.10 4.05 -7.15
C3A 3PH R . 26.23 5.41 -7.82
C3B 3PH R . 24.97 5.80 -8.59
O4 8Q1 S . -33.31 29.51 24.77
C16 8Q1 S . -28.18 19.86 16.85
O3 8Q1 S . -31.73 40.34 18.45
C15 8Q1 S . -28.12 20.99 17.84
C14 8Q1 S . -29.19 20.93 18.88
C13 8Q1 S . -30.11 22.12 18.86
O2 8Q1 S . -29.32 40.46 19.17
C12 8Q1 S . -29.78 23.16 19.88
C11 8Q1 S . -30.97 23.67 20.65
C10 8Q1 S . -30.76 25.04 21.24
C9 8Q1 S . -31.80 25.45 22.25
C8 8Q1 S . -32.80 26.42 21.71
C7 8Q1 S . -33.14 27.56 22.65
C6 8Q1 S . -31.95 28.19 23.30
C1 8Q1 S . -32.28 29.38 24.16
C28 8Q1 S . -31.97 37.98 20.10
C29 8Q1 S . -32.22 37.33 21.45
C30 8Q1 S . -33.27 36.22 21.31
C31 8Q1 S . -30.91 36.72 21.96
C32 8Q1 S . -32.73 38.43 22.40
C34 8Q1 S . -32.33 38.36 23.87
C37 8Q1 S . -33.95 36.76 24.83
C38 8Q1 S . -33.57 35.92 26.01
C39 8Q1 S . -32.52 34.97 25.49
C42 8Q1 S . -32.95 32.54 25.08
C43 8Q1 S . -31.56 31.93 25.22
N36 8Q1 S . -33.23 38.02 24.77
N41 8Q1 S . -32.95 33.95 24.72
O27 8Q1 S . -30.80 38.85 20.22
O33 8Q1 S . -34.15 38.47 22.30
O35 8Q1 S . -31.22 38.73 24.19
O40 8Q1 S . -31.33 35.19 25.69
P24 8Q1 S . -30.76 40.32 19.58
S44 8Q1 S . -30.98 30.57 24.16
O1 8Q1 S . -31.16 41.33 20.65
O13 3PH T . -18.87 5.88 30.68
P 3PH T . -17.45 5.32 30.63
O14 3PH T . -16.56 5.91 29.53
O12 3PH T . -16.76 5.19 31.99
O11 3PH T . -17.75 3.73 30.13
C1 3PH T . -18.55 3.58 29.01
C2 3PH T . -19.00 2.13 28.81
O21 3PH T . -20.43 2.05 28.81
C21 3PH T . -21.10 2.66 27.84
O22 3PH T . -21.76 3.66 27.99
C22 3PH T . -20.92 1.93 26.53
C23 3PH T . -21.55 0.55 26.53
C24 3PH T . -22.97 0.57 26.01
C25 3PH T . -23.01 0.94 24.54
C26 3PH T . -22.31 -0.08 23.64
C27 3PH T . -23.16 -1.32 23.42
C28 3PH T . -22.59 -2.28 22.39
C29 3PH T . -23.07 -1.99 20.97
C2A 3PH T . -22.43 -2.88 19.92
C2B 3PH T . -23.02 -2.68 18.54
C2C 3PH T . -22.15 -3.25 17.43
C2D 3PH T . -22.86 -3.26 16.07
C2E 3PH T . -21.97 -3.75 14.95
C2F 3PH T . -22.74 -4.27 13.76
C2G 3PH T . -23.36 -5.64 13.98
C2H 3PH T . -24.10 -6.17 12.77
C3 3PH T . -18.50 1.13 29.83
O31 3PH T . -17.39 0.41 29.32
C31 3PH T . -16.31 0.38 30.08
O32 3PH T . -16.02 1.26 30.84
C32 3PH T . -15.52 -0.88 29.88
C33 3PH T . -15.06 -1.09 28.45
C34 3PH T . -14.52 -2.49 28.21
C35 3PH T . -15.56 -3.39 27.56
C36 3PH T . -14.99 -4.56 26.79
C37 3PH T . -14.42 -5.64 27.71
C38 3PH T . -13.82 -6.83 26.98
#